data_6L4A
#
_entry.id   6L4A
#
_cell.length_a   1.00
_cell.length_b   1.00
_cell.length_c   1.00
_cell.angle_alpha   90.00
_cell.angle_beta   90.00
_cell.angle_gamma   90.00
#
_symmetry.space_group_name_H-M   'P 1'
#
loop_
_entity.id
_entity.type
_entity.pdbx_description
1 polymer 'Histone H3.1'
2 polymer 'Histone H4'
3 polymer 'Histone H2A type 1-B/E'
4 polymer 'Histone H2B type 1-J'
5 polymer 'DNA (485-MER)'
6 polymer 'DNA (485-MER)'
#
loop_
_entity_poly.entity_id
_entity_poly.type
_entity_poly.pdbx_seq_one_letter_code
_entity_poly.pdbx_strand_id
1 'polypeptide(L)'
;GSHMARTKQTARKSTGGKAPRKQLATKAARKSAPATGGVKKPHRYRPGTVALREIRRYQKSTELLIRKLPFQRLVREIAQ
DFKTDLRFQSSAVMALQEACEAYLVGLFEDTNLCAIHAKRVTIMPKDIQLARRIRGERA
;
A,E,K,O,S,W
2 'polypeptide(L)'
;GSHMSGRGKGGKGLGKGGAKRHRKVLRDNIQGITKPAIRRLARRGGVKRISGLIYEETRGVLKVFLENVIRDAVTYTEHA
KRKTVTAMDVVYALKRQGRTLYGFGG
;
B,F,L,P,T,X
3 'polypeptide(L)'
;GSHMSGRGKQGGKARAKAKTRSSRAGLQFPVGRVHRLLRKGNYSERVGAGAPVYLAAVLEYLTAEILELAGNAARDNKKT
RIIPRHLQLAIRNDEELNKLLGRVTIAQGGVLPNIQAVLLPKKTESHHKAKGK
;
C,G,M,Q,U,Y
4 'polypeptide(L)'
;GSHMPEPAKSAPAPKKGSKKAVTKAQKKDGKKRKRSRKESYSIYVYKVLKQVHPDTGISSKAMGIMNSFVNDIFERIAGE
ASRLAHYNKRSTITSREIQTAVRLLLPGELAKHAVSEGTKAVTKYTSAK
;
D,H,N,R,V,Z
5 'polydeoxyribonucleotide'
;(DA)(DT)(DC)(DA)(DG)(DA)(DA)(DT)(DC)(DC)(DC)(DG)(DG)(DT)(DG)(DC)(DC)(DG)(DA)(DG)
(DG)(DC)(DC)(DG)(DC)(DT)(DC)(DA)(DA)(DT)(DT)(DG)(DG)(DT)(DC)(DG)(DT)(DA)(DG)(DA)
(DC)(DA)(DG)(DC)(DT)(DC)(DT)(DA)(DG)(DC)(DA)(DC)(DC)(DG)(DC)(DT)(DT)(DA)(DA)(DA)
(DC)(DG)(DC)(DA)(DC)(DG)(DT)(DA)(DC)(DG)(DC)(DG)(DC)(DT)(DG)(DT)(DC)(DC)(DC)(DC)
(DC)(DG)(DC)(DG)(DT)(DT)(DT)(DT)(DA)(DA)(DC)(DC)(DG)(DC)(DC)(DA)(DA)(DG)(DG)(DG)
(DG)(DA)(DT)(DT)(DA)(DC)(DT)(DC)(DC)(DC)(DT)(DA)(DG)(DT)(DC)(DT)(DC)(DC)(DA)(DG)
(DG)(DC)(DA)(DC)(DG)(DT)(DG)(DT)(DC)(DA)(DG)(DA)(DT)(DA)(DT)(DA)(DT)(DA)(DC)(DA)
(DT)(DC)(DG)(DA)(DT)(DT)(DG)(DG)(DA)(DT)(DA)(DG)(DG)(DC)(DC)(DC)(DG)(DG)(DA)(DC)
(DG)(DG)(DC)(DC)(DT)(DG)(DG)(DA)(DT)(DA)(DA)(DT)(DC)(DA)(DG)(DA)(DA)(DT)(DC)(DC)
(DC)(DG)(DG)(DT)(DG)(DC)(DC)(DG)(DA)(DG)(DG)(DC)(DC)(DG)(DC)(DT)(DC)(DA)(DA)(DT)
(DT)(DG)(DG)(DT)(DC)(DG)(DT)(DA)(DG)(DA)(DC)(DA)(DG)(DC)(DT)(DC)(DT)(DA)(DG)(DC)
(DA)(DC)(DC)(DG)(DC)(DT)(DT)(DA)(DA)(DA)(DC)(DG)(DC)(DA)(DC)(DG)(DT)(DA)(DC)(DG)
(DC)(DG)(DC)(DT)(DG)(DT)(DC)(DC)(DC)(DC)(DC)(DG)(DC)(DG)(DT)(DT)(DT)(DT)(DA)(DA)
(DC)(DC)(DG)(DC)(DC)(DA)(DA)(DG)(DG)(DG)(DG)(DA)(DT)(DT)(DA)(DC)(DT)(DC)(DC)(DC)
(DT)(DA)(DG)(DT)(DC)(DT)(DC)(DC)(DA)(DG)(DG)(DC)(DA)(DC)(DG)(DT)(DG)(DT)(DC)(DA)
(DG)(DA)(DT)(DA)(DT)(DA)(DT)(DA)(DC)(DA)(DT)(DC)(DG)(DA)(DT)(DT)(DG)(DG)(DA)(DT)
(DA)(DG)(DG)(DC)(DC)(DC)(DC)(DA)(DA)(DC)(DG)(DG)(DC)(DC)(DT)(DG)(DG)(DA)(DT)(DA)
(DA)(DT)(DC)(DA)(DG)(DA)(DA)(DT)(DC)(DC)(DC)(DG)(DG)(DT)(DG)(DC)(DC)(DG)(DA)(DG)
(DG)(DC)(DC)(DG)(DC)(DT)(DC)(DA)(DA)(DT)(DT)(DG)(DG)(DT)(DC)(DG)(DT)(DA)(DG)(DA)
(DC)(DA)(DG)(DC)(DT)(DC)(DT)(DA)(DG)(DC)(DA)(DC)(DC)(DG)(DC)(DT)(DT)(DA)(DA)(DA)
(DC)(DG)(DC)(DA)(DC)(DG)(DT)(DA)(DC)(DG)(DC)(DG)(DC)(DT)(DG)(DT)(DC)(DC)(DC)(DC)
(DC)(DG)(DC)(DG)(DT)(DT)(DT)(DT)(DA)(DA)(DC)(DC)(DG)(DC)(DC)(DA)(DA)(DG)(DG)(DG)
(DG)(DA)(DT)(DT)(DA)(DC)(DT)(DC)(DC)(DC)(DT)(DA)(DG)(DT)(DC)(DT)(DC)(DC)(DA)(DG)
(DG)(DC)(DA)(DC)(DG)(DT)(DG)(DT)(DC)(DA)(DG)(DA)(DT)(DA)(DT)(DA)(DT)(DA)(DC)(DA)
(DT)(DC)(DG)(DA)(DT)
;
I
6 'polydeoxyribonucleotide'
;(DA)(DT)(DC)(DG)(DA)(DT)(DG)(DT)(DA)(DT)(DA)(DT)(DA)(DT)(DC)(DT)(DG)(DA)(DC)(DA)
(DC)(DG)(DT)(DG)(DC)(DC)(DT)(DG)(DG)(DA)(DG)(DA)(DC)(DT)(DA)(DG)(DG)(DG)(DA)(DG)
(DT)(DA)(DA)(DT)(DC)(DC)(DC)(DC)(DT)(DT)(DG)(DG)(DC)(DG)(DG)(DT)(DT)(DA)(DA)(DA)
(DA)(DC)(DG)(DC)(DG)(DG)(DG)(DG)(DG)(DA)(DC)(DA)(DG)(DC)(DG)(DC)(DG)(DT)(DA)(DC)
(DG)(DT)(DG)(DC)(DG)(DT)(DT)(DT)(DA)(DA)(DG)(DC)(DG)(DG)(DT)(DG)(DC)(DT)(DA)(DG)
(DA)(DG)(DC)(DT)(DG)(DT)(DC)(DT)(DA)(DC)(DG)(DA)(DC)(DC)(DA)(DA)(DT)(DT)(DG)(DA)
(DG)(DC)(DG)(DG)(DC)(DC)(DT)(DC)(DG)(DG)(DC)(DA)(DC)(DC)(DG)(DG)(DG)(DA)(DT)(DT)
(DC)(DT)(DG)(DA)(DT)(DT)(DA)(DT)(DC)(DC)(DA)(DG)(DG)(DC)(DC)(DG)(DT)(DT)(DG)(DG)
(DG)(DG)(DC)(DC)(DT)(DA)(DT)(DC)(DC)(DA)(DA)(DT)(DC)(DG)(DA)(DT)(DG)(DT)(DA)(DT)
(DA)(DT)(DA)(DT)(DC)(DT)(DG)(DA)(DC)(DA)(DC)(DG)(DT)(DG)(DC)(DC)(DT)(DG)(DG)(DA)
(DG)(DA)(DC)(DT)(DA)(DG)(DG)(DG)(DA)(DG)(DT)(DA)(DA)(DT)(DC)(DC)(DC)(DC)(DT)(DT)
(DG)(DG)(DC)(DG)(DG)(DT)(DT)(DA)(DA)(DA)(DA)(DC)(DG)(DC)(DG)(DG)(DG)(DG)(DG)(DA)
(DC)(DA)(DG)(DC)(DG)(DC)(DG)(DT)(DA)(DC)(DG)(DT)(DG)(DC)(DG)(DT)(DT)(DT)(DA)(DA)
(DG)(DC)(DG)(DG)(DT)(DG)(DC)(DT)(DA)(DG)(DA)(DG)(DC)(DT)(DG)(DT)(DC)(DT)(DA)(DC)
(DG)(DA)(DC)(DC)(DA)(DA)(DT)(DT)(DG)(DA)(DG)(DC)(DG)(DG)(DC)(DC)(DT)(DC)(DG)(DG)
(DC)(DA)(DC)(DC)(DG)(DG)(DG)(DA)(DT)(DT)(DC)(DT)(DG)(DA)(DT)(DT)(DA)(DT)(DC)(DC)
(DA)(DG)(DG)(DC)(DC)(DG)(DT)(DC)(DC)(DG)(DG)(DG)(DC)(DC)(DT)(DA)(DT)(DC)(DC)(DA)
(DA)(DT)(DC)(DG)(DA)(DT)(DG)(DT)(DA)(DT)(DA)(DT)(DA)(DT)(DC)(DT)(DG)(DA)(DC)(DA)
(DC)(DG)(DT)(DG)(DC)(DC)(DT)(DG)(DG)(DA)(DG)(DA)(DC)(DT)(DA)(DG)(DG)(DG)(DA)(DG)
(DT)(DA)(DA)(DT)(DC)(DC)(DC)(DC)(DT)(DT)(DG)(DG)(DC)(DG)(DG)(DT)(DT)(DA)(DA)(DA)
(DA)(DC)(DG)(DC)(DG)(DG)(DG)(DG)(DG)(DA)(DC)(DA)(DG)(DC)(DG)(DC)(DG)(DT)(DA)(DC)
(DG)(DT)(DG)(DC)(DG)(DT)(DT)(DT)(DA)(DA)(DG)(DC)(DG)(DG)(DT)(DG)(DC)(DT)(DA)(DG)
(DA)(DG)(DC)(DT)(DG)(DT)(DC)(DT)(DA)(DC)(DG)(DA)(DC)(DC)(DA)(DA)(DT)(DT)(DG)(DA)
(DG)(DC)(DG)(DG)(DC)(DC)(DT)(DC)(DG)(DG)(DC)(DA)(DC)(DC)(DG)(DG)(DG)(DA)(DT)(DT)
(DC)(DT)(DG)(DA)(DT)
;
J
#
# COMPACT_ATOMS: atom_id res chain seq x y z
N PRO A 42 -45.07 -42.70 44.89
CA PRO A 42 -45.22 -43.30 46.21
C PRO A 42 -45.05 -42.29 47.33
N HIS A 43 -44.65 -42.76 48.52
CA HIS A 43 -44.43 -41.88 49.66
C HIS A 43 -43.29 -42.44 50.49
N ARG A 44 -42.38 -41.54 50.88
CA ARG A 44 -41.22 -41.91 51.68
C ARG A 44 -40.87 -40.72 52.56
N TYR A 45 -40.93 -40.91 53.88
CA TYR A 45 -40.66 -39.82 54.81
C TYR A 45 -39.17 -39.46 54.82
N ARG A 46 -38.88 -38.21 55.15
CA ARG A 46 -37.50 -37.77 55.27
C ARG A 46 -36.86 -38.38 56.52
N PRO A 47 -35.54 -38.59 56.50
CA PRO A 47 -34.87 -39.11 57.71
C PRO A 47 -34.85 -38.09 58.83
N GLY A 48 -35.45 -38.47 59.96
CA GLY A 48 -35.55 -37.60 61.12
C GLY A 48 -36.96 -37.41 61.64
N THR A 49 -37.98 -37.83 60.90
CA THR A 49 -39.36 -37.66 61.35
C THR A 49 -39.85 -38.89 62.09
N VAL A 50 -39.57 -40.08 61.56
CA VAL A 50 -39.97 -41.33 62.21
C VAL A 50 -39.25 -41.53 63.53
N ALA A 51 -37.99 -41.09 63.65
CA ALA A 51 -37.27 -41.16 64.91
C ALA A 51 -37.89 -40.26 65.97
N LEU A 52 -38.33 -39.06 65.56
CA LEU A 52 -38.98 -38.14 66.50
C LEU A 52 -40.35 -38.67 66.91
N ARG A 53 -41.08 -39.29 65.97
CA ARG A 53 -42.37 -39.88 66.27
C ARG A 53 -42.22 -41.07 67.22
N GLU A 54 -41.15 -41.85 67.05
CA GLU A 54 -40.88 -42.96 67.95
C GLU A 54 -40.44 -42.46 69.31
N ILE A 55 -39.73 -41.32 69.36
CA ILE A 55 -39.35 -40.70 70.63
C ILE A 55 -40.60 -40.29 71.40
N ARG A 56 -41.55 -39.65 70.71
CA ARG A 56 -42.79 -39.23 71.35
C ARG A 56 -43.64 -40.43 71.77
N ARG A 57 -43.66 -41.49 70.96
CA ARG A 57 -44.46 -42.67 71.25
C ARG A 57 -43.90 -43.44 72.46
N TYR A 58 -42.59 -43.66 72.48
CA TYR A 58 -41.99 -44.42 73.57
C TYR A 58 -41.76 -43.57 74.82
N GLN A 59 -41.91 -42.25 74.71
CA GLN A 59 -41.98 -41.42 75.91
C GLN A 59 -43.40 -41.29 76.43
N LYS A 60 -44.40 -41.51 75.57
CA LYS A 60 -45.78 -41.51 76.04
C LYS A 60 -46.16 -42.81 76.74
N SER A 61 -45.53 -43.92 76.36
CA SER A 61 -45.90 -45.23 76.86
C SER A 61 -44.99 -45.65 78.02
N THR A 62 -45.38 -46.74 78.70
CA THR A 62 -44.62 -47.27 79.83
C THR A 62 -44.27 -48.74 79.71
N GLU A 63 -44.65 -49.42 78.63
CA GLU A 63 -44.41 -50.86 78.54
C GLU A 63 -42.94 -51.16 78.26
N LEU A 64 -42.53 -52.38 78.57
CA LEU A 64 -41.13 -52.76 78.42
C LEU A 64 -40.79 -52.94 76.95
N LEU A 65 -39.67 -52.34 76.54
CA LEU A 65 -39.22 -52.37 75.16
C LEU A 65 -38.44 -53.61 74.80
N ILE A 66 -37.65 -54.16 75.72
CA ILE A 66 -37.00 -55.44 75.51
C ILE A 66 -38.02 -56.55 75.70
N ARG A 67 -37.96 -57.57 74.85
CA ARG A 67 -38.85 -58.71 74.95
C ARG A 67 -38.50 -59.54 76.20
N LYS A 68 -39.49 -60.30 76.67
CA LYS A 68 -39.36 -60.99 77.95
C LYS A 68 -38.44 -62.22 77.84
N LEU A 69 -38.65 -63.05 76.83
CA LEU A 69 -37.95 -64.33 76.71
C LEU A 69 -36.46 -64.23 76.37
N PRO A 70 -35.98 -63.35 75.41
CA PRO A 70 -34.52 -63.24 75.22
C PRO A 70 -33.79 -62.65 76.42
N PHE A 71 -34.43 -61.69 77.09
CA PHE A 71 -33.84 -61.12 78.31
C PHE A 71 -33.82 -62.15 79.43
N GLN A 72 -34.86 -63.00 79.50
CA GLN A 72 -34.89 -64.06 80.50
C GLN A 72 -33.82 -65.10 80.24
N ARG A 73 -33.59 -65.43 78.97
CA ARG A 73 -32.52 -66.34 78.59
C ARG A 73 -31.15 -65.74 78.90
N LEU A 74 -31.00 -64.43 78.72
CA LEU A 74 -29.75 -63.75 79.03
C LEU A 74 -29.49 -63.74 80.54
N VAL A 75 -30.56 -63.50 81.33
CA VAL A 75 -30.44 -63.51 82.78
C VAL A 75 -30.10 -64.91 83.29
N ARG A 76 -30.72 -65.93 82.71
CA ARG A 76 -30.44 -67.31 83.11
C ARG A 76 -29.03 -67.73 82.70
N GLU A 77 -28.55 -67.23 81.56
CA GLU A 77 -27.20 -67.51 81.10
C GLU A 77 -26.16 -66.85 82.01
N ILE A 78 -26.40 -65.60 82.39
CA ILE A 78 -25.47 -64.84 83.23
C ILE A 78 -25.45 -65.42 84.64
N ALA A 79 -26.62 -65.73 85.19
CA ALA A 79 -26.69 -66.33 86.52
C ALA A 79 -26.21 -67.77 86.52
N GLN A 80 -26.23 -68.44 85.37
CA GLN A 80 -25.69 -69.78 85.25
C GLN A 80 -24.17 -69.77 85.28
N ASP A 81 -23.58 -68.63 84.92
CA ASP A 81 -22.12 -68.49 84.94
C ASP A 81 -21.64 -68.12 86.33
N PHE A 82 -22.56 -67.83 87.24
CA PHE A 82 -22.23 -67.54 88.63
C PHE A 82 -22.57 -68.68 89.56
N LYS A 83 -23.71 -69.34 89.36
CA LYS A 83 -24.08 -70.49 90.19
C LYS A 83 -25.02 -71.39 89.38
N THR A 84 -24.66 -72.66 89.28
CA THR A 84 -25.40 -73.63 88.49
C THR A 84 -26.63 -74.08 89.27
N ASP A 85 -27.68 -74.48 88.53
CA ASP A 85 -28.96 -74.98 89.05
C ASP A 85 -29.66 -73.93 89.91
N LEU A 86 -30.06 -72.83 89.29
CA LEU A 86 -30.79 -71.77 89.94
C LEU A 86 -32.12 -71.54 89.23
N ARG A 87 -33.18 -71.40 90.02
CA ARG A 87 -34.51 -71.06 89.52
C ARG A 87 -34.74 -69.57 89.67
N PHE A 88 -35.68 -69.05 88.90
CA PHE A 88 -35.96 -67.63 88.85
C PHE A 88 -37.46 -67.38 88.90
N GLN A 89 -37.89 -66.53 89.83
CA GLN A 89 -39.26 -66.04 89.81
C GLN A 89 -39.45 -65.13 88.61
N SER A 90 -40.65 -65.18 88.02
CA SER A 90 -40.94 -64.34 86.86
C SER A 90 -40.98 -62.86 87.21
N SER A 91 -41.46 -62.54 88.43
CA SER A 91 -41.43 -61.17 88.89
C SER A 91 -40.01 -60.68 89.17
N ALA A 92 -39.08 -61.59 89.51
CA ALA A 92 -37.68 -61.21 89.63
C ALA A 92 -37.07 -60.83 88.29
N VAL A 93 -37.39 -61.58 87.22
CA VAL A 93 -36.92 -61.23 85.88
C VAL A 93 -37.59 -59.96 85.40
N MET A 94 -38.84 -59.75 85.82
CA MET A 94 -39.54 -58.50 85.47
C MET A 94 -38.92 -57.29 86.17
N ALA A 95 -38.51 -57.46 87.43
CA ALA A 95 -37.83 -56.39 88.16
C ALA A 95 -36.46 -56.11 87.54
N LEU A 96 -35.75 -57.16 87.14
CA LEU A 96 -34.48 -57.01 86.43
C LEU A 96 -34.67 -56.29 85.11
N GLN A 97 -35.76 -56.58 84.40
CA GLN A 97 -36.03 -55.93 83.12
C GLN A 97 -36.38 -54.46 83.31
N GLU A 98 -37.18 -54.15 84.34
CA GLU A 98 -37.51 -52.77 84.66
C GLU A 98 -36.28 -51.94 85.02
N ALA A 99 -35.43 -52.50 85.90
CA ALA A 99 -34.22 -51.81 86.31
C ALA A 99 -33.23 -51.64 85.17
N CYS A 100 -33.06 -52.67 84.33
CA CYS A 100 -32.15 -52.61 83.20
C CYS A 100 -32.64 -51.62 82.15
N GLU A 101 -33.95 -51.60 81.89
CA GLU A 101 -34.50 -50.67 80.89
C GLU A 101 -34.42 -49.23 81.37
N ALA A 102 -34.66 -49.00 82.67
CA ALA A 102 -34.54 -47.66 83.22
C ALA A 102 -33.09 -47.17 83.22
N TYR A 103 -32.16 -48.08 83.56
CA TYR A 103 -30.74 -47.73 83.53
C TYR A 103 -30.26 -47.44 82.12
N LEU A 104 -30.71 -48.23 81.14
CA LEU A 104 -30.31 -47.98 79.76
C LEU A 104 -30.96 -46.73 79.18
N VAL A 105 -32.18 -46.40 79.60
CA VAL A 105 -32.82 -45.16 79.16
C VAL A 105 -32.10 -43.95 79.72
N GLY A 106 -31.71 -44.01 81.01
CA GLY A 106 -30.96 -42.91 81.61
C GLY A 106 -29.56 -42.79 81.01
N LEU A 107 -28.95 -43.93 80.66
CA LEU A 107 -27.65 -43.94 80.00
C LEU A 107 -27.75 -43.34 78.60
N PHE A 108 -28.86 -43.62 77.91
CA PHE A 108 -29.07 -43.06 76.58
C PHE A 108 -29.36 -41.56 76.66
N GLU A 109 -30.00 -41.13 77.75
CA GLU A 109 -30.21 -39.70 78.00
C GLU A 109 -28.89 -38.97 78.18
N ASP A 110 -28.00 -39.51 79.03
CA ASP A 110 -26.69 -38.92 79.22
C ASP A 110 -25.82 -39.02 77.95
N THR A 111 -26.01 -40.09 77.17
CA THR A 111 -25.28 -40.26 75.92
C THR A 111 -25.71 -39.22 74.89
N ASN A 112 -27.02 -38.95 74.82
CA ASN A 112 -27.52 -37.92 73.91
C ASN A 112 -27.08 -36.54 74.35
N LEU A 113 -27.04 -36.29 75.67
CA LEU A 113 -26.54 -35.01 76.18
C LEU A 113 -25.05 -34.83 75.85
N CYS A 114 -24.26 -35.89 75.98
CA CYS A 114 -22.84 -35.80 75.66
C CYS A 114 -22.62 -35.65 74.15
N ALA A 115 -23.47 -36.28 73.33
CA ALA A 115 -23.36 -36.14 71.88
C ALA A 115 -23.78 -34.75 71.43
N ILE A 116 -24.72 -34.14 72.15
CA ILE A 116 -25.08 -32.74 71.89
C ILE A 116 -23.93 -31.82 72.30
N HIS A 117 -23.28 -32.11 73.43
CA HIS A 117 -22.13 -31.32 73.86
C HIS A 117 -20.92 -31.50 72.95
N ALA A 118 -20.86 -32.62 72.22
CA ALA A 118 -19.80 -32.87 71.25
C ALA A 118 -20.15 -32.34 69.86
N LYS A 119 -21.09 -31.40 69.79
CA LYS A 119 -21.52 -30.74 68.54
C LYS A 119 -22.03 -31.72 67.49
N ARG A 120 -22.78 -32.72 67.93
CA ARG A 120 -23.35 -33.73 67.05
C ARG A 120 -24.83 -33.95 67.38
N VAL A 121 -25.46 -34.81 66.58
CA VAL A 121 -26.85 -35.21 66.81
C VAL A 121 -26.89 -36.74 66.87
N THR A 122 -25.84 -37.38 66.36
CA THR A 122 -25.72 -38.83 66.40
C THR A 122 -24.88 -39.23 67.60
N ILE A 123 -25.39 -40.17 68.39
CA ILE A 123 -24.65 -40.66 69.55
C ILE A 123 -23.54 -41.58 69.07
N MET A 124 -22.47 -41.65 69.85
CA MET A 124 -21.28 -42.44 69.54
C MET A 124 -20.92 -43.26 70.75
N PRO A 125 -20.14 -44.35 70.57
CA PRO A 125 -19.66 -45.09 71.76
C PRO A 125 -18.75 -44.30 72.67
N LYS A 126 -18.07 -43.28 72.15
CA LYS A 126 -17.25 -42.43 73.01
C LYS A 126 -18.11 -41.55 73.91
N ASP A 127 -19.34 -41.26 73.48
CA ASP A 127 -20.29 -40.55 74.33
C ASP A 127 -20.70 -41.41 75.52
N ILE A 128 -20.96 -42.70 75.25
CA ILE A 128 -21.26 -43.70 76.27
C ILE A 128 -20.09 -43.81 77.24
N GLN A 129 -18.87 -43.83 76.68
CA GLN A 129 -17.68 -43.96 77.51
C GLN A 129 -17.46 -42.75 78.40
N LEU A 130 -17.66 -41.54 77.87
CA LEU A 130 -17.49 -40.34 78.68
C LEU A 130 -18.59 -40.23 79.73
N ALA A 131 -19.82 -40.63 79.39
CA ALA A 131 -20.91 -40.60 80.37
C ALA A 131 -20.66 -41.61 81.49
N ARG A 132 -20.07 -42.76 81.16
CA ARG A 132 -19.75 -43.74 82.20
C ARG A 132 -18.53 -43.33 83.01
N ARG A 133 -17.64 -42.53 82.42
CA ARG A 133 -16.48 -42.03 83.17
C ARG A 133 -16.89 -40.93 84.14
N ILE A 134 -17.81 -40.06 83.72
CA ILE A 134 -18.32 -39.02 84.62
C ILE A 134 -19.21 -39.64 85.69
N ARG A 135 -19.99 -40.64 85.31
CA ARG A 135 -20.85 -41.34 86.27
C ARG A 135 -20.06 -42.14 87.30
N GLY A 136 -18.84 -42.55 86.97
CA GLY A 136 -18.04 -43.33 87.89
C GLY A 136 -18.23 -44.83 87.74
N GLU A 137 -18.65 -45.28 86.56
CA GLU A 137 -18.86 -46.69 86.31
C GLU A 137 -17.62 -47.31 85.67
N ARG A 138 -17.33 -48.54 86.09
CA ARG A 138 -16.16 -49.26 85.59
C ARG A 138 -16.56 -50.60 84.98
N LYS B 24 -30.67 -77.82 79.01
CA LYS B 24 -30.25 -77.19 77.76
C LYS B 24 -29.19 -76.13 78.01
N VAL B 25 -28.18 -76.08 77.15
CA VAL B 25 -27.11 -75.10 77.30
C VAL B 25 -27.59 -73.73 76.80
N LEU B 26 -27.07 -72.66 77.39
CA LEU B 26 -27.40 -71.30 77.02
C LEU B 26 -26.17 -70.60 76.48
N ARG B 27 -26.26 -70.14 75.24
CA ARG B 27 -25.14 -69.49 74.58
C ARG B 27 -25.66 -68.42 73.63
N ASP B 28 -24.94 -67.29 73.58
CA ASP B 28 -25.22 -66.14 72.72
C ASP B 28 -26.61 -65.56 72.95
N ASN B 29 -27.05 -65.47 74.20
CA ASN B 29 -28.34 -64.86 74.49
C ASN B 29 -28.22 -63.34 74.57
N ILE B 30 -27.00 -62.81 74.55
CA ILE B 30 -26.74 -61.38 74.58
C ILE B 30 -27.21 -60.77 73.26
N GLN B 31 -27.13 -61.56 72.18
CA GLN B 31 -27.70 -61.15 70.90
C GLN B 31 -29.21 -61.35 70.82
N GLY B 32 -29.83 -61.87 71.89
CA GLY B 32 -31.28 -61.81 71.98
C GLY B 32 -31.78 -60.41 72.23
N ILE B 33 -30.92 -59.53 72.74
CA ILE B 33 -31.21 -58.11 72.85
C ILE B 33 -31.00 -57.50 71.48
N THR B 34 -32.06 -57.47 70.67
CA THR B 34 -31.95 -57.09 69.27
C THR B 34 -31.68 -55.59 69.10
N LYS B 35 -31.22 -55.21 67.91
CA LYS B 35 -30.99 -53.83 67.51
C LYS B 35 -32.25 -52.94 67.58
N PRO B 36 -33.47 -53.39 67.19
CA PRO B 36 -34.64 -52.54 67.45
C PRO B 36 -34.98 -52.36 68.93
N ALA B 37 -34.58 -53.28 69.81
CA ALA B 37 -34.83 -53.08 71.24
C ALA B 37 -33.96 -51.95 71.78
N ILE B 38 -32.71 -51.90 71.35
CA ILE B 38 -31.77 -50.85 71.74
C ILE B 38 -32.18 -49.55 71.06
N ARG B 39 -32.80 -49.67 69.88
CA ARG B 39 -33.37 -48.50 69.21
C ARG B 39 -34.54 -47.92 69.99
N ARG B 40 -35.42 -48.80 70.49
CA ARG B 40 -36.55 -48.37 71.31
C ARG B 40 -36.10 -47.75 72.63
N LEU B 41 -35.05 -48.32 73.23
CA LEU B 41 -34.50 -47.78 74.46
C LEU B 41 -33.84 -46.42 74.22
N ALA B 42 -33.31 -46.22 73.01
CA ALA B 42 -32.76 -44.92 72.65
C ALA B 42 -33.85 -43.90 72.35
N ARG B 43 -34.96 -44.33 71.76
CA ARG B 43 -36.10 -43.46 71.51
C ARG B 43 -36.78 -43.03 72.81
N ARG B 44 -36.86 -43.94 73.77
CA ARG B 44 -37.34 -43.57 75.11
C ARG B 44 -36.35 -42.66 75.82
N GLY B 45 -35.05 -42.80 75.57
CA GLY B 45 -34.05 -41.92 76.11
C GLY B 45 -33.83 -40.63 75.36
N GLY B 46 -34.59 -40.39 74.28
CA GLY B 46 -34.49 -39.15 73.54
C GLY B 46 -33.40 -39.09 72.50
N VAL B 47 -32.87 -40.23 72.07
CA VAL B 47 -31.83 -40.25 71.05
C VAL B 47 -32.48 -40.24 69.67
N LYS B 48 -32.12 -39.26 68.85
CA LYS B 48 -32.64 -39.14 67.50
C LYS B 48 -31.88 -40.00 66.50
N ARG B 49 -30.55 -39.93 66.49
CA ARG B 49 -29.72 -40.66 65.55
C ARG B 49 -28.79 -41.58 66.33
N ILE B 50 -28.79 -42.87 65.96
CA ILE B 50 -28.00 -43.90 66.63
C ILE B 50 -26.95 -44.41 65.66
N SER B 51 -25.70 -44.47 66.11
CA SER B 51 -24.65 -45.04 65.28
C SER B 51 -24.77 -46.57 65.25
N GLY B 52 -24.13 -47.18 64.24
CA GLY B 52 -24.17 -48.63 64.12
C GLY B 52 -23.32 -49.33 65.15
N LEU B 53 -22.31 -48.64 65.70
CA LEU B 53 -21.45 -49.21 66.72
C LEU B 53 -22.04 -49.11 68.12
N ILE B 54 -23.25 -48.57 68.26
CA ILE B 54 -23.86 -48.44 69.57
C ILE B 54 -24.42 -49.78 70.04
N TYR B 55 -25.11 -50.50 69.14
CA TYR B 55 -25.96 -51.63 69.52
C TYR B 55 -25.14 -52.79 70.07
N GLU B 56 -23.87 -52.89 69.70
CA GLU B 56 -23.02 -53.87 70.37
C GLU B 56 -22.61 -53.38 71.75
N GLU B 57 -22.06 -52.16 71.83
CA GLU B 57 -21.39 -51.69 73.04
C GLU B 57 -22.34 -51.54 74.21
N THR B 58 -23.53 -50.98 73.96
CA THR B 58 -24.58 -50.85 74.97
C THR B 58 -24.97 -52.22 75.52
N ARG B 59 -24.99 -53.24 74.66
CA ARG B 59 -25.23 -54.62 75.09
C ARG B 59 -24.18 -55.07 76.11
N GLY B 60 -22.91 -54.74 75.85
CA GLY B 60 -21.86 -55.03 76.81
C GLY B 60 -22.07 -54.29 78.12
N VAL B 61 -22.56 -53.04 78.03
CA VAL B 61 -22.87 -52.26 79.23
C VAL B 61 -24.01 -52.92 79.99
N LEU B 62 -24.95 -53.52 79.25
CA LEU B 62 -26.02 -54.29 79.89
C LEU B 62 -25.47 -55.47 80.66
N LYS B 63 -24.44 -56.13 80.10
CA LYS B 63 -23.72 -57.18 80.83
C LYS B 63 -23.05 -56.60 82.06
N VAL B 64 -22.45 -55.40 81.91
CA VAL B 64 -21.84 -54.69 83.03
C VAL B 64 -22.90 -54.31 84.06
N PHE B 65 -24.15 -54.11 83.61
CA PHE B 65 -25.24 -53.99 84.55
C PHE B 65 -25.53 -55.33 85.21
N LEU B 66 -25.77 -56.36 84.39
CA LEU B 66 -26.43 -57.58 84.89
C LEU B 66 -25.48 -58.40 85.75
N GLU B 67 -24.21 -58.50 85.36
CA GLU B 67 -23.22 -59.18 86.19
C GLU B 67 -22.92 -58.40 87.47
N ASN B 68 -23.30 -57.11 87.52
CA ASN B 68 -23.18 -56.38 88.77
C ASN B 68 -24.38 -56.60 89.68
N VAL B 69 -25.52 -57.03 89.11
CA VAL B 69 -26.73 -57.13 89.90
C VAL B 69 -26.92 -58.54 90.42
N ILE B 70 -27.00 -59.53 89.52
CA ILE B 70 -27.37 -60.89 89.88
C ILE B 70 -26.31 -61.55 90.75
N ARG B 71 -25.04 -61.17 90.57
CA ARG B 71 -23.95 -61.66 91.41
C ARG B 71 -24.15 -61.24 92.86
N ASP B 72 -24.79 -60.08 93.08
CA ASP B 72 -25.20 -59.72 94.43
C ASP B 72 -26.36 -60.59 94.89
N ALA B 73 -27.36 -60.79 94.01
CA ALA B 73 -28.60 -61.44 94.42
C ALA B 73 -28.41 -62.92 94.71
N VAL B 74 -27.55 -63.58 93.93
CA VAL B 74 -27.16 -64.96 94.21
C VAL B 74 -26.43 -65.03 95.55
N THR B 75 -25.66 -63.98 95.88
CA THR B 75 -25.01 -63.89 97.18
C THR B 75 -26.06 -63.76 98.30
N TYR B 76 -27.22 -63.18 97.99
CA TYR B 76 -28.34 -63.25 98.90
C TYR B 76 -28.94 -64.66 98.91
N THR B 77 -29.09 -65.25 97.72
CA THR B 77 -29.71 -66.55 97.59
C THR B 77 -28.83 -67.65 98.19
N GLU B 78 -27.51 -67.44 98.17
CA GLU B 78 -26.60 -68.37 98.84
C GLU B 78 -26.70 -68.24 100.36
N HIS B 79 -27.13 -67.08 100.86
CA HIS B 79 -27.22 -66.92 102.31
C HIS B 79 -28.54 -67.45 102.84
N ALA B 80 -29.58 -67.44 102.01
CA ALA B 80 -30.88 -67.96 102.42
C ALA B 80 -31.00 -69.47 102.24
N LYS B 81 -29.94 -70.13 101.75
CA LYS B 81 -29.91 -71.57 101.46
C LYS B 81 -31.03 -71.98 100.51
N ARG B 82 -31.19 -71.20 99.44
CA ARG B 82 -32.25 -71.40 98.47
C ARG B 82 -31.64 -71.68 97.10
N LYS B 83 -32.41 -72.37 96.27
CA LYS B 83 -32.05 -72.64 94.89
C LYS B 83 -32.89 -71.84 93.89
N THR B 84 -33.76 -70.98 94.38
CA THR B 84 -34.64 -70.17 93.54
C THR B 84 -34.38 -68.70 93.83
N VAL B 85 -34.00 -67.95 92.80
CA VAL B 85 -33.77 -66.52 92.92
C VAL B 85 -35.13 -65.82 92.98
N THR B 86 -35.44 -65.21 94.12
CA THR B 86 -36.71 -64.54 94.33
C THR B 86 -36.62 -63.09 93.88
N ALA B 87 -37.77 -62.40 93.95
CA ALA B 87 -37.81 -60.99 93.62
C ALA B 87 -37.15 -60.15 94.71
N MET B 88 -37.19 -60.63 95.96
CA MET B 88 -36.64 -59.88 97.08
C MET B 88 -35.12 -59.83 97.01
N ASP B 89 -34.48 -60.88 96.50
CA ASP B 89 -33.03 -60.87 96.34
C ASP B 89 -32.61 -59.86 95.26
N VAL B 90 -33.41 -59.75 94.20
CA VAL B 90 -33.15 -58.76 93.15
C VAL B 90 -33.36 -57.35 93.69
N VAL B 91 -34.39 -57.18 94.54
CA VAL B 91 -34.67 -55.88 95.16
C VAL B 91 -33.54 -55.48 96.11
N TYR B 92 -33.01 -56.43 96.88
CA TYR B 92 -31.90 -56.11 97.79
C TYR B 92 -30.60 -55.89 97.04
N ALA B 93 -30.41 -56.59 95.90
CA ALA B 93 -29.25 -56.33 95.05
C ALA B 93 -29.31 -54.94 94.44
N LEU B 94 -30.51 -54.49 94.08
CA LEU B 94 -30.68 -53.12 93.59
C LEU B 94 -30.56 -52.11 94.73
N LYS B 95 -30.88 -52.55 95.95
CA LYS B 95 -30.69 -51.70 97.13
C LYS B 95 -29.22 -51.47 97.41
N ARG B 96 -28.40 -52.49 97.19
CA ARG B 96 -26.96 -52.35 97.45
C ARG B 96 -26.29 -51.45 96.41
N GLN B 97 -26.70 -51.56 95.14
CA GLN B 97 -26.06 -50.86 94.04
C GLN B 97 -26.48 -49.39 93.93
N GLY B 98 -27.32 -48.89 94.81
CA GLY B 98 -27.79 -47.51 94.70
C GLY B 98 -28.77 -47.31 93.58
N ARG B 99 -29.51 -48.36 93.20
CA ARG B 99 -30.44 -48.33 92.08
C ARG B 99 -31.77 -48.94 92.53
N THR B 100 -32.30 -48.43 93.64
CA THR B 100 -33.49 -48.98 94.29
C THR B 100 -34.72 -48.89 93.39
N LEU B 101 -35.64 -49.83 93.59
CA LEU B 101 -36.77 -50.04 92.71
C LEU B 101 -38.04 -50.18 93.54
N TYR B 102 -39.10 -49.50 93.11
CA TYR B 102 -40.40 -49.58 93.75
C TYR B 102 -41.33 -50.47 92.94
N GLY B 103 -42.11 -51.28 93.65
CA GLY B 103 -43.13 -52.10 93.02
C GLY B 103 -42.92 -53.60 93.13
N PHE B 104 -41.79 -54.06 93.69
CA PHE B 104 -41.54 -55.49 93.82
C PHE B 104 -41.19 -55.88 95.25
N GLY B 105 -41.68 -55.13 96.23
CA GLY B 105 -41.42 -55.41 97.62
C GLY B 105 -40.29 -54.55 98.18
N GLY B 106 -40.13 -54.63 99.50
CA GLY B 106 -39.10 -53.88 100.18
C GLY B 106 -39.64 -52.69 100.95
N THR C 20 -6.03 -63.53 126.27
CA THR C 20 -6.89 -62.85 125.33
C THR C 20 -7.53 -63.84 124.35
N ARG C 21 -7.99 -63.32 123.21
CA ARG C 21 -8.58 -64.16 122.18
C ARG C 21 -7.89 -63.93 120.84
N SER C 22 -7.06 -62.89 120.77
CA SER C 22 -6.29 -62.64 119.55
C SER C 22 -5.17 -63.66 119.40
N SER C 23 -4.56 -64.05 120.53
CA SER C 23 -3.50 -65.05 120.50
C SER C 23 -4.07 -66.45 120.28
N ARG C 24 -5.35 -66.64 120.62
CA ARG C 24 -6.01 -67.93 120.44
C ARG C 24 -6.43 -68.15 118.99
N ALA C 25 -6.46 -67.07 118.20
CA ALA C 25 -6.95 -67.13 116.84
C ALA C 25 -5.87 -66.90 115.79
N GLY C 26 -4.61 -66.70 116.19
CA GLY C 26 -3.57 -66.40 115.22
C GLY C 26 -3.64 -65.03 114.60
N LEU C 27 -4.36 -64.10 115.22
CA LEU C 27 -4.54 -62.76 114.71
C LEU C 27 -3.83 -61.74 115.59
N GLN C 28 -3.78 -60.50 115.12
CA GLN C 28 -3.26 -59.41 115.92
C GLN C 28 -4.33 -58.44 116.38
N PHE C 29 -5.40 -58.25 115.59
CA PHE C 29 -6.49 -57.36 115.94
C PHE C 29 -7.31 -57.93 117.09
N PRO C 30 -7.90 -57.08 117.96
CA PRO C 30 -8.56 -57.60 119.16
C PRO C 30 -9.94 -58.20 118.87
N VAL C 31 -10.17 -59.41 119.37
CA VAL C 31 -11.50 -60.00 119.30
C VAL C 31 -12.41 -59.32 120.33
N GLY C 32 -11.85 -58.84 121.43
CA GLY C 32 -12.61 -58.17 122.47
C GLY C 32 -13.24 -56.86 122.05
N ARG C 33 -12.46 -55.97 121.43
CA ARG C 33 -12.96 -54.68 120.99
C ARG C 33 -13.98 -54.81 119.88
N VAL C 34 -13.72 -55.73 118.93
CA VAL C 34 -14.64 -55.94 117.82
C VAL C 34 -15.94 -56.59 118.31
N HIS C 35 -15.82 -57.55 119.23
CA HIS C 35 -17.00 -58.18 119.81
C HIS C 35 -17.79 -57.23 120.70
N ARG C 36 -17.12 -56.26 121.32
CA ARG C 36 -17.82 -55.26 122.11
C ARG C 36 -18.55 -54.26 121.22
N LEU C 37 -17.90 -53.84 120.12
CA LEU C 37 -18.52 -52.86 119.23
C LEU C 37 -19.61 -53.50 118.38
N LEU C 38 -19.56 -54.82 118.19
CA LEU C 38 -20.65 -55.50 117.48
C LEU C 38 -21.89 -55.60 118.34
N ARG C 39 -21.71 -55.68 119.67
CA ARG C 39 -22.87 -55.72 120.56
C ARG C 39 -23.41 -54.32 120.84
N LYS C 40 -22.51 -53.36 121.07
CA LYS C 40 -22.92 -52.01 121.45
C LYS C 40 -23.34 -51.17 120.25
N GLY C 41 -23.05 -51.63 119.03
CA GLY C 41 -23.37 -50.88 117.84
C GLY C 41 -24.79 -50.99 117.35
N ASN C 42 -25.67 -51.65 118.11
CA ASN C 42 -27.08 -51.91 117.77
C ASN C 42 -27.20 -52.62 116.42
N TYR C 43 -26.39 -53.66 116.24
CA TYR C 43 -26.36 -54.41 115.00
C TYR C 43 -27.31 -55.60 114.98
N SER C 44 -27.43 -56.33 116.09
CA SER C 44 -28.36 -57.44 116.19
C SER C 44 -28.72 -57.64 117.65
N GLU C 45 -29.68 -58.53 117.89
CA GLU C 45 -30.04 -58.90 119.25
C GLU C 45 -28.92 -59.72 119.90
N ARG C 46 -28.54 -60.82 119.25
CA ARG C 46 -27.39 -61.61 119.67
C ARG C 46 -26.33 -61.61 118.58
N VAL C 47 -25.07 -61.60 119.01
CA VAL C 47 -23.93 -61.54 118.11
C VAL C 47 -23.10 -62.80 118.35
N GLY C 48 -22.84 -63.57 117.30
CA GLY C 48 -22.10 -64.81 117.41
C GLY C 48 -20.64 -64.65 117.80
N ALA C 49 -19.99 -65.75 118.19
CA ALA C 49 -18.61 -65.69 118.61
C ALA C 49 -17.63 -65.79 117.45
N GLY C 50 -18.05 -66.43 116.34
CA GLY C 50 -17.18 -66.51 115.19
C GLY C 50 -17.17 -65.24 114.34
N ALA C 51 -18.13 -64.35 114.59
CA ALA C 51 -18.19 -63.09 113.84
C ALA C 51 -17.07 -62.10 114.17
N PRO C 52 -16.68 -61.81 115.43
CA PRO C 52 -15.57 -60.86 115.63
C PRO C 52 -14.22 -61.37 115.17
N VAL C 53 -13.96 -62.68 115.24
CA VAL C 53 -12.72 -63.24 114.73
C VAL C 53 -12.62 -63.06 113.22
N TYR C 54 -13.73 -63.32 112.52
CA TYR C 54 -13.78 -63.16 111.08
C TYR C 54 -13.63 -61.69 110.68
N LEU C 55 -14.28 -60.79 111.42
CA LEU C 55 -14.22 -59.37 111.09
C LEU C 55 -12.83 -58.81 111.37
N ALA C 56 -12.20 -59.25 112.46
CA ALA C 56 -10.83 -58.83 112.75
C ALA C 56 -9.84 -59.39 111.75
N ALA C 57 -10.07 -60.61 111.25
CA ALA C 57 -9.18 -61.18 110.24
C ALA C 57 -9.31 -60.47 108.91
N VAL C 58 -10.54 -60.10 108.53
CA VAL C 58 -10.76 -59.36 107.28
C VAL C 58 -10.14 -57.98 107.37
N LEU C 59 -10.33 -57.30 108.52
CA LEU C 59 -9.70 -56.00 108.75
C LEU C 59 -8.17 -56.12 108.75
N GLU C 60 -7.65 -57.23 109.28
CA GLU C 60 -6.20 -57.41 109.35
C GLU C 60 -5.60 -57.65 107.97
N TYR C 61 -6.29 -58.43 107.12
CA TYR C 61 -5.82 -58.63 105.75
C TYR C 61 -5.91 -57.34 104.94
N LEU C 62 -6.98 -56.56 105.16
CA LEU C 62 -7.16 -55.32 104.41
C LEU C 62 -6.10 -54.29 104.80
N THR C 63 -5.83 -54.13 106.09
CA THR C 63 -4.77 -53.22 106.49
C THR C 63 -3.39 -53.77 106.15
N ALA C 64 -3.23 -55.10 106.02
CA ALA C 64 -1.96 -55.66 105.57
C ALA C 64 -1.70 -55.31 104.12
N GLU C 65 -2.73 -55.45 103.26
CA GLU C 65 -2.59 -55.11 101.85
C GLU C 65 -2.35 -53.62 101.65
N ILE C 66 -3.07 -52.77 102.42
CA ILE C 66 -2.91 -51.33 102.30
C ILE C 66 -1.52 -50.90 102.79
N LEU C 67 -1.08 -51.44 103.93
CA LEU C 67 0.24 -51.09 104.46
C LEU C 67 1.35 -51.66 103.61
N GLU C 68 1.10 -52.80 102.95
CA GLU C 68 2.03 -53.42 102.02
C GLU C 68 2.28 -52.50 100.83
N LEU C 69 1.20 -52.09 100.18
CA LEU C 69 1.35 -51.20 99.01
C LEU C 69 1.81 -49.81 99.42
N ALA C 70 1.50 -49.39 100.65
CA ALA C 70 1.99 -48.11 101.15
C ALA C 70 3.48 -48.15 101.41
N GLY C 71 3.99 -49.27 101.95
CA GLY C 71 5.41 -49.45 102.16
C GLY C 71 6.18 -49.59 100.86
N ASN C 72 5.54 -50.24 99.87
CA ASN C 72 6.11 -50.30 98.53
C ASN C 72 6.21 -48.92 97.90
N ALA C 73 5.16 -48.10 98.08
CA ALA C 73 5.18 -46.73 97.56
C ALA C 73 6.17 -45.85 98.32
N ALA C 74 6.36 -46.13 99.61
CA ALA C 74 7.35 -45.39 100.40
C ALA C 74 8.76 -45.77 100.00
N ARG C 75 8.99 -47.03 99.66
CA ARG C 75 10.30 -47.44 99.15
C ARG C 75 10.53 -46.91 97.75
N ASP C 76 9.45 -46.75 96.98
CA ASP C 76 9.59 -46.17 95.64
C ASP C 76 9.85 -44.67 95.71
N ASN C 77 9.34 -44.01 96.75
CA ASN C 77 9.54 -42.58 96.93
C ASN C 77 10.75 -42.25 97.80
N LYS C 78 11.53 -43.28 98.17
CA LYS C 78 12.74 -43.17 99.01
C LYS C 78 12.45 -42.51 100.35
N LYS C 79 11.47 -43.08 101.06
CA LYS C 79 11.07 -42.59 102.37
C LYS C 79 10.92 -43.77 103.32
N THR C 80 11.32 -43.54 104.57
CA THR C 80 11.25 -44.59 105.58
C THR C 80 9.93 -44.59 106.34
N ARG C 81 9.14 -43.53 106.24
CA ARG C 81 7.88 -43.42 106.95
C ARG C 81 6.75 -43.20 105.97
N ILE C 82 5.60 -43.82 106.23
CA ILE C 82 4.46 -43.76 105.33
C ILE C 82 3.73 -42.43 105.54
N ILE C 83 3.60 -41.65 104.47
CA ILE C 83 2.90 -40.37 104.49
C ILE C 83 1.54 -40.59 103.82
N PRO C 84 0.56 -39.67 103.95
CA PRO C 84 -0.71 -39.81 103.22
C PRO C 84 -0.58 -39.83 101.70
N ARG C 85 0.50 -39.28 101.15
CA ARG C 85 0.76 -39.41 99.72
C ARG C 85 1.03 -40.86 99.35
N HIS C 86 1.75 -41.59 100.21
CA HIS C 86 1.99 -43.01 99.98
C HIS C 86 0.70 -43.81 100.11
N LEU C 87 -0.19 -43.41 101.03
CA LEU C 87 -1.48 -44.09 101.16
C LEU C 87 -2.37 -43.83 99.95
N GLN C 88 -2.32 -42.60 99.42
CA GLN C 88 -3.08 -42.28 98.22
C GLN C 88 -2.55 -43.03 97.01
N LEU C 89 -1.22 -43.17 96.91
CA LEU C 89 -0.62 -43.96 95.85
C LEU C 89 -1.00 -45.43 95.97
N ALA C 90 -1.04 -45.94 97.21
CA ALA C 90 -1.39 -47.34 97.45
C ALA C 90 -2.85 -47.61 97.14
N ILE C 91 -3.73 -46.63 97.39
CA ILE C 91 -5.14 -46.83 97.12
C ILE C 91 -5.45 -46.67 95.63
N ARG C 92 -4.98 -45.58 95.02
CA ARG C 92 -5.36 -45.30 93.64
C ARG C 92 -4.56 -46.13 92.64
N ASN C 93 -3.39 -46.64 93.03
CA ASN C 93 -2.61 -47.45 92.10
C ASN C 93 -3.18 -48.85 91.95
N ASP C 94 -3.68 -49.44 93.03
CA ASP C 94 -4.33 -50.74 92.98
C ASP C 94 -5.75 -50.55 92.44
N GLU C 95 -6.20 -51.47 91.60
CA GLU C 95 -7.52 -51.34 90.99
C GLU C 95 -8.62 -51.66 92.00
N GLU C 96 -8.46 -52.75 92.76
CA GLU C 96 -9.50 -53.17 93.68
C GLU C 96 -9.56 -52.27 94.91
N LEU C 97 -8.41 -51.73 95.32
CA LEU C 97 -8.41 -50.81 96.46
C LEU C 97 -9.00 -49.46 96.08
N ASN C 98 -8.82 -49.04 94.81
CA ASN C 98 -9.50 -47.84 94.33
C ASN C 98 -10.99 -48.09 94.14
N LYS C 99 -11.35 -49.32 93.77
CA LYS C 99 -12.76 -49.68 93.62
C LYS C 99 -13.46 -49.72 94.97
N LEU C 100 -12.75 -50.16 96.01
CA LEU C 100 -13.31 -50.16 97.36
C LEU C 100 -13.44 -48.74 97.90
N LEU C 101 -12.37 -47.96 97.82
CA LEU C 101 -12.39 -46.56 98.27
C LEU C 101 -12.66 -45.61 97.10
N GLY C 102 -13.79 -45.80 96.43
CA GLY C 102 -14.12 -44.96 95.29
C GLY C 102 -14.74 -43.64 95.68
N ARG C 103 -15.62 -43.64 96.67
CA ARG C 103 -16.26 -42.43 97.18
C ARG C 103 -15.54 -41.92 98.43
N VAL C 104 -14.24 -42.14 98.52
CA VAL C 104 -13.45 -41.85 99.71
C VAL C 104 -12.42 -40.79 99.35
N THR C 105 -12.44 -39.68 100.10
CA THR C 105 -11.44 -38.63 99.95
C THR C 105 -10.36 -38.80 101.00
N ILE C 106 -9.11 -38.87 100.56
CA ILE C 106 -7.97 -39.01 101.46
C ILE C 106 -7.36 -37.62 101.64
N ALA C 107 -7.29 -37.15 102.88
CA ALA C 107 -6.73 -35.84 103.18
C ALA C 107 -5.21 -35.88 103.01
N GLN C 108 -4.68 -34.80 102.41
CA GLN C 108 -3.26 -34.63 102.07
C GLN C 108 -2.75 -35.79 101.19
N GLY C 109 -3.61 -36.24 100.28
CA GLY C 109 -3.28 -37.36 99.42
C GLY C 109 -2.94 -36.93 98.00
N GLY C 110 -3.67 -35.95 97.48
CA GLY C 110 -3.43 -35.49 96.13
C GLY C 110 -4.03 -36.44 95.10
N VAL C 111 -3.54 -36.29 93.86
CA VAL C 111 -3.99 -37.09 92.74
C VAL C 111 -2.79 -37.72 92.06
N LEU C 112 -3.08 -38.70 91.20
CA LEU C 112 -2.03 -39.34 90.43
C LEU C 112 -1.57 -38.42 89.30
N PRO C 113 -0.28 -38.50 88.92
CA PRO C 113 0.20 -37.71 87.78
C PRO C 113 -0.37 -38.26 86.48
N ASN C 114 -1.28 -37.51 85.87
CA ASN C 114 -1.97 -37.96 84.67
C ASN C 114 -2.23 -36.76 83.78
N ILE C 115 -1.64 -36.75 82.59
CA ILE C 115 -1.82 -35.69 81.62
C ILE C 115 -2.41 -36.33 80.36
N GLN C 116 -3.52 -35.78 79.86
CA GLN C 116 -4.17 -36.32 78.68
C GLN C 116 -3.32 -36.05 77.43
N ALA C 117 -3.56 -36.84 76.39
CA ALA C 117 -2.71 -36.90 75.21
C ALA C 117 -2.75 -35.63 74.38
N VAL C 118 -3.89 -34.94 74.36
CA VAL C 118 -4.04 -33.73 73.54
C VAL C 118 -3.38 -32.57 74.27
N LEU C 119 -3.16 -32.72 75.58
CA LEU C 119 -2.48 -31.67 76.34
C LEU C 119 -0.98 -31.65 76.08
N LEU C 120 -0.42 -32.78 75.62
CA LEU C 120 1.00 -32.84 75.32
C LEU C 120 1.31 -32.00 74.07
N PRO C 121 2.44 -31.31 74.05
CA PRO C 121 2.80 -30.54 72.85
C PRO C 121 3.30 -31.45 71.74
N LYS C 122 3.31 -30.91 70.54
CA LYS C 122 3.75 -31.65 69.36
C LYS C 122 5.23 -31.41 69.09
N ARG D 35 -8.92 -36.44 132.29
CA ARG D 35 -8.42 -36.80 130.97
C ARG D 35 -9.14 -38.03 130.42
N SER D 36 -9.81 -37.86 129.28
CA SER D 36 -10.56 -38.95 128.68
C SER D 36 -9.62 -39.93 127.99
N ARG D 37 -9.93 -41.22 128.14
CA ARG D 37 -9.12 -42.28 127.53
C ARG D 37 -9.72 -42.72 126.19
N LYS D 38 -9.32 -42.01 125.13
CA LYS D 38 -9.83 -42.29 123.79
C LYS D 38 -9.17 -43.55 123.24
N GLU D 39 -9.98 -44.45 122.68
CA GLU D 39 -9.44 -45.66 122.09
C GLU D 39 -9.17 -45.47 120.60
N SER D 40 -8.26 -46.28 120.06
CA SER D 40 -7.88 -46.20 118.66
C SER D 40 -7.27 -47.53 118.25
N TYR D 41 -6.84 -47.62 116.98
CA TYR D 41 -6.15 -48.78 116.45
C TYR D 41 -4.70 -48.49 116.11
N SER D 42 -4.02 -47.68 116.93
CA SER D 42 -2.66 -47.23 116.60
C SER D 42 -1.64 -48.35 116.71
N ILE D 43 -1.57 -49.00 117.87
CA ILE D 43 -0.56 -50.03 118.10
C ILE D 43 -0.86 -51.27 117.28
N TYR D 44 -2.13 -51.53 116.98
CA TYR D 44 -2.50 -52.70 116.19
C TYR D 44 -2.07 -52.55 114.72
N VAL D 45 -2.38 -51.40 114.11
CA VAL D 45 -1.95 -51.13 112.74
C VAL D 45 -0.43 -50.99 112.69
N TYR D 46 0.17 -50.50 113.77
CA TYR D 46 1.63 -50.45 113.88
C TYR D 46 2.24 -51.87 113.89
N LYS D 47 1.57 -52.81 114.59
CA LYS D 47 2.06 -54.18 114.62
C LYS D 47 1.87 -54.88 113.27
N VAL D 48 0.76 -54.60 112.58
CA VAL D 48 0.53 -55.19 111.27
C VAL D 48 1.52 -54.61 110.25
N LEU D 49 1.84 -53.31 110.39
CA LEU D 49 2.86 -52.68 109.56
C LEU D 49 4.24 -53.27 109.80
N LYS D 50 4.58 -53.51 111.07
CA LYS D 50 5.87 -54.15 111.38
C LYS D 50 5.90 -55.59 110.88
N GLN D 51 4.73 -56.23 110.79
CA GLN D 51 4.67 -57.58 110.22
C GLN D 51 4.81 -57.59 108.70
N VAL D 52 4.40 -56.52 108.02
CA VAL D 52 4.49 -56.50 106.57
C VAL D 52 5.69 -55.69 106.08
N HIS D 53 6.25 -54.84 106.95
CA HIS D 53 7.38 -53.97 106.62
C HIS D 53 8.10 -53.59 107.92
N PRO D 54 9.14 -54.34 108.28
CA PRO D 54 9.84 -54.06 109.55
C PRO D 54 10.57 -52.72 109.55
N ASP D 55 11.23 -52.35 108.45
CA ASP D 55 11.94 -51.08 108.35
C ASP D 55 11.09 -50.04 107.62
N THR D 56 9.87 -49.81 108.12
CA THR D 56 9.01 -48.76 107.63
C THR D 56 8.16 -48.24 108.78
N GLY D 57 8.08 -46.92 108.90
CA GLY D 57 7.24 -46.27 109.88
C GLY D 57 6.01 -45.68 109.24
N ILE D 58 5.26 -44.93 110.07
CA ILE D 58 4.02 -44.30 109.63
C ILE D 58 3.84 -43.01 110.40
N SER D 59 3.32 -41.99 109.72
CA SER D 59 3.04 -40.70 110.33
C SER D 59 1.66 -40.70 110.97
N SER D 60 1.44 -39.72 111.85
CA SER D 60 0.15 -39.61 112.54
C SER D 60 -0.94 -39.14 111.59
N LYS D 61 -0.58 -38.36 110.57
CA LYS D 61 -1.54 -37.97 109.55
C LYS D 61 -1.98 -39.17 108.72
N ALA D 62 -1.06 -40.11 108.50
CA ALA D 62 -1.43 -41.38 107.86
C ALA D 62 -2.08 -42.33 108.84
N MET D 63 -1.74 -42.22 110.13
CA MET D 63 -2.33 -43.09 111.15
C MET D 63 -3.80 -42.78 111.36
N GLY D 64 -4.18 -41.50 111.30
CA GLY D 64 -5.58 -41.12 111.41
C GLY D 64 -6.38 -41.60 110.20
N ILE D 65 -5.76 -41.56 109.02
CA ILE D 65 -6.39 -42.09 107.81
C ILE D 65 -6.57 -43.61 107.91
N MET D 66 -5.58 -44.30 108.47
CA MET D 66 -5.68 -45.75 108.64
C MET D 66 -6.75 -46.13 109.67
N ASN D 67 -6.84 -45.35 110.76
CA ASN D 67 -7.87 -45.60 111.77
C ASN D 67 -9.27 -45.33 111.21
N SER D 68 -9.42 -44.27 110.41
CA SER D 68 -10.70 -43.99 109.78
C SER D 68 -11.04 -45.04 108.73
N PHE D 69 -10.02 -45.60 108.07
CA PHE D 69 -10.24 -46.68 107.11
C PHE D 69 -10.72 -47.94 107.79
N VAL D 70 -10.09 -48.29 108.92
CA VAL D 70 -10.48 -49.46 109.70
C VAL D 70 -11.90 -49.29 110.24
N ASN D 71 -12.22 -48.07 110.71
CA ASN D 71 -13.56 -47.82 111.24
C ASN D 71 -14.62 -47.82 110.14
N ASP D 72 -14.27 -47.33 108.95
CA ASP D 72 -15.22 -47.30 107.85
C ASP D 72 -15.50 -48.70 107.32
N ILE D 73 -14.45 -49.52 107.19
CA ILE D 73 -14.62 -50.91 106.75
C ILE D 73 -15.40 -51.70 107.80
N PHE D 74 -15.12 -51.45 109.09
CA PHE D 74 -15.85 -52.07 110.20
C PHE D 74 -17.34 -51.74 110.15
N GLU D 75 -17.66 -50.45 109.99
CA GLU D 75 -19.05 -50.01 109.92
C GLU D 75 -19.76 -50.58 108.71
N ARG D 76 -19.07 -50.64 107.57
CA ARG D 76 -19.68 -51.15 106.34
C ARG D 76 -19.97 -52.64 106.43
N ILE D 77 -19.00 -53.44 106.92
CA ILE D 77 -19.19 -54.88 106.98
C ILE D 77 -20.20 -55.24 108.08
N ALA D 78 -20.21 -54.49 109.19
CA ALA D 78 -21.17 -54.77 110.25
C ALA D 78 -22.59 -54.39 109.84
N GLY D 79 -22.74 -53.26 109.13
CA GLY D 79 -24.04 -52.88 108.62
C GLY D 79 -24.53 -53.81 107.53
N GLU D 80 -23.62 -54.35 106.72
CA GLU D 80 -24.01 -55.34 105.72
C GLU D 80 -24.46 -56.64 106.36
N ALA D 81 -23.79 -57.05 107.45
CA ALA D 81 -24.24 -58.20 108.21
C ALA D 81 -25.58 -57.94 108.88
N SER D 82 -25.81 -56.69 109.31
CA SER D 82 -27.08 -56.31 109.92
C SER D 82 -28.21 -56.36 108.90
N ARG D 83 -27.94 -55.88 107.68
CA ARG D 83 -28.90 -55.97 106.60
C ARG D 83 -29.21 -57.42 106.22
N LEU D 84 -28.19 -58.28 106.14
CA LEU D 84 -28.42 -59.69 105.83
C LEU D 84 -29.20 -60.42 106.93
N ALA D 85 -28.91 -60.09 108.21
CA ALA D 85 -29.63 -60.69 109.32
C ALA D 85 -31.08 -60.21 109.36
N HIS D 86 -31.31 -58.94 109.00
CA HIS D 86 -32.66 -58.41 108.96
C HIS D 86 -33.45 -58.99 107.78
N TYR D 87 -32.76 -59.28 106.68
CA TYR D 87 -33.44 -59.82 105.51
C TYR D 87 -33.76 -61.30 105.69
N ASN D 88 -32.88 -62.04 106.37
CA ASN D 88 -33.04 -63.48 106.52
C ASN D 88 -33.74 -63.88 107.80
N LYS D 89 -34.50 -62.94 108.40
CA LYS D 89 -35.29 -63.07 109.64
C LYS D 89 -34.55 -63.79 110.77
N ARG D 90 -33.27 -63.45 110.90
CA ARG D 90 -32.40 -64.05 111.91
C ARG D 90 -31.83 -62.97 112.81
N SER D 91 -31.88 -63.22 114.11
CA SER D 91 -31.40 -62.27 115.10
C SER D 91 -29.94 -62.50 115.47
N THR D 92 -29.27 -63.46 114.85
CA THR D 92 -27.89 -63.78 115.16
C THR D 92 -27.00 -63.44 113.97
N ILE D 93 -25.98 -62.62 114.23
CA ILE D 93 -24.93 -62.34 113.25
C ILE D 93 -23.79 -63.30 113.58
N THR D 94 -23.66 -64.34 112.77
CA THR D 94 -22.59 -65.31 112.92
C THR D 94 -21.43 -64.98 112.00
N SER D 95 -20.52 -65.93 111.87
CA SER D 95 -19.41 -65.78 110.93
C SER D 95 -19.90 -65.83 109.47
N ARG D 96 -21.04 -66.48 109.23
CA ARG D 96 -21.58 -66.58 107.88
C ARG D 96 -22.12 -65.23 107.40
N GLU D 97 -22.68 -64.44 108.31
CA GLU D 97 -23.20 -63.12 107.94
C GLU D 97 -22.06 -62.17 107.60
N ILE D 98 -20.97 -62.21 108.37
CA ILE D 98 -19.78 -61.42 108.05
C ILE D 98 -19.14 -61.93 106.76
N GLN D 99 -19.24 -63.24 106.51
CA GLN D 99 -18.67 -63.83 105.31
C GLN D 99 -19.39 -63.36 104.05
N THR D 100 -20.73 -63.37 104.08
CA THR D 100 -21.47 -62.88 102.92
C THR D 100 -21.42 -61.36 102.82
N ALA D 101 -21.19 -60.66 103.95
CA ALA D 101 -20.96 -59.22 103.91
C ALA D 101 -19.65 -58.89 103.21
N VAL D 102 -18.61 -59.68 103.47
CA VAL D 102 -17.33 -59.48 102.79
C VAL D 102 -17.44 -59.85 101.32
N ARG D 103 -18.16 -60.94 101.03
CA ARG D 103 -18.34 -61.36 99.64
C ARG D 103 -19.21 -60.39 98.85
N LEU D 104 -20.07 -59.62 99.53
CA LEU D 104 -20.82 -58.58 98.85
C LEU D 104 -19.99 -57.30 98.67
N LEU D 105 -19.31 -56.85 99.74
CA LEU D 105 -18.69 -55.53 99.72
C LEU D 105 -17.37 -55.50 98.94
N LEU D 106 -16.47 -56.46 99.20
CA LEU D 106 -15.13 -56.41 98.65
C LEU D 106 -15.09 -56.95 97.22
N PRO D 107 -14.18 -56.45 96.38
CA PRO D 107 -14.02 -57.00 95.02
C PRO D 107 -13.45 -58.42 95.06
N GLY D 108 -13.66 -59.15 93.96
CA GLY D 108 -13.48 -60.60 93.84
C GLY D 108 -12.25 -61.26 94.42
N GLU D 109 -11.06 -60.85 93.97
CA GLU D 109 -9.82 -61.40 94.51
C GLU D 109 -9.61 -60.97 95.96
N LEU D 110 -9.90 -59.70 96.25
CA LEU D 110 -9.81 -59.19 97.62
C LEU D 110 -10.82 -59.88 98.54
N ALA D 111 -12.04 -60.09 98.06
CA ALA D 111 -13.05 -60.78 98.85
C ALA D 111 -12.68 -62.25 99.06
N LYS D 112 -12.09 -62.88 98.05
CA LYS D 112 -11.69 -64.28 98.16
C LYS D 112 -10.55 -64.45 99.17
N HIS D 113 -9.56 -63.55 99.13
CA HIS D 113 -8.45 -63.61 100.06
C HIS D 113 -8.92 -63.29 101.48
N ALA D 114 -9.86 -62.34 101.62
CA ALA D 114 -10.40 -62.02 102.94
C ALA D 114 -11.26 -63.16 103.47
N VAL D 115 -11.96 -63.88 102.58
CA VAL D 115 -12.72 -65.06 102.97
C VAL D 115 -11.81 -66.15 103.49
N SER D 116 -10.68 -66.38 102.80
CA SER D 116 -9.72 -67.39 103.23
C SER D 116 -9.09 -67.03 104.57
N GLU D 117 -8.69 -65.77 104.74
CA GLU D 117 -8.11 -65.29 105.99
C GLU D 117 -9.10 -65.38 107.15
N GLY D 118 -10.35 -64.97 106.93
CA GLY D 118 -11.37 -65.04 107.94
C GLY D 118 -11.74 -66.46 108.35
N THR D 119 -11.85 -67.36 107.37
CA THR D 119 -12.17 -68.75 107.67
C THR D 119 -11.01 -69.43 108.39
N LYS D 120 -9.77 -69.09 108.02
CA LYS D 120 -8.58 -69.59 108.69
C LYS D 120 -8.54 -69.14 110.15
N ALA D 121 -8.81 -67.86 110.40
CA ALA D 121 -8.79 -67.37 111.77
C ALA D 121 -9.97 -67.89 112.59
N VAL D 122 -11.13 -68.11 111.95
CA VAL D 122 -12.28 -68.67 112.65
C VAL D 122 -12.02 -70.12 113.05
N THR D 123 -11.38 -70.90 112.16
CA THR D 123 -11.03 -72.27 112.49
C THR D 123 -9.94 -72.34 113.55
N LYS D 124 -8.98 -71.41 113.50
CA LYS D 124 -7.94 -71.37 114.54
C LYS D 124 -8.49 -70.92 115.89
N TYR D 125 -9.53 -70.08 115.89
CA TYR D 125 -10.17 -69.70 117.14
C TYR D 125 -11.02 -70.84 117.67
N THR D 126 -11.65 -71.61 116.77
CA THR D 126 -12.47 -72.75 117.16
C THR D 126 -11.63 -73.90 117.71
N SER D 127 -10.42 -74.12 117.19
CA SER D 127 -9.55 -75.19 117.67
C SER D 127 -9.07 -74.92 119.09
N ALA D 128 -8.61 -73.70 119.35
CA ALA D 128 -8.18 -73.33 120.69
C ALA D 128 -9.38 -73.05 121.59
N LYS D 129 -9.12 -73.01 122.89
CA LYS D 129 -10.17 -72.74 123.87
C LYS D 129 -9.60 -72.07 125.11
N HIS E 43 14.44 -15.61 76.83
CA HIS E 43 13.55 -15.61 75.69
C HIS E 43 12.08 -15.68 76.12
N ARG E 44 11.25 -16.31 75.30
CA ARG E 44 9.82 -16.41 75.55
C ARG E 44 9.39 -17.87 75.42
N TYR E 45 8.47 -18.29 76.30
CA TYR E 45 7.92 -19.63 76.24
C TYR E 45 6.58 -19.61 75.51
N ARG E 46 6.16 -20.76 75.02
CA ARG E 46 4.88 -20.87 74.33
C ARG E 46 3.74 -20.82 75.34
N PRO E 47 2.58 -20.28 74.97
CA PRO E 47 1.41 -20.36 75.87
C PRO E 47 0.87 -21.77 76.01
N GLY E 48 1.07 -22.37 77.17
CA GLY E 48 0.64 -23.73 77.44
C GLY E 48 1.71 -24.65 77.99
N THR E 49 2.99 -24.27 77.91
CA THR E 49 4.07 -25.09 78.47
C THR E 49 4.24 -24.87 79.97
N VAL E 50 4.11 -23.63 80.43
CA VAL E 50 4.15 -23.35 81.86
C VAL E 50 2.91 -23.93 82.54
N ALA E 51 1.79 -24.02 81.81
CA ALA E 51 0.60 -24.70 82.32
C ALA E 51 0.85 -26.19 82.53
N LEU E 52 1.54 -26.83 81.58
CA LEU E 52 1.87 -28.25 81.73
C LEU E 52 2.90 -28.46 82.85
N ARG E 53 3.83 -27.53 83.01
CA ARG E 53 4.79 -27.61 84.11
C ARG E 53 4.09 -27.44 85.46
N GLU E 54 3.08 -26.57 85.51
CA GLU E 54 2.29 -26.40 86.73
C GLU E 54 1.44 -27.64 87.01
N ILE E 55 0.96 -28.30 85.96
CA ILE E 55 0.20 -29.55 86.11
C ILE E 55 1.10 -30.63 86.70
N ARG E 56 2.32 -30.77 86.15
CA ARG E 56 3.27 -31.75 86.66
C ARG E 56 3.76 -31.40 88.07
N ARG E 57 3.75 -30.11 88.41
CA ARG E 57 4.18 -29.70 89.75
C ARG E 57 3.10 -29.97 90.79
N TYR E 58 1.85 -29.57 90.51
CA TYR E 58 0.78 -29.68 91.48
C TYR E 58 0.18 -31.08 91.54
N GLN E 59 0.36 -31.91 90.51
CA GLN E 59 -0.10 -33.29 90.59
C GLN E 59 0.81 -34.15 91.45
N LYS E 60 2.06 -33.73 91.66
CA LYS E 60 2.96 -34.46 92.54
C LYS E 60 2.92 -33.96 93.98
N SER E 61 2.30 -32.80 94.23
CA SER E 61 2.25 -32.20 95.54
C SER E 61 0.93 -32.51 96.23
N THR E 62 0.90 -32.28 97.54
CA THR E 62 -0.28 -32.55 98.36
C THR E 62 -0.76 -31.33 99.13
N GLU E 63 -0.08 -30.19 98.98
CA GLU E 63 -0.43 -29.00 99.74
C GLU E 63 -1.70 -28.36 99.20
N LEU E 64 -2.46 -27.74 100.10
CA LEU E 64 -3.73 -27.14 99.73
C LEU E 64 -3.50 -25.85 98.94
N LEU E 65 -4.27 -25.70 97.86
CA LEU E 65 -4.08 -24.62 96.91
C LEU E 65 -4.90 -23.38 97.22
N ILE E 66 -5.92 -23.48 98.06
CA ILE E 66 -6.66 -22.32 98.55
C ILE E 66 -6.04 -21.92 99.88
N ARG E 67 -5.82 -20.61 100.06
CA ARG E 67 -5.26 -20.13 101.32
C ARG E 67 -6.27 -20.27 102.45
N LYS E 68 -5.76 -20.37 103.68
CA LYS E 68 -6.59 -20.81 104.80
C LYS E 68 -7.52 -19.71 105.28
N LEU E 69 -7.06 -18.47 105.30
CA LEU E 69 -7.85 -17.37 105.87
C LEU E 69 -9.03 -16.91 105.01
N PRO E 70 -8.91 -16.70 103.68
CA PRO E 70 -10.13 -16.36 102.91
C PRO E 70 -11.14 -17.49 102.83
N PHE E 71 -10.67 -18.74 102.71
CA PHE E 71 -11.59 -19.87 102.72
C PHE E 71 -12.25 -20.04 104.08
N GLN E 72 -11.50 -19.75 105.15
CA GLN E 72 -12.05 -19.82 106.50
C GLN E 72 -13.11 -18.75 106.72
N ARG E 73 -12.86 -17.54 106.19
CA ARG E 73 -13.86 -16.48 106.26
C ARG E 73 -15.09 -16.81 105.41
N LEU E 74 -14.91 -17.49 104.28
CA LEU E 74 -16.05 -17.91 103.46
C LEU E 74 -16.87 -18.98 104.17
N VAL E 75 -16.18 -19.93 104.83
CA VAL E 75 -16.86 -20.97 105.61
C VAL E 75 -17.64 -20.36 106.76
N ARG E 76 -17.04 -19.37 107.44
CA ARG E 76 -17.73 -18.71 108.55
C ARG E 76 -18.90 -17.88 108.05
N GLU E 77 -18.77 -17.24 106.88
CA GLU E 77 -19.85 -16.44 106.31
C GLU E 77 -21.03 -17.33 105.89
N ILE E 78 -20.73 -18.51 105.35
CA ILE E 78 -21.79 -19.46 105.01
C ILE E 78 -22.42 -20.03 106.28
N ALA E 79 -21.61 -20.25 107.32
CA ALA E 79 -22.12 -20.83 108.55
C ALA E 79 -22.97 -19.85 109.35
N GLN E 80 -22.74 -18.55 109.18
CA GLN E 80 -23.59 -17.57 109.86
C GLN E 80 -24.98 -17.50 109.22
N ASP E 81 -25.11 -17.95 107.98
CA ASP E 81 -26.41 -17.97 107.32
C ASP E 81 -27.32 -19.07 107.85
N PHE E 82 -26.77 -20.08 108.52
CA PHE E 82 -27.55 -21.18 109.08
C PHE E 82 -27.73 -21.09 110.58
N LYS E 83 -26.74 -20.61 111.32
CA LYS E 83 -26.83 -20.48 112.77
C LYS E 83 -25.90 -19.38 113.23
N THR E 84 -26.41 -18.51 114.10
CA THR E 84 -25.60 -17.45 114.68
C THR E 84 -24.91 -17.95 115.94
N ASP E 85 -23.83 -17.24 116.30
CA ASP E 85 -22.96 -17.52 117.45
C ASP E 85 -22.39 -18.94 117.35
N LEU E 86 -21.58 -19.16 116.32
CA LEU E 86 -20.95 -20.45 116.07
C LEU E 86 -19.44 -20.31 116.20
N ARG E 87 -18.81 -21.36 116.74
CA ARG E 87 -17.37 -21.48 116.79
C ARG E 87 -16.94 -22.64 115.90
N PHE E 88 -15.72 -22.56 115.40
CA PHE E 88 -15.17 -23.57 114.50
C PHE E 88 -13.82 -24.05 115.00
N GLN E 89 -13.68 -25.37 115.11
CA GLN E 89 -12.38 -25.95 115.31
C GLN E 89 -11.53 -25.78 114.06
N SER E 90 -10.22 -25.68 114.24
CA SER E 90 -9.33 -25.48 113.11
C SER E 90 -9.27 -26.71 112.22
N SER E 91 -9.31 -27.91 112.81
CA SER E 91 -9.29 -29.13 112.01
C SER E 91 -10.60 -29.34 111.25
N ALA E 92 -11.71 -28.76 111.74
CA ALA E 92 -12.94 -28.76 110.96
C ALA E 92 -12.81 -27.94 109.67
N VAL E 93 -12.18 -26.76 109.77
CA VAL E 93 -11.94 -25.93 108.59
C VAL E 93 -10.93 -26.60 107.67
N MET E 94 -9.95 -27.32 108.24
CA MET E 94 -8.99 -28.07 107.43
C MET E 94 -9.67 -29.22 106.69
N ALA E 95 -10.62 -29.89 107.34
CA ALA E 95 -11.37 -30.97 106.73
C ALA E 95 -12.26 -30.46 105.60
N LEU E 96 -12.92 -29.32 105.84
CA LEU E 96 -13.73 -28.67 104.83
C LEU E 96 -12.89 -28.24 103.62
N GLN E 97 -11.68 -27.73 103.90
CA GLN E 97 -10.79 -27.27 102.83
C GLN E 97 -10.28 -28.45 102.02
N GLU E 98 -9.90 -29.54 102.68
CA GLU E 98 -9.40 -30.73 101.98
C GLU E 98 -10.50 -31.35 101.12
N ALA E 99 -11.71 -31.49 101.67
CA ALA E 99 -12.80 -32.09 100.93
C ALA E 99 -13.24 -31.22 99.75
N CYS E 100 -13.30 -29.90 99.96
CA CYS E 100 -13.69 -28.99 98.90
C CYS E 100 -12.64 -28.92 97.79
N GLU E 101 -11.36 -28.95 98.16
CA GLU E 101 -10.30 -28.89 97.16
C GLU E 101 -10.24 -30.18 96.35
N ALA E 102 -10.43 -31.33 97.00
CA ALA E 102 -10.46 -32.60 96.29
C ALA E 102 -11.68 -32.70 95.37
N TYR E 103 -12.83 -32.20 95.84
CA TYR E 103 -14.04 -32.18 95.01
C TYR E 103 -13.87 -31.27 93.81
N LEU E 104 -13.24 -30.11 93.99
CA LEU E 104 -13.01 -29.21 92.87
C LEU E 104 -11.96 -29.75 91.91
N VAL E 105 -10.98 -30.50 92.41
CA VAL E 105 -9.99 -31.12 91.55
C VAL E 105 -10.63 -32.22 90.69
N GLY E 106 -11.49 -33.03 91.30
CA GLY E 106 -12.21 -34.06 90.55
C GLY E 106 -13.19 -33.47 89.55
N LEU E 107 -13.84 -32.35 89.93
CA LEU E 107 -14.71 -31.64 89.01
C LEU E 107 -13.94 -31.03 87.85
N PHE E 108 -12.72 -30.56 88.11
CA PHE E 108 -11.88 -30.02 87.04
C PHE E 108 -11.36 -31.13 86.14
N GLU E 109 -11.17 -32.33 86.69
CA GLU E 109 -10.82 -33.50 85.90
C GLU E 109 -11.93 -33.86 84.92
N ASP E 110 -13.17 -33.95 85.43
CA ASP E 110 -14.31 -34.23 84.57
C ASP E 110 -14.58 -33.08 83.59
N THR E 111 -14.28 -31.84 84.00
CA THR E 111 -14.44 -30.68 83.13
C THR E 111 -13.45 -30.71 81.98
N ASN E 112 -12.20 -31.10 82.28
CA ASN E 112 -11.19 -31.24 81.23
C ASN E 112 -11.52 -32.39 80.30
N LEU E 113 -12.10 -33.47 80.84
CA LEU E 113 -12.55 -34.58 80.00
C LEU E 113 -13.67 -34.15 79.06
N CYS E 114 -14.62 -33.34 79.57
CA CYS E 114 -15.71 -32.83 78.74
C CYS E 114 -15.19 -31.85 77.69
N ALA E 115 -14.18 -31.05 78.03
CA ALA E 115 -13.62 -30.09 77.08
C ALA E 115 -12.83 -30.78 75.98
N ILE E 116 -12.14 -31.88 76.34
CA ILE E 116 -11.42 -32.67 75.35
C ILE E 116 -12.40 -33.39 74.44
N HIS E 117 -13.50 -33.89 75.01
CA HIS E 117 -14.54 -34.55 74.22
C HIS E 117 -15.28 -33.58 73.32
N ALA E 118 -15.33 -32.29 73.69
CA ALA E 118 -15.99 -31.27 72.90
C ALA E 118 -15.05 -30.61 71.90
N LYS E 119 -14.00 -31.33 71.48
CA LYS E 119 -13.01 -30.90 70.48
C LYS E 119 -12.28 -29.63 70.89
N ARG E 120 -12.05 -29.44 72.18
CA ARG E 120 -11.37 -28.26 72.69
C ARG E 120 -10.22 -28.66 73.61
N VAL E 121 -9.46 -27.65 74.06
CA VAL E 121 -8.41 -27.85 75.05
C VAL E 121 -8.67 -26.88 76.19
N THR E 122 -9.55 -25.92 75.94
CA THR E 122 -9.96 -24.94 76.95
C THR E 122 -11.26 -25.39 77.59
N ILE E 123 -11.28 -25.43 78.91
CA ILE E 123 -12.49 -25.79 79.63
C ILE E 123 -13.44 -24.60 79.64
N MET E 124 -14.72 -24.88 79.80
CA MET E 124 -15.78 -23.89 79.69
C MET E 124 -16.86 -24.22 80.70
N PRO E 125 -17.70 -23.23 81.08
CA PRO E 125 -18.81 -23.52 82.00
C PRO E 125 -19.83 -24.52 81.46
N LYS E 126 -19.94 -24.68 80.14
CA LYS E 126 -20.77 -25.76 79.60
C LYS E 126 -20.22 -27.14 79.95
N ASP E 127 -18.90 -27.28 80.06
CA ASP E 127 -18.30 -28.54 80.48
C ASP E 127 -18.61 -28.84 81.94
N ILE E 128 -18.57 -27.80 82.80
CA ILE E 128 -18.90 -27.90 84.21
C ILE E 128 -20.38 -28.27 84.34
N GLN E 129 -21.22 -27.66 83.51
CA GLN E 129 -22.65 -27.93 83.56
C GLN E 129 -22.98 -29.36 83.12
N LEU E 130 -22.30 -29.85 82.08
CA LEU E 130 -22.51 -31.22 81.64
C LEU E 130 -21.96 -32.22 82.65
N ALA E 131 -20.84 -31.91 83.28
CA ALA E 131 -20.26 -32.79 84.28
C ALA E 131 -21.15 -32.88 85.53
N ARG E 132 -21.72 -31.74 85.93
CA ARG E 132 -22.62 -31.75 87.09
C ARG E 132 -23.99 -32.31 86.72
N ARG E 133 -24.33 -32.30 85.43
CA ARG E 133 -25.59 -32.90 84.99
C ARG E 133 -25.50 -34.43 84.97
N ILE E 134 -24.41 -34.97 84.42
CA ILE E 134 -24.22 -36.41 84.40
C ILE E 134 -23.88 -36.92 85.80
N ARG E 135 -23.22 -36.09 86.62
CA ARG E 135 -22.91 -36.46 87.99
C ARG E 135 -24.16 -36.54 88.87
N GLY E 136 -25.17 -35.73 88.56
CA GLY E 136 -26.37 -35.72 89.35
C GLY E 136 -26.44 -34.63 90.40
N GLU E 137 -25.44 -33.74 90.42
CA GLU E 137 -25.47 -32.61 91.36
C GLU E 137 -26.38 -31.51 90.84
N ARG E 138 -26.12 -31.05 89.62
CA ARG E 138 -27.03 -30.12 88.96
C ARG E 138 -28.18 -30.88 88.32
N ALA E 139 -29.39 -30.43 88.58
CA ALA E 139 -30.59 -31.06 88.06
C ALA E 139 -30.74 -30.84 86.56
N ASN F 29 -14.66 -12.17 100.29
CA ASN F 29 -15.25 -13.35 100.92
C ASN F 29 -15.36 -14.48 99.91
N ILE F 30 -16.38 -14.41 99.04
CA ILE F 30 -16.49 -15.38 97.96
C ILE F 30 -15.45 -15.07 96.89
N GLN F 31 -15.01 -13.80 96.80
CA GLN F 31 -13.94 -13.41 95.92
C GLN F 31 -12.59 -13.66 96.58
N GLY F 32 -12.62 -14.07 97.86
CA GLY F 32 -11.41 -14.52 98.55
C GLY F 32 -10.83 -15.80 97.97
N ILE F 33 -11.65 -16.60 97.29
CA ILE F 33 -11.14 -17.71 96.49
C ILE F 33 -10.62 -17.10 95.21
N THR F 34 -9.31 -16.82 95.17
CA THR F 34 -8.75 -15.98 94.12
C THR F 34 -8.61 -16.75 92.82
N LYS F 35 -8.42 -15.99 91.73
CA LYS F 35 -8.15 -16.56 90.41
C LYS F 35 -6.89 -17.43 90.36
N PRO F 36 -5.75 -17.08 91.00
CA PRO F 36 -4.65 -18.08 91.05
C PRO F 36 -4.97 -19.31 91.87
N ALA F 37 -5.86 -19.22 92.86
CA ALA F 37 -6.24 -20.40 93.64
C ALA F 37 -7.03 -21.39 92.79
N ILE F 38 -8.02 -20.89 92.05
CA ILE F 38 -8.78 -21.73 91.13
C ILE F 38 -7.91 -22.18 89.97
N ARG F 39 -6.91 -21.37 89.60
CA ARG F 39 -5.93 -21.77 88.59
C ARG F 39 -5.10 -22.96 89.06
N ARG F 40 -4.66 -22.93 90.33
CA ARG F 40 -3.92 -24.06 90.90
C ARG F 40 -4.80 -25.29 91.05
N LEU F 41 -6.07 -25.08 91.38
CA LEU F 41 -7.01 -26.20 91.48
C LEU F 41 -7.26 -26.83 90.11
N ALA F 42 -7.23 -26.02 89.05
CA ALA F 42 -7.36 -26.57 87.71
C ALA F 42 -6.08 -27.24 87.24
N ARG F 43 -4.92 -26.73 87.70
CA ARG F 43 -3.64 -27.36 87.33
C ARG F 43 -3.48 -28.70 88.02
N ARG F 44 -4.01 -28.84 89.24
CA ARG F 44 -4.03 -30.13 89.90
C ARG F 44 -4.98 -31.11 89.22
N GLY F 45 -6.10 -30.62 88.68
CA GLY F 45 -7.01 -31.47 87.94
C GLY F 45 -6.59 -31.76 86.52
N GLY F 46 -5.50 -31.17 86.06
CA GLY F 46 -4.99 -31.43 84.73
C GLY F 46 -5.55 -30.54 83.63
N VAL F 47 -6.06 -29.37 83.98
CA VAL F 47 -6.62 -28.45 82.99
C VAL F 47 -5.50 -27.59 82.41
N LYS F 48 -5.38 -27.59 81.09
CA LYS F 48 -4.35 -26.81 80.41
C LYS F 48 -4.78 -25.35 80.22
N ARG F 49 -5.97 -25.12 79.69
CA ARG F 49 -6.44 -23.77 79.39
C ARG F 49 -7.74 -23.51 80.14
N ILE F 50 -7.85 -22.33 80.73
CA ILE F 50 -8.94 -21.97 81.65
C ILE F 50 -9.67 -20.78 81.06
N SER F 51 -11.00 -20.87 80.97
CA SER F 51 -11.78 -19.74 80.51
C SER F 51 -11.96 -18.71 81.62
N GLY F 52 -12.49 -17.54 81.26
CA GLY F 52 -12.64 -16.47 82.23
C GLY F 52 -13.79 -16.69 83.20
N LEU F 53 -14.87 -17.31 82.73
CA LEU F 53 -16.02 -17.56 83.58
C LEU F 53 -15.86 -18.82 84.43
N ILE F 54 -14.75 -19.55 84.24
CA ILE F 54 -14.49 -20.77 84.98
C ILE F 54 -14.32 -20.46 86.47
N TYR F 55 -13.68 -19.34 86.77
CA TYR F 55 -13.44 -18.94 88.16
C TYR F 55 -14.75 -18.62 88.87
N GLU F 56 -15.66 -17.92 88.19
CA GLU F 56 -16.95 -17.59 88.80
C GLU F 56 -17.84 -18.81 88.93
N GLU F 57 -17.81 -19.71 87.94
CA GLU F 57 -18.60 -20.94 88.01
C GLU F 57 -18.07 -21.86 89.12
N THR F 58 -16.75 -21.89 89.29
CA THR F 58 -16.14 -22.68 90.37
C THR F 58 -16.45 -22.07 91.73
N ARG F 59 -16.51 -20.73 91.80
CA ARG F 59 -16.92 -20.07 93.04
C ARG F 59 -18.37 -20.41 93.38
N GLY F 60 -19.25 -20.44 92.38
CA GLY F 60 -20.64 -20.80 92.63
C GLY F 60 -20.81 -22.25 93.05
N VAL F 61 -20.07 -23.15 92.40
CA VAL F 61 -20.14 -24.58 92.72
C VAL F 61 -19.58 -24.84 94.12
N LEU F 62 -18.47 -24.16 94.45
CA LEU F 62 -17.88 -24.26 95.79
C LEU F 62 -18.82 -23.69 96.84
N LYS F 63 -19.55 -22.61 96.51
CA LYS F 63 -20.50 -22.02 97.44
C LYS F 63 -21.67 -22.97 97.69
N VAL F 64 -22.15 -23.65 96.64
CA VAL F 64 -23.26 -24.59 96.77
C VAL F 64 -22.84 -25.81 97.60
N PHE F 65 -21.66 -26.35 97.30
CA PHE F 65 -21.16 -27.53 98.02
C PHE F 65 -20.87 -27.20 99.48
N LEU F 66 -20.26 -26.04 99.74
CA LEU F 66 -20.02 -25.60 101.11
C LEU F 66 -21.31 -25.30 101.84
N GLU F 67 -22.32 -24.79 101.14
CA GLU F 67 -23.63 -24.54 101.74
C GLU F 67 -24.28 -25.84 102.19
N ASN F 68 -24.22 -26.88 101.34
CA ASN F 68 -24.80 -28.17 101.69
C ASN F 68 -24.07 -28.84 102.85
N VAL F 69 -22.73 -28.89 102.79
CA VAL F 69 -21.96 -29.59 103.82
C VAL F 69 -22.02 -28.81 105.15
N ILE F 70 -21.90 -27.48 105.09
CA ILE F 70 -21.97 -26.67 106.30
C ILE F 70 -23.39 -26.68 106.88
N ARG F 71 -24.42 -26.76 106.03
CA ARG F 71 -25.79 -26.88 106.52
C ARG F 71 -26.01 -28.20 107.27
N ASP F 72 -25.49 -29.29 106.72
CA ASP F 72 -25.58 -30.58 107.40
C ASP F 72 -24.79 -30.59 108.71
N ALA F 73 -23.60 -29.96 108.71
CA ALA F 73 -22.79 -29.89 109.91
C ALA F 73 -23.42 -29.00 110.98
N VAL F 74 -24.10 -27.93 110.55
CA VAL F 74 -24.80 -27.05 111.49
C VAL F 74 -26.00 -27.77 112.08
N THR F 75 -26.68 -28.59 111.28
CA THR F 75 -27.77 -29.44 111.78
C THR F 75 -27.26 -30.45 112.81
N TYR F 76 -26.09 -31.04 112.53
CA TYR F 76 -25.43 -31.94 113.47
C TYR F 76 -25.08 -31.24 114.78
N THR F 77 -24.55 -30.01 114.69
CA THR F 77 -24.12 -29.30 115.88
C THR F 77 -25.30 -28.79 116.69
N GLU F 78 -26.39 -28.40 116.01
CA GLU F 78 -27.57 -27.90 116.71
C GLU F 78 -28.39 -29.05 117.30
N HIS F 79 -28.20 -30.27 116.77
CA HIS F 79 -28.74 -31.42 117.47
C HIS F 79 -27.83 -31.88 118.61
N ALA F 80 -26.53 -31.62 118.51
CA ALA F 80 -25.58 -31.96 119.58
C ALA F 80 -25.57 -30.96 120.72
N LYS F 81 -26.38 -29.90 120.64
CA LYS F 81 -26.53 -28.85 121.67
C LYS F 81 -25.20 -28.17 121.97
N ARG F 82 -24.49 -27.77 120.91
CA ARG F 82 -23.20 -27.14 121.02
C ARG F 82 -23.16 -25.88 120.16
N LYS F 83 -22.37 -24.91 120.61
CA LYS F 83 -22.12 -23.70 119.85
C LYS F 83 -20.78 -23.74 119.11
N THR F 84 -20.09 -24.87 119.13
CA THR F 84 -18.80 -25.04 118.48
C THR F 84 -18.90 -26.18 117.48
N VAL F 85 -18.84 -25.87 116.19
CA VAL F 85 -18.88 -26.88 115.14
C VAL F 85 -17.56 -27.63 115.12
N THR F 86 -17.60 -28.92 115.40
CA THR F 86 -16.39 -29.74 115.48
C THR F 86 -16.09 -30.37 114.12
N ALA F 87 -14.94 -31.07 114.06
CA ALA F 87 -14.59 -31.78 112.83
C ALA F 87 -15.40 -33.06 112.69
N MET F 88 -15.96 -33.56 113.80
CA MET F 88 -16.81 -34.73 113.73
C MET F 88 -18.09 -34.47 112.95
N ASP F 89 -18.70 -33.29 113.14
CA ASP F 89 -19.89 -32.93 112.38
C ASP F 89 -19.57 -32.75 110.90
N VAL F 90 -18.37 -32.25 110.60
CA VAL F 90 -17.93 -32.10 109.20
C VAL F 90 -17.74 -33.48 108.57
N VAL F 91 -17.14 -34.41 109.32
CA VAL F 91 -16.92 -35.77 108.84
C VAL F 91 -18.24 -36.49 108.61
N TYR F 92 -19.20 -36.32 109.53
CA TYR F 92 -20.50 -36.96 109.37
C TYR F 92 -21.31 -36.32 108.25
N ALA F 93 -21.13 -35.01 108.02
CA ALA F 93 -21.80 -34.35 106.91
C ALA F 93 -21.23 -34.80 105.57
N LEU F 94 -19.92 -35.03 105.51
CA LEU F 94 -19.32 -35.55 104.29
C LEU F 94 -19.67 -37.01 104.07
N LYS F 95 -19.85 -37.76 105.16
CA LYS F 95 -20.27 -39.15 105.04
C LYS F 95 -21.72 -39.25 104.59
N ARG F 96 -22.54 -38.26 104.96
CA ARG F 96 -23.92 -38.18 104.52
C ARG F 96 -24.02 -37.89 103.04
N GLN F 97 -23.19 -36.98 102.54
CA GLN F 97 -23.23 -36.54 101.15
C GLN F 97 -22.53 -37.48 100.18
N GLY F 98 -22.03 -38.63 100.65
CA GLY F 98 -21.34 -39.55 99.78
C GLY F 98 -19.94 -39.12 99.40
N ARG F 99 -19.35 -38.22 100.18
CA ARG F 99 -18.01 -37.69 99.96
C ARG F 99 -17.16 -37.88 101.21
N THR F 100 -17.13 -39.12 101.72
CA THR F 100 -16.51 -39.46 102.99
C THR F 100 -15.02 -39.18 103.00
N LEU F 101 -14.59 -38.38 103.97
CA LEU F 101 -13.20 -37.91 104.06
C LEU F 101 -12.47 -38.70 105.13
N TYR F 102 -11.28 -39.18 104.78
CA TYR F 102 -10.41 -39.90 105.69
C TYR F 102 -9.42 -38.94 106.33
N GLY F 103 -9.22 -39.08 107.64
CA GLY F 103 -8.18 -38.37 108.33
C GLY F 103 -8.61 -37.38 109.40
N PHE F 104 -9.89 -37.33 109.77
CA PHE F 104 -10.34 -36.41 110.79
C PHE F 104 -11.29 -37.09 111.77
N GLY F 105 -10.96 -38.30 112.20
CA GLY F 105 -11.79 -39.03 113.14
C GLY F 105 -12.99 -39.70 112.49
N GLY F 106 -12.73 -40.55 111.51
CA GLY F 106 -13.79 -41.25 110.82
C GLY F 106 -14.22 -42.52 111.52
N ALA G 18 -60.22 -42.60 123.39
CA ALA G 18 -59.85 -43.41 122.24
C ALA G 18 -58.90 -44.53 122.66
N LYS G 19 -58.99 -45.67 121.97
CA LYS G 19 -58.16 -46.83 122.29
C LYS G 19 -56.86 -46.83 121.51
N THR G 20 -56.94 -46.72 120.18
CA THR G 20 -55.74 -46.75 119.35
C THR G 20 -54.93 -45.48 119.52
N ARG G 21 -53.60 -45.61 119.43
CA ARG G 21 -52.72 -44.46 119.61
C ARG G 21 -52.74 -43.53 118.40
N SER G 22 -53.23 -44.00 117.25
CA SER G 22 -53.37 -43.13 116.10
C SER G 22 -54.53 -42.14 116.29
N SER G 23 -55.60 -42.60 116.95
CA SER G 23 -56.70 -41.70 117.28
C SER G 23 -56.32 -40.76 118.40
N ARG G 24 -55.39 -41.19 119.27
CA ARG G 24 -54.83 -40.28 120.26
C ARG G 24 -53.95 -39.22 119.60
N ALA G 25 -53.23 -39.60 118.54
CA ALA G 25 -52.29 -38.71 117.87
C ALA G 25 -52.89 -38.01 116.66
N GLY G 26 -54.18 -38.21 116.39
CA GLY G 26 -54.86 -37.54 115.30
C GLY G 26 -54.34 -37.89 113.93
N LEU G 27 -53.90 -39.13 113.76
CA LEU G 27 -53.25 -39.57 112.54
C LEU G 27 -53.93 -40.82 112.01
N GLN G 28 -53.75 -41.05 110.70
CA GLN G 28 -54.24 -42.29 110.11
C GLN G 28 -53.25 -43.44 110.32
N PHE G 29 -51.95 -43.18 110.10
CA PHE G 29 -50.87 -44.17 110.11
C PHE G 29 -50.71 -44.77 111.50
N PRO G 30 -50.40 -46.08 111.59
CA PRO G 30 -50.40 -46.76 112.89
C PRO G 30 -49.19 -46.40 113.77
N VAL G 31 -49.47 -45.91 114.97
CA VAL G 31 -48.39 -45.65 115.92
C VAL G 31 -47.83 -46.95 116.51
N GLY G 32 -48.69 -47.95 116.71
CA GLY G 32 -48.23 -49.20 117.31
C GLY G 32 -47.37 -50.02 116.38
N ARG G 33 -47.72 -50.05 115.08
CA ARG G 33 -46.94 -50.81 114.11
C ARG G 33 -45.58 -50.16 113.87
N VAL G 34 -45.56 -48.83 113.78
CA VAL G 34 -44.34 -48.06 113.60
C VAL G 34 -43.46 -48.19 114.84
N HIS G 35 -44.09 -48.23 116.03
CA HIS G 35 -43.36 -48.43 117.28
C HIS G 35 -42.75 -49.83 117.36
N ARG G 36 -43.49 -50.84 116.89
CA ARG G 36 -42.97 -52.20 116.89
C ARG G 36 -41.84 -52.36 115.89
N LEU G 37 -41.96 -51.71 114.73
CA LEU G 37 -40.90 -51.75 113.73
C LEU G 37 -39.67 -50.97 114.19
N LEU G 38 -39.88 -49.94 115.01
CA LEU G 38 -38.76 -49.23 115.62
C LEU G 38 -38.10 -50.08 116.69
N ARG G 39 -38.88 -50.87 117.43
CA ARG G 39 -38.31 -51.78 118.42
C ARG G 39 -37.70 -53.02 117.76
N LYS G 40 -38.42 -53.64 116.84
CA LYS G 40 -37.93 -54.83 116.15
C LYS G 40 -37.25 -54.46 114.85
N GLY G 41 -36.28 -53.55 114.91
CA GLY G 41 -35.53 -53.15 113.73
C GLY G 41 -34.06 -52.97 114.03
N ASN G 42 -33.68 -53.25 115.29
CA ASN G 42 -32.34 -53.06 115.83
C ASN G 42 -31.84 -51.63 115.62
N TYR G 43 -32.66 -50.68 116.08
CA TYR G 43 -32.38 -49.27 115.89
C TYR G 43 -31.74 -48.62 117.11
N SER G 44 -32.21 -48.95 118.31
CA SER G 44 -31.65 -48.45 119.55
C SER G 44 -32.03 -49.40 120.67
N GLU G 45 -31.43 -49.18 121.84
CA GLU G 45 -31.76 -49.97 123.02
C GLU G 45 -33.16 -49.63 123.51
N ARG G 46 -33.50 -48.34 123.50
CA ARG G 46 -34.82 -47.86 123.88
C ARG G 46 -35.41 -47.04 122.74
N VAL G 47 -36.74 -47.02 122.67
CA VAL G 47 -37.49 -46.26 121.67
C VAL G 47 -38.40 -45.30 122.42
N GLY G 48 -38.36 -44.03 122.04
CA GLY G 48 -39.18 -43.02 122.67
C GLY G 48 -40.66 -43.15 122.40
N ALA G 49 -41.48 -42.32 123.05
CA ALA G 49 -42.93 -42.38 122.89
C ALA G 49 -43.46 -41.47 121.80
N GLY G 50 -42.79 -40.35 121.53
CA GLY G 50 -43.23 -39.43 120.51
C GLY G 50 -42.56 -39.67 119.17
N ALA G 51 -41.50 -40.48 119.18
CA ALA G 51 -40.81 -40.82 117.93
C ALA G 51 -41.66 -41.65 116.95
N PRO G 52 -42.42 -42.68 117.36
CA PRO G 52 -43.31 -43.32 116.37
C PRO G 52 -44.47 -42.43 115.94
N VAL G 53 -44.91 -41.53 116.81
CA VAL G 53 -45.92 -40.53 116.44
C VAL G 53 -45.39 -39.62 115.36
N TYR G 54 -44.14 -39.17 115.52
CA TYR G 54 -43.47 -38.31 114.55
C TYR G 54 -43.27 -39.02 113.22
N LEU G 55 -42.87 -40.30 113.29
CA LEU G 55 -42.65 -41.07 112.07
C LEU G 55 -43.95 -41.33 111.32
N ALA G 56 -45.03 -41.63 112.06
CA ALA G 56 -46.34 -41.80 111.44
C ALA G 56 -46.86 -40.50 110.83
N ALA G 57 -46.59 -39.36 111.48
CA ALA G 57 -47.02 -38.07 110.93
C ALA G 57 -46.25 -37.73 109.66
N VAL G 58 -44.94 -38.00 109.64
CA VAL G 58 -44.12 -37.71 108.47
C VAL G 58 -44.52 -38.63 107.31
N LEU G 59 -44.78 -39.90 107.60
CA LEU G 59 -45.21 -40.84 106.57
C LEU G 59 -46.58 -40.48 106.02
N GLU G 60 -47.49 -40.04 106.90
CA GLU G 60 -48.83 -39.64 106.46
C GLU G 60 -48.79 -38.39 105.61
N TYR G 61 -47.94 -37.42 105.98
CA TYR G 61 -47.78 -36.20 105.20
C TYR G 61 -47.16 -36.48 103.84
N LEU G 62 -46.19 -37.40 103.79
CA LEU G 62 -45.53 -37.72 102.53
C LEU G 62 -46.48 -38.48 101.60
N THR G 63 -47.28 -39.40 102.16
CA THR G 63 -48.26 -40.10 101.34
C THR G 63 -49.35 -39.16 100.84
N ALA G 64 -49.75 -38.18 101.67
CA ALA G 64 -50.73 -37.19 101.24
C ALA G 64 -50.17 -36.30 100.14
N GLU G 65 -48.92 -35.87 100.29
CA GLU G 65 -48.24 -35.00 99.33
C GLU G 65 -48.03 -35.69 97.99
N ILE G 66 -47.75 -37.00 98.01
CA ILE G 66 -47.61 -37.73 96.75
C ILE G 66 -48.97 -38.04 96.15
N LEU G 67 -49.94 -38.45 96.98
CA LEU G 67 -51.23 -38.90 96.45
C LEU G 67 -52.06 -37.75 95.93
N GLU G 68 -51.81 -36.52 96.41
CA GLU G 68 -52.48 -35.34 95.86
C GLU G 68 -52.10 -35.13 94.40
N LEU G 69 -50.79 -35.09 94.12
CA LEU G 69 -50.33 -34.93 92.74
C LEU G 69 -50.62 -36.18 91.91
N ALA G 70 -50.71 -37.35 92.55
CA ALA G 70 -51.07 -38.56 91.83
C ALA G 70 -52.53 -38.53 91.39
N GLY G 71 -53.42 -38.06 92.25
CA GLY G 71 -54.81 -37.86 91.85
C GLY G 71 -54.96 -36.76 90.82
N ASN G 72 -54.10 -35.74 90.89
CA ASN G 72 -54.11 -34.70 89.87
C ASN G 72 -53.65 -35.24 88.51
N ALA G 73 -52.64 -36.12 88.50
CA ALA G 73 -52.18 -36.71 87.25
C ALA G 73 -53.19 -37.73 86.72
N ALA G 74 -53.94 -38.38 87.63
CA ALA G 74 -54.99 -39.30 87.19
C ALA G 74 -56.17 -38.53 86.62
N ARG G 75 -56.44 -37.34 87.16
CA ARG G 75 -57.49 -36.49 86.60
C ARG G 75 -57.05 -35.89 85.26
N ASP G 76 -55.74 -35.64 85.12
CA ASP G 76 -55.22 -35.11 83.86
C ASP G 76 -55.25 -36.17 82.76
N ASN G 77 -55.13 -37.45 83.14
CA ASN G 77 -55.17 -38.53 82.17
C ASN G 77 -56.59 -39.09 82.02
N LYS G 78 -57.55 -38.43 82.68
CA LYS G 78 -58.98 -38.78 82.65
C LYS G 78 -59.22 -40.21 83.10
N LYS G 79 -58.60 -40.60 84.21
CA LYS G 79 -58.66 -41.95 84.72
C LYS G 79 -58.97 -41.94 86.21
N THR G 80 -59.76 -42.91 86.65
CA THR G 80 -60.14 -42.99 88.06
C THR G 80 -59.03 -43.61 88.90
N ARG G 81 -58.42 -44.70 88.43
CA ARG G 81 -57.46 -45.47 89.20
C ARG G 81 -56.06 -44.93 88.95
N ILE G 82 -55.28 -44.80 90.03
CA ILE G 82 -53.91 -44.31 89.93
C ILE G 82 -53.03 -45.45 89.43
N ILE G 83 -52.36 -45.21 88.29
CA ILE G 83 -51.43 -46.18 87.72
C ILE G 83 -50.01 -45.71 88.08
N PRO G 84 -48.97 -46.53 87.91
CA PRO G 84 -47.60 -46.05 88.13
C PRO G 84 -47.16 -44.89 87.24
N ARG G 85 -47.82 -44.66 86.10
CA ARG G 85 -47.52 -43.50 85.27
C ARG G 85 -47.90 -42.21 86.00
N HIS G 86 -49.04 -42.21 86.70
CA HIS G 86 -49.46 -41.04 87.47
C HIS G 86 -48.51 -40.80 88.65
N LEU G 87 -48.04 -41.87 89.28
CA LEU G 87 -47.07 -41.74 90.37
C LEU G 87 -45.73 -41.22 89.87
N GLN G 88 -45.31 -41.66 88.68
CA GLN G 88 -44.06 -41.17 88.10
C GLN G 88 -44.17 -39.70 87.73
N LEU G 89 -45.32 -39.29 87.19
CA LEU G 89 -45.57 -37.89 86.89
C LEU G 89 -45.60 -37.04 88.15
N ALA G 90 -46.21 -37.57 89.22
CA ALA G 90 -46.28 -36.89 90.51
C ALA G 90 -44.91 -36.72 91.15
N ILE G 91 -44.05 -37.72 91.00
CA ILE G 91 -42.72 -37.65 91.59
C ILE G 91 -41.82 -36.73 90.78
N ARG G 92 -41.76 -36.95 89.46
CA ARG G 92 -40.84 -36.23 88.60
C ARG G 92 -41.27 -34.79 88.30
N ASN G 93 -42.55 -34.46 88.47
CA ASN G 93 -42.99 -33.09 88.19
C ASN G 93 -42.75 -32.16 89.37
N ASP G 94 -42.82 -32.67 90.60
CA ASP G 94 -42.51 -31.89 91.79
C ASP G 94 -41.01 -31.96 92.01
N GLU G 95 -40.37 -30.79 92.13
CA GLU G 95 -38.93 -30.69 92.27
C GLU G 95 -38.44 -31.27 93.59
N GLU G 96 -39.17 -31.01 94.67
CA GLU G 96 -38.77 -31.53 95.98
C GLU G 96 -39.03 -33.02 96.08
N LEU G 97 -40.05 -33.51 95.38
CA LEU G 97 -40.29 -34.95 95.33
C LEU G 97 -39.30 -35.64 94.40
N ASN G 98 -38.78 -34.90 93.42
CA ASN G 98 -37.76 -35.45 92.53
C ASN G 98 -36.42 -35.59 93.23
N LYS G 99 -36.07 -34.65 94.11
CA LYS G 99 -34.80 -34.70 94.84
C LYS G 99 -34.79 -35.81 95.89
N LEU G 100 -35.94 -36.06 96.52
CA LEU G 100 -36.07 -37.11 97.51
C LEU G 100 -35.96 -38.49 96.86
N LEU G 101 -36.47 -38.62 95.64
CA LEU G 101 -36.49 -39.88 94.92
C LEU G 101 -35.64 -39.81 93.65
N GLY G 102 -34.46 -39.20 93.75
CA GLY G 102 -33.60 -39.04 92.59
C GLY G 102 -32.94 -40.32 92.11
N ARG G 103 -32.66 -41.25 93.02
CA ARG G 103 -32.07 -42.53 92.63
C ARG G 103 -33.11 -43.64 92.74
N VAL G 104 -34.37 -43.30 92.50
CA VAL G 104 -35.49 -44.22 92.68
C VAL G 104 -36.09 -44.56 91.33
N THR G 105 -36.14 -45.86 91.03
CA THR G 105 -36.78 -46.37 89.82
C THR G 105 -38.18 -46.83 90.16
N ILE G 106 -39.17 -46.33 89.42
CA ILE G 106 -40.56 -46.71 89.59
C ILE G 106 -40.90 -47.68 88.46
N ALA G 107 -41.32 -48.90 88.83
CA ALA G 107 -41.70 -49.91 87.86
C ALA G 107 -43.00 -49.51 87.15
N GLN G 108 -43.01 -49.64 85.82
CA GLN G 108 -44.07 -49.23 84.90
C GLN G 108 -44.43 -47.75 85.02
N GLY G 109 -43.50 -46.90 85.48
CA GLY G 109 -43.77 -45.49 85.63
C GLY G 109 -43.45 -44.69 84.38
N GLY G 110 -42.36 -45.04 83.71
CA GLY G 110 -41.97 -44.35 82.51
C GLY G 110 -41.05 -43.17 82.77
N VAL G 111 -40.91 -42.34 81.75
CA VAL G 111 -40.08 -41.14 81.80
C VAL G 111 -40.93 -39.94 81.42
N LEU G 112 -40.40 -38.75 81.72
CA LEU G 112 -41.07 -37.52 81.32
C LEU G 112 -40.88 -37.30 79.81
N PRO G 113 -41.88 -36.77 79.12
CA PRO G 113 -41.70 -36.46 77.70
C PRO G 113 -40.85 -35.22 77.50
N ASN G 114 -39.62 -35.40 77.03
CA ASN G 114 -38.70 -34.28 76.81
C ASN G 114 -37.84 -34.55 75.59
N ILE G 115 -37.86 -33.61 74.65
CA ILE G 115 -37.02 -33.65 73.46
C ILE G 115 -36.09 -32.45 73.50
N GLN G 116 -34.81 -32.68 73.18
CA GLN G 116 -33.85 -31.58 73.17
C GLN G 116 -34.09 -30.70 71.96
N ALA G 117 -33.55 -29.48 72.03
CA ALA G 117 -33.91 -28.44 71.07
C ALA G 117 -33.28 -28.68 69.70
N VAL G 118 -32.11 -29.32 69.68
CA VAL G 118 -31.41 -29.58 68.42
C VAL G 118 -32.09 -30.69 67.62
N LEU G 119 -32.81 -31.60 68.28
CA LEU G 119 -33.48 -32.71 67.61
C LEU G 119 -34.73 -32.28 66.87
N LEU G 120 -35.26 -31.08 67.13
CA LEU G 120 -36.43 -30.61 66.39
C LEU G 120 -36.01 -30.09 65.02
N PRO G 121 -36.82 -30.33 63.98
CA PRO G 121 -36.52 -29.73 62.67
C PRO G 121 -36.89 -28.25 62.66
N LYS G 122 -36.16 -27.49 61.85
CA LYS G 122 -36.40 -26.06 61.74
C LYS G 122 -37.54 -25.74 60.78
N SER H 36 -51.27 -67.05 105.67
CA SER H 36 -50.22 -66.32 106.38
C SER H 36 -50.42 -64.81 106.22
N ARG H 37 -50.46 -64.11 107.34
CA ARG H 37 -50.72 -62.66 107.36
C ARG H 37 -49.52 -61.90 106.79
N LYS H 38 -49.76 -61.10 105.75
CA LYS H 38 -48.75 -60.21 105.19
C LYS H 38 -49.15 -58.78 105.54
N GLU H 39 -48.40 -58.18 106.46
CA GLU H 39 -48.70 -56.81 106.88
C GLU H 39 -48.29 -55.81 105.81
N SER H 40 -49.10 -54.76 105.68
CA SER H 40 -48.88 -53.74 104.68
C SER H 40 -49.56 -52.45 105.12
N TYR H 41 -49.25 -51.37 104.42
CA TYR H 41 -49.85 -50.06 104.66
C TYR H 41 -50.99 -49.77 103.68
N SER H 42 -51.75 -50.79 103.29
CA SER H 42 -52.75 -50.64 102.24
C SER H 42 -53.94 -49.79 102.68
N ILE H 43 -54.54 -50.14 103.83
CA ILE H 43 -55.76 -49.45 104.28
C ILE H 43 -55.45 -48.03 104.71
N TYR H 44 -54.23 -47.78 105.20
CA TYR H 44 -53.87 -46.42 105.61
C TYR H 44 -53.67 -45.52 104.41
N VAL H 45 -53.01 -46.02 103.36
CA VAL H 45 -52.88 -45.26 102.12
C VAL H 45 -54.23 -45.09 101.44
N TYR H 46 -55.12 -46.08 101.60
CA TYR H 46 -56.48 -45.96 101.09
C TYR H 46 -57.25 -44.85 101.82
N LYS H 47 -57.09 -44.77 103.14
CA LYS H 47 -57.71 -43.72 103.94
C LYS H 47 -57.18 -42.33 103.58
N VAL H 48 -55.86 -42.24 103.40
CA VAL H 48 -55.23 -40.96 103.05
C VAL H 48 -55.65 -40.53 101.64
N LEU H 49 -55.74 -41.49 100.71
CA LEU H 49 -56.15 -41.20 99.35
C LEU H 49 -57.61 -40.79 99.27
N LYS H 50 -58.48 -41.43 100.07
CA LYS H 50 -59.88 -41.02 100.12
C LYS H 50 -60.04 -39.69 100.84
N GLN H 51 -59.09 -39.36 101.72
CA GLN H 51 -59.09 -38.04 102.36
C GLN H 51 -58.68 -36.93 101.38
N VAL H 52 -57.75 -37.23 100.47
CA VAL H 52 -57.27 -36.22 99.54
C VAL H 52 -57.96 -36.28 98.18
N HIS H 53 -58.55 -37.42 97.80
CA HIS H 53 -59.18 -37.61 96.48
C HIS H 53 -60.24 -38.69 96.59
N PRO H 54 -61.50 -38.30 96.87
CA PRO H 54 -62.54 -39.30 97.17
C PRO H 54 -63.02 -40.11 95.97
N ASP H 55 -62.90 -39.54 94.77
CA ASP H 55 -63.30 -40.20 93.53
C ASP H 55 -62.13 -40.84 92.80
N THR H 56 -61.12 -41.31 93.55
CA THR H 56 -59.88 -41.79 92.95
C THR H 56 -59.43 -43.04 93.68
N GLY H 57 -59.30 -44.13 92.92
CA GLY H 57 -58.77 -45.37 93.45
C GLY H 57 -57.32 -45.54 93.09
N ILE H 58 -56.71 -46.64 93.52
CA ILE H 58 -55.32 -46.93 93.23
C ILE H 58 -55.23 -48.34 92.64
N SER H 59 -54.22 -48.56 91.81
CA SER H 59 -53.98 -49.89 91.26
C SER H 59 -53.07 -50.68 92.18
N SER H 60 -52.93 -51.98 91.88
CA SER H 60 -52.15 -52.86 92.73
C SER H 60 -50.65 -52.58 92.64
N LYS H 61 -50.18 -52.26 91.42
CA LYS H 61 -48.77 -51.93 91.23
C LYS H 61 -48.44 -50.59 91.89
N ALA H 62 -49.34 -49.62 91.77
CA ALA H 62 -49.13 -48.33 92.41
C ALA H 62 -49.22 -48.45 93.93
N MET H 63 -50.07 -49.36 94.41
CA MET H 63 -50.14 -49.64 95.85
C MET H 63 -48.86 -50.28 96.34
N GLY H 64 -48.27 -51.17 95.54
CA GLY H 64 -46.99 -51.79 95.88
C GLY H 64 -45.87 -50.75 95.88
N ILE H 65 -45.93 -49.80 94.95
CA ILE H 65 -44.94 -48.72 94.88
C ILE H 65 -45.05 -47.81 96.11
N MET H 66 -46.28 -47.48 96.51
CA MET H 66 -46.51 -46.65 97.70
C MET H 66 -46.07 -47.36 98.98
N ASN H 67 -46.37 -48.66 99.07
CA ASN H 67 -45.97 -49.44 100.25
C ASN H 67 -44.46 -49.61 100.33
N SER H 68 -43.78 -49.71 99.17
CA SER H 68 -42.33 -49.75 99.17
C SER H 68 -41.74 -48.39 99.53
N PHE H 69 -42.41 -47.31 99.10
CA PHE H 69 -41.95 -45.96 99.44
C PHE H 69 -42.05 -45.69 100.94
N VAL H 70 -43.13 -46.16 101.57
CA VAL H 70 -43.32 -45.97 103.01
C VAL H 70 -42.23 -46.70 103.79
N ASN H 71 -41.92 -47.94 103.38
CA ASN H 71 -40.88 -48.71 104.07
C ASN H 71 -39.49 -48.14 103.81
N ASP H 72 -39.26 -47.60 102.61
CA ASP H 72 -37.96 -47.02 102.29
C ASP H 72 -37.72 -45.73 103.08
N ILE H 73 -38.74 -44.87 103.16
CA ILE H 73 -38.63 -43.64 103.94
C ILE H 73 -38.51 -43.94 105.43
N PHE H 74 -39.25 -44.94 105.91
CA PHE H 74 -39.17 -45.37 107.30
C PHE H 74 -37.77 -45.88 107.64
N GLU H 75 -37.19 -46.70 106.75
CA GLU H 75 -35.85 -47.23 106.96
C GLU H 75 -34.80 -46.12 106.90
N ARG H 76 -34.98 -45.15 106.01
CA ARG H 76 -34.01 -44.06 105.89
C ARG H 76 -34.03 -43.16 107.11
N ILE H 77 -35.22 -42.78 107.58
CA ILE H 77 -35.34 -41.90 108.74
C ILE H 77 -34.90 -42.63 110.01
N ALA H 78 -35.24 -43.92 110.12
CA ALA H 78 -34.84 -44.70 111.29
C ALA H 78 -33.33 -44.93 111.32
N GLY H 79 -32.72 -45.15 110.15
CA GLY H 79 -31.27 -45.31 110.10
C GLY H 79 -30.54 -44.02 110.38
N GLU H 80 -31.09 -42.89 109.92
CA GLU H 80 -30.49 -41.59 110.23
C GLU H 80 -30.60 -41.27 111.73
N ALA H 81 -31.74 -41.58 112.34
CA ALA H 81 -31.92 -41.34 113.77
C ALA H 81 -31.04 -42.27 114.60
N SER H 82 -30.86 -43.51 114.14
CA SER H 82 -29.96 -44.44 114.81
C SER H 82 -28.52 -43.99 114.68
N ARG H 83 -28.16 -43.41 113.52
CA ARG H 83 -26.81 -42.89 113.32
C ARG H 83 -26.52 -41.71 114.24
N LEU H 84 -27.47 -40.78 114.36
CA LEU H 84 -27.24 -39.64 115.25
C LEU H 84 -27.32 -40.04 116.72
N ALA H 85 -28.10 -41.08 117.04
CA ALA H 85 -28.16 -41.58 118.41
C ALA H 85 -26.85 -42.28 118.78
N HIS H 86 -26.22 -42.94 117.80
CA HIS H 86 -24.90 -43.50 118.02
C HIS H 86 -23.84 -42.40 118.10
N TYR H 87 -24.07 -41.29 117.39
CA TYR H 87 -23.13 -40.17 117.42
C TYR H 87 -23.17 -39.42 118.74
N ASN H 88 -24.34 -39.22 119.32
CA ASN H 88 -24.50 -38.38 120.52
C ASN H 88 -24.40 -39.19 121.81
N LYS H 89 -23.92 -40.45 121.71
CA LYS H 89 -23.72 -41.38 122.82
C LYS H 89 -25.00 -41.59 123.64
N ARG H 90 -26.08 -41.99 122.98
CA ARG H 90 -27.38 -42.07 123.58
C ARG H 90 -28.09 -43.33 123.12
N SER H 91 -28.60 -44.12 124.06
CA SER H 91 -29.18 -45.41 123.78
C SER H 91 -30.68 -45.36 123.49
N THR H 92 -31.25 -44.16 123.29
CA THR H 92 -32.66 -44.06 122.98
C THR H 92 -32.85 -43.19 121.75
N ILE H 93 -34.01 -43.30 121.13
CA ILE H 93 -34.38 -42.46 119.98
C ILE H 93 -35.70 -41.78 120.32
N THR H 94 -35.65 -40.46 120.49
CA THR H 94 -36.82 -39.66 120.84
C THR H 94 -37.36 -38.94 119.62
N SER H 95 -38.26 -37.99 119.87
CA SER H 95 -38.85 -37.20 118.79
C SER H 95 -37.86 -36.25 118.15
N ARG H 96 -36.84 -35.82 118.90
CA ARG H 96 -35.88 -34.84 118.40
C ARG H 96 -34.96 -35.45 117.35
N GLU H 97 -34.61 -36.73 117.52
CA GLU H 97 -33.72 -37.40 116.59
C GLU H 97 -34.43 -37.66 115.26
N ILE H 98 -35.71 -38.05 115.33
CA ILE H 98 -36.52 -38.20 114.13
C ILE H 98 -36.73 -36.85 113.46
N GLN H 99 -36.84 -35.78 114.27
CA GLN H 99 -37.04 -34.44 113.75
C GLN H 99 -35.82 -33.95 112.97
N THR H 100 -34.63 -34.14 113.54
CA THR H 100 -33.43 -33.70 112.83
C THR H 100 -33.07 -34.64 111.68
N ALA H 101 -33.53 -35.90 111.74
CA ALA H 101 -33.36 -36.81 110.61
C ALA H 101 -34.26 -36.38 109.43
N VAL H 102 -35.47 -35.90 109.75
CA VAL H 102 -36.36 -35.36 108.72
C VAL H 102 -35.78 -34.07 108.15
N ARG H 103 -35.23 -33.21 109.02
CA ARG H 103 -34.60 -31.97 108.59
C ARG H 103 -33.34 -32.20 107.76
N LEU H 104 -32.64 -33.31 107.97
CA LEU H 104 -31.46 -33.64 107.19
C LEU H 104 -31.83 -34.30 105.87
N LEU H 105 -32.79 -35.22 105.88
CA LEU H 105 -33.08 -36.00 104.68
C LEU H 105 -33.93 -35.21 103.68
N LEU H 106 -35.12 -34.76 104.12
CA LEU H 106 -36.11 -34.13 103.25
C LEU H 106 -35.66 -32.71 102.86
N PRO H 107 -36.00 -32.27 101.65
CA PRO H 107 -35.68 -30.89 101.25
C PRO H 107 -36.54 -29.87 101.97
N GLY H 108 -36.10 -28.62 101.90
CA GLY H 108 -36.53 -27.48 102.72
C GLY H 108 -38.00 -27.29 103.03
N GLU H 109 -38.83 -27.09 102.01
CA GLU H 109 -40.27 -26.94 102.23
C GLU H 109 -40.90 -28.24 102.71
N LEU H 110 -40.48 -29.37 102.12
CA LEU H 110 -40.98 -30.67 102.53
C LEU H 110 -40.56 -31.00 103.96
N ALA H 111 -39.30 -30.71 104.30
CA ALA H 111 -38.80 -30.95 105.65
C ALA H 111 -39.49 -30.05 106.66
N LYS H 112 -39.76 -28.80 106.28
CA LYS H 112 -40.41 -27.85 107.18
C LYS H 112 -41.86 -28.24 107.45
N HIS H 113 -42.58 -28.66 106.40
CA HIS H 113 -43.97 -29.08 106.58
C HIS H 113 -44.06 -30.39 107.36
N ALA H 114 -43.12 -31.31 107.11
CA ALA H 114 -43.07 -32.55 107.86
C ALA H 114 -42.69 -32.31 109.32
N VAL H 115 -41.85 -31.30 109.57
CA VAL H 115 -41.49 -30.92 110.93
C VAL H 115 -42.71 -30.37 111.67
N SER H 116 -43.50 -29.53 110.99
CA SER H 116 -44.70 -28.96 111.61
C SER H 116 -45.73 -30.05 111.90
N GLU H 117 -45.91 -30.98 110.96
CA GLU H 117 -46.84 -32.11 111.11
C GLU H 117 -46.43 -33.04 112.23
N GLY H 118 -45.12 -33.33 112.30
CA GLY H 118 -44.62 -34.19 113.35
C GLY H 118 -44.75 -33.57 114.73
N THR H 119 -44.43 -32.28 114.84
CA THR H 119 -44.54 -31.60 116.13
C THR H 119 -45.99 -31.43 116.59
N LYS H 120 -46.93 -31.16 115.68
CA LYS H 120 -48.33 -31.07 116.09
C LYS H 120 -48.86 -32.44 116.49
N ALA H 121 -48.42 -33.51 115.80
CA ALA H 121 -48.81 -34.85 116.20
C ALA H 121 -48.23 -35.27 117.54
N VAL H 122 -46.97 -34.95 117.82
CA VAL H 122 -46.37 -35.27 119.12
C VAL H 122 -47.06 -34.50 120.25
N THR H 123 -47.40 -33.23 119.99
CA THR H 123 -48.06 -32.45 121.04
C THR H 123 -49.49 -32.92 121.31
N LYS H 124 -50.24 -33.29 120.27
CA LYS H 124 -51.61 -33.75 120.53
C LYS H 124 -51.63 -35.23 120.91
N TYR H 125 -50.50 -35.93 120.79
CA TYR H 125 -50.37 -37.23 121.45
C TYR H 125 -50.03 -37.05 122.93
N THR H 126 -49.26 -36.01 123.26
CA THR H 126 -48.85 -35.78 124.64
C THR H 126 -50.01 -35.25 125.48
N SER H 127 -50.82 -34.37 124.89
CA SER H 127 -51.96 -33.82 125.62
C SER H 127 -53.07 -34.85 125.80
N ALA H 128 -53.33 -35.62 124.75
CA ALA H 128 -54.36 -36.66 124.81
C ALA H 128 -53.73 -38.02 125.12
N PRO K 42 3.48 -27.03 -26.96
CA PRO K 42 4.11 -26.55 -28.19
C PRO K 42 5.64 -26.44 -28.06
N HIS K 43 6.26 -25.69 -28.98
CA HIS K 43 7.70 -25.48 -28.95
C HIS K 43 7.99 -24.01 -29.21
N ARG K 44 8.96 -23.47 -28.48
CA ARG K 44 9.33 -22.07 -28.61
C ARG K 44 10.83 -21.95 -28.34
N TYR K 45 11.56 -21.38 -29.28
CA TYR K 45 12.97 -21.13 -29.07
C TYR K 45 13.17 -19.99 -28.08
N ARG K 46 14.23 -20.09 -27.27
CA ARG K 46 14.53 -19.05 -26.29
C ARG K 46 15.01 -17.79 -27.00
N PRO K 47 14.82 -16.62 -26.38
CA PRO K 47 15.30 -15.37 -26.99
C PRO K 47 16.82 -15.32 -27.06
N GLY K 48 17.33 -15.34 -28.29
CA GLY K 48 18.75 -15.30 -28.54
C GLY K 48 19.29 -16.42 -29.41
N THR K 49 18.54 -17.50 -29.60
CA THR K 49 19.03 -18.62 -30.40
C THR K 49 18.77 -18.40 -31.89
N VAL K 50 17.58 -17.91 -32.24
CA VAL K 50 17.25 -17.62 -33.63
C VAL K 50 18.08 -16.47 -34.16
N ALA K 51 18.51 -15.55 -33.29
CA ALA K 51 19.43 -14.48 -33.69
C ALA K 51 20.78 -15.03 -34.14
N LEU K 52 21.33 -15.97 -33.36
CA LEU K 52 22.62 -16.58 -33.74
C LEU K 52 22.46 -17.48 -34.96
N ARG K 53 21.30 -18.13 -35.11
CA ARG K 53 21.04 -18.93 -36.30
C ARG K 53 20.97 -18.05 -37.55
N GLU K 54 20.34 -16.88 -37.44
CA GLU K 54 20.29 -15.95 -38.55
C GLU K 54 21.66 -15.34 -38.82
N ILE K 55 22.47 -15.17 -37.77
CA ILE K 55 23.84 -14.67 -37.93
C ILE K 55 24.66 -15.66 -38.75
N ARG K 56 24.56 -16.95 -38.42
CA ARG K 56 25.28 -17.98 -39.17
C ARG K 56 24.74 -18.12 -40.59
N ARG K 57 23.43 -17.97 -40.76
CA ARG K 57 22.81 -18.10 -42.09
C ARG K 57 23.23 -16.95 -43.01
N TYR K 58 23.17 -15.72 -42.51
CA TYR K 58 23.50 -14.57 -43.35
C TYR K 58 25.01 -14.32 -43.42
N GLN K 59 25.80 -14.99 -42.58
CA GLN K 59 27.24 -14.99 -42.78
C GLN K 59 27.69 -16.11 -43.70
N LYS K 60 26.88 -17.16 -43.87
CA LYS K 60 27.20 -18.20 -44.83
C LYS K 60 26.84 -17.80 -46.25
N SER K 61 25.79 -16.99 -46.43
CA SER K 61 25.28 -16.64 -47.73
C SER K 61 25.87 -15.32 -48.21
N THR K 62 25.66 -15.03 -49.50
CA THR K 62 26.16 -13.81 -50.12
C THR K 62 25.09 -12.98 -50.82
N GLU K 63 23.82 -13.36 -50.77
CA GLU K 63 22.78 -12.65 -51.50
C GLU K 63 22.43 -11.34 -50.81
N LEU K 64 21.85 -10.41 -51.58
CA LEU K 64 21.51 -9.10 -51.06
C LEU K 64 20.30 -9.18 -50.13
N LEU K 65 20.43 -8.53 -48.97
CA LEU K 65 19.40 -8.57 -47.94
C LEU K 65 18.35 -7.48 -48.11
N ILE K 66 18.71 -6.34 -48.68
CA ILE K 66 17.74 -5.31 -49.02
C ILE K 66 16.99 -5.72 -50.28
N ARG K 67 15.66 -5.60 -50.24
CA ARG K 67 14.84 -5.89 -51.41
C ARG K 67 15.09 -4.86 -52.51
N LYS K 68 14.90 -5.29 -53.76
CA LYS K 68 15.43 -4.56 -54.91
C LYS K 68 14.60 -3.34 -55.26
N LEU K 69 13.29 -3.50 -55.47
CA LEU K 69 12.45 -2.43 -56.02
C LEU K 69 12.21 -1.25 -55.08
N PRO K 70 11.97 -1.41 -53.74
CA PRO K 70 11.90 -0.21 -52.88
C PRO K 70 13.22 0.52 -52.76
N PHE K 71 14.34 -0.21 -52.80
CA PHE K 71 15.64 0.45 -52.81
C PHE K 71 15.89 1.19 -54.11
N GLN K 72 15.39 0.64 -55.22
CA GLN K 72 15.51 1.32 -56.51
C GLN K 72 14.65 2.57 -56.53
N ARG K 73 13.47 2.51 -55.91
CA ARG K 73 12.62 3.70 -55.77
C ARG K 73 13.27 4.74 -54.87
N LEU K 74 13.98 4.30 -53.83
CA LEU K 74 14.70 5.20 -52.95
C LEU K 74 15.85 5.88 -53.67
N VAL K 75 16.57 5.12 -54.50
CA VAL K 75 17.67 5.67 -55.29
C VAL K 75 17.16 6.68 -56.31
N ARG K 76 16.02 6.37 -56.95
CA ARG K 76 15.42 7.29 -57.91
C ARG K 76 14.89 8.55 -57.22
N GLU K 77 14.37 8.41 -56.00
CA GLU K 77 13.89 9.53 -55.22
C GLU K 77 15.03 10.45 -54.80
N ILE K 78 16.13 9.86 -54.33
CA ILE K 78 17.29 10.61 -53.86
C ILE K 78 17.97 11.31 -55.03
N ALA K 79 18.07 10.62 -56.17
CA ALA K 79 18.64 11.26 -57.35
C ALA K 79 17.68 12.25 -57.99
N GLN K 80 16.39 12.15 -57.66
CA GLN K 80 15.40 13.05 -58.25
C GLN K 80 15.47 14.44 -57.64
N ASP K 81 15.88 14.53 -56.38
CA ASP K 81 16.02 15.84 -55.74
C ASP K 81 17.39 16.44 -56.04
N PHE K 82 18.25 15.69 -56.70
CA PHE K 82 19.52 16.21 -57.16
C PHE K 82 19.49 16.63 -58.62
N LYS K 83 18.84 15.85 -59.49
CA LYS K 83 18.67 16.22 -60.89
C LYS K 83 17.45 15.51 -61.43
N THR K 84 16.50 16.29 -61.97
CA THR K 84 15.26 15.74 -62.48
C THR K 84 15.50 15.10 -63.85
N ASP K 85 14.63 14.13 -64.19
CA ASP K 85 14.66 13.37 -65.44
C ASP K 85 15.99 12.64 -65.64
N LEU K 86 16.26 11.68 -64.76
CA LEU K 86 17.45 10.85 -64.85
C LEU K 86 17.07 9.40 -65.01
N ARG K 87 17.72 8.72 -65.94
CA ARG K 87 17.57 7.28 -66.11
C ARG K 87 18.69 6.57 -65.36
N PHE K 88 18.45 5.30 -65.05
CA PHE K 88 19.37 4.52 -64.23
C PHE K 88 19.57 3.14 -64.85
N GLN K 89 20.83 2.77 -65.04
CA GLN K 89 21.16 1.39 -65.40
C GLN K 89 20.84 0.48 -64.24
N SER K 90 20.42 -0.75 -64.54
CA SER K 90 20.11 -1.71 -63.49
C SER K 90 21.37 -2.16 -62.76
N SER K 91 22.49 -2.27 -63.48
CA SER K 91 23.77 -2.58 -62.85
C SER K 91 24.26 -1.45 -61.96
N ALA K 92 23.89 -0.20 -62.26
CA ALA K 92 24.19 0.92 -61.36
C ALA K 92 23.44 0.80 -60.05
N VAL K 93 22.16 0.40 -60.09
CA VAL K 93 21.38 0.21 -58.87
C VAL K 93 21.91 -1.00 -58.10
N MET K 94 22.38 -2.02 -58.82
CA MET K 94 22.97 -3.19 -58.17
C MET K 94 24.28 -2.85 -57.48
N ALA K 95 25.11 -2.01 -58.11
CA ALA K 95 26.36 -1.59 -57.50
C ALA K 95 26.10 -0.69 -56.29
N LEU K 96 25.10 0.19 -56.39
CA LEU K 96 24.70 1.02 -55.25
C LEU K 96 24.19 0.16 -54.10
N GLN K 97 23.44 -0.90 -54.41
CA GLN K 97 22.91 -1.79 -53.38
C GLN K 97 24.04 -2.57 -52.71
N GLU K 98 25.01 -3.05 -53.49
CA GLU K 98 26.16 -3.76 -52.95
C GLU K 98 26.99 -2.88 -52.04
N ALA K 99 27.27 -1.64 -52.48
CA ALA K 99 28.05 -0.71 -51.67
C ALA K 99 27.31 -0.29 -50.41
N CYS K 100 25.99 -0.05 -50.51
CA CYS K 100 25.18 0.31 -49.35
C CYS K 100 25.13 -0.83 -48.34
N GLU K 101 24.94 -2.06 -48.82
CA GLU K 101 24.86 -3.20 -47.92
C GLU K 101 26.22 -3.47 -47.24
N ALA K 102 27.31 -3.33 -47.98
CA ALA K 102 28.65 -3.48 -47.43
C ALA K 102 28.95 -2.43 -46.35
N TYR K 103 28.60 -1.18 -46.63
CA TYR K 103 28.80 -0.10 -45.66
C TYR K 103 27.93 -0.30 -44.43
N LEU K 104 26.70 -0.78 -44.61
CA LEU K 104 25.82 -1.00 -43.46
C LEU K 104 26.24 -2.19 -42.62
N VAL K 105 26.72 -3.28 -43.24
CA VAL K 105 27.23 -4.42 -42.46
C VAL K 105 28.51 -4.04 -41.70
N GLY K 106 29.38 -3.23 -42.32
CA GLY K 106 30.57 -2.77 -41.61
C GLY K 106 30.22 -1.82 -40.46
N LEU K 107 29.19 -0.98 -40.67
CA LEU K 107 28.70 -0.09 -39.61
C LEU K 107 28.06 -0.90 -38.48
N PHE K 108 27.37 -1.99 -38.82
CA PHE K 108 26.78 -2.83 -37.78
C PHE K 108 27.85 -3.60 -37.02
N GLU K 109 28.95 -3.93 -37.68
CA GLU K 109 30.09 -4.56 -37.01
C GLU K 109 30.72 -3.61 -35.99
N ASP K 110 30.98 -2.37 -36.41
CA ASP K 110 31.51 -1.38 -35.47
C ASP K 110 30.51 -1.01 -34.38
N THR K 111 29.21 -1.04 -34.70
CA THR K 111 28.16 -0.76 -33.73
C THR K 111 28.10 -1.85 -32.67
N ASN K 112 28.21 -3.11 -33.09
CA ASN K 112 28.27 -4.22 -32.14
C ASN K 112 29.55 -4.17 -31.32
N LEU K 113 30.64 -3.66 -31.91
CA LEU K 113 31.88 -3.48 -31.15
C LEU K 113 31.72 -2.45 -30.03
N CYS K 114 31.09 -1.30 -30.33
CA CYS K 114 30.82 -0.32 -29.28
C CYS K 114 29.79 -0.81 -28.27
N ALA K 115 28.85 -1.66 -28.72
CA ALA K 115 27.86 -2.21 -27.79
C ALA K 115 28.49 -3.22 -26.83
N ILE K 116 29.48 -3.97 -27.32
CA ILE K 116 30.22 -4.87 -26.45
C ILE K 116 31.12 -4.08 -25.51
N HIS K 117 31.76 -3.02 -26.02
CA HIS K 117 32.65 -2.21 -25.19
C HIS K 117 31.88 -1.42 -24.14
N ALA K 118 30.60 -1.13 -24.37
CA ALA K 118 29.76 -0.44 -23.41
C ALA K 118 29.05 -1.41 -22.45
N LYS K 119 29.59 -2.63 -22.31
CA LYS K 119 29.11 -3.66 -21.38
C LYS K 119 27.66 -4.06 -21.66
N ARG K 120 27.29 -4.16 -22.93
CA ARG K 120 25.95 -4.55 -23.34
C ARG K 120 26.01 -5.66 -24.38
N VAL K 121 24.83 -6.14 -24.77
CA VAL K 121 24.73 -7.14 -25.82
C VAL K 121 23.76 -6.60 -26.87
N THR K 122 23.03 -5.55 -26.51
CA THR K 122 22.09 -4.89 -27.41
C THR K 122 22.74 -3.63 -27.97
N ILE K 123 22.68 -3.47 -29.28
CA ILE K 123 23.23 -2.29 -29.93
C ILE K 123 22.30 -1.11 -29.70
N MET K 124 22.86 0.09 -29.72
CA MET K 124 22.14 1.32 -29.47
C MET K 124 22.52 2.33 -30.55
N PRO K 125 21.68 3.35 -30.78
CA PRO K 125 22.09 4.41 -31.72
C PRO K 125 23.31 5.20 -31.28
N LYS K 126 23.60 5.24 -29.98
CA LYS K 126 24.81 5.92 -29.52
C LYS K 126 26.07 5.13 -29.91
N ASP K 127 25.94 3.81 -30.09
CA ASP K 127 27.03 3.00 -30.61
C ASP K 127 27.33 3.36 -32.06
N ILE K 128 26.27 3.55 -32.85
CA ILE K 128 26.34 4.00 -34.24
C ILE K 128 27.02 5.37 -34.29
N GLN K 129 26.60 6.26 -33.38
CA GLN K 129 27.15 7.61 -33.35
C GLN K 129 28.63 7.61 -32.97
N LEU K 130 29.01 6.77 -32.00
CA LEU K 130 30.42 6.69 -31.60
C LEU K 130 31.27 6.08 -32.69
N ALA K 131 30.76 5.06 -33.39
CA ALA K 131 31.49 4.45 -34.50
C ALA K 131 31.66 5.44 -35.66
N ARG K 132 30.64 6.27 -35.90
CA ARG K 132 30.75 7.25 -36.98
C ARG K 132 31.65 8.41 -36.58
N ARG K 133 31.74 8.71 -35.27
CA ARG K 133 32.63 9.78 -34.83
C ARG K 133 34.10 9.34 -34.85
N ILE K 134 34.36 8.08 -34.46
CA ILE K 134 35.73 7.57 -34.54
C ILE K 134 36.12 7.36 -36.00
N ARG K 135 35.16 6.94 -36.83
CA ARG K 135 35.40 6.78 -38.27
C ARG K 135 35.66 8.12 -38.95
N GLY K 136 35.14 9.21 -38.41
CA GLY K 136 35.28 10.52 -39.04
C GLY K 136 34.16 10.83 -40.01
N GLU K 137 33.00 10.23 -39.83
CA GLU K 137 31.86 10.46 -40.69
C GLU K 137 30.98 11.58 -40.12
N ARG K 138 30.45 12.40 -41.02
CA ARG K 138 29.61 13.52 -40.64
C ARG K 138 28.27 13.46 -41.34
N LYS L 24 4.84 9.80 -62.36
CA LYS L 24 4.47 9.40 -61.02
C LYS L 24 5.48 9.91 -60.00
N VAL L 25 4.98 10.54 -58.93
CA VAL L 25 5.85 11.04 -57.88
C VAL L 25 6.39 9.89 -57.05
N LEU L 26 7.50 10.15 -56.34
CA LEU L 26 8.15 9.16 -55.49
C LEU L 26 8.36 9.75 -54.11
N ARG L 27 7.53 9.32 -53.16
CA ARG L 27 7.63 9.79 -51.78
C ARG L 27 7.83 8.58 -50.87
N ASP L 28 8.28 8.86 -49.64
CA ASP L 28 8.49 7.95 -48.49
C ASP L 28 9.12 6.60 -48.86
N ASN L 29 10.07 6.59 -49.80
CA ASN L 29 10.70 5.34 -50.21
C ASN L 29 11.78 4.91 -49.23
N ILE L 30 12.15 5.79 -48.29
CA ILE L 30 13.16 5.48 -47.28
C ILE L 30 12.59 4.43 -46.32
N GLN L 31 11.27 4.41 -46.16
CA GLN L 31 10.60 3.36 -45.40
C GLN L 31 10.42 2.08 -46.21
N GLY L 32 10.89 2.04 -47.46
CA GLY L 32 10.96 0.78 -48.18
C GLY L 32 12.03 -0.13 -47.62
N ILE L 33 13.01 0.44 -46.91
CA ILE L 33 14.00 -0.34 -46.19
C ILE L 33 13.37 -0.80 -44.90
N THR L 34 12.78 -2.00 -44.91
CA THR L 34 12.00 -2.50 -43.79
C THR L 34 12.87 -2.86 -42.59
N LYS L 35 12.25 -2.90 -41.41
CA LYS L 35 12.87 -3.34 -40.17
C LYS L 35 13.46 -4.76 -40.23
N PRO L 36 12.80 -5.76 -40.87
CA PRO L 36 13.53 -7.04 -41.06
C PRO L 36 14.72 -6.96 -42.01
N ALA L 37 14.74 -6.01 -42.94
CA ALA L 37 15.90 -5.87 -43.83
C ALA L 37 17.10 -5.34 -43.05
N ILE L 38 16.87 -4.36 -42.17
CA ILE L 38 17.89 -3.81 -41.28
C ILE L 38 18.27 -4.86 -40.25
N ARG L 39 17.33 -5.74 -39.91
CA ARG L 39 17.62 -6.87 -39.03
C ARG L 39 18.54 -7.87 -39.70
N ARG L 40 18.30 -8.16 -40.98
CA ARG L 40 19.16 -9.06 -41.75
C ARG L 40 20.55 -8.48 -41.93
N LEU L 41 20.64 -7.17 -42.17
CA LEU L 41 21.92 -6.50 -42.30
C LEU L 41 22.69 -6.51 -40.98
N ALA L 42 21.96 -6.49 -39.86
CA ALA L 42 22.60 -6.60 -38.56
C ALA L 42 23.02 -8.02 -38.24
N ARG L 43 22.26 -9.02 -38.68
CA ARG L 43 22.62 -10.42 -38.52
C ARG L 43 23.85 -10.78 -39.35
N ARG L 44 23.99 -10.19 -40.54
CA ARG L 44 25.22 -10.32 -41.30
C ARG L 44 26.40 -9.63 -40.62
N GLY L 45 26.14 -8.54 -39.90
CA GLY L 45 27.16 -7.81 -39.17
C GLY L 45 27.48 -8.34 -37.80
N GLY L 46 26.86 -9.43 -37.38
CA GLY L 46 27.14 -10.00 -36.08
C GLY L 46 26.40 -9.40 -34.93
N VAL L 47 25.26 -8.77 -35.16
CA VAL L 47 24.46 -8.19 -34.08
C VAL L 47 23.40 -9.19 -33.65
N LYS L 48 23.40 -9.53 -32.36
CA LYS L 48 22.44 -10.46 -31.77
C LYS L 48 21.16 -9.78 -31.30
N ARG L 49 21.27 -8.67 -30.58
CA ARG L 49 20.12 -7.95 -30.07
C ARG L 49 20.11 -6.54 -30.66
N ILE L 50 18.99 -6.16 -31.26
CA ILE L 50 18.85 -4.87 -31.93
C ILE L 50 17.80 -4.06 -31.20
N SER L 51 18.12 -2.81 -30.88
CA SER L 51 17.15 -1.93 -30.25
C SER L 51 16.10 -1.47 -31.26
N GLY L 52 14.96 -1.00 -30.76
CA GLY L 52 13.91 -0.52 -31.64
C GLY L 52 14.22 0.82 -32.27
N LEU L 53 15.11 1.60 -31.67
CA LEU L 53 15.51 2.89 -32.21
C LEU L 53 16.60 2.78 -33.26
N ILE L 54 17.04 1.57 -33.59
CA ILE L 54 18.09 1.39 -34.58
C ILE L 54 17.53 1.57 -35.99
N TYR L 55 16.38 0.93 -36.27
CA TYR L 55 15.89 0.75 -37.63
C TYR L 55 15.53 2.07 -38.30
N GLU L 56 15.17 3.08 -37.51
CA GLU L 56 15.02 4.41 -38.08
C GLU L 56 16.38 5.04 -38.38
N GLU L 57 17.24 5.10 -37.36
CA GLU L 57 18.47 5.90 -37.41
C GLU L 57 19.44 5.41 -38.48
N THR L 58 19.63 4.09 -38.57
CA THR L 58 20.46 3.49 -39.60
C THR L 58 19.96 3.84 -41.00
N ARG L 59 18.62 3.89 -41.17
CA ARG L 59 18.03 4.33 -42.43
C ARG L 59 18.47 5.74 -42.79
N GLY L 60 18.51 6.63 -41.79
CA GLY L 60 19.02 7.97 -42.02
C GLY L 60 20.48 7.96 -42.42
N VAL L 61 21.26 7.07 -41.79
CA VAL L 61 22.68 6.91 -42.14
C VAL L 61 22.81 6.39 -43.56
N LEU L 62 21.83 5.56 -43.99
CA LEU L 62 21.79 5.10 -45.37
C LEU L 62 21.59 6.27 -46.32
N LYS L 63 20.74 7.23 -45.94
CA LYS L 63 20.61 8.47 -46.69
C LYS L 63 21.92 9.24 -46.68
N VAL L 64 22.61 9.25 -45.52
CA VAL L 64 23.92 9.88 -45.39
C VAL L 64 24.93 9.16 -46.29
N PHE L 65 24.72 7.87 -46.52
CA PHE L 65 25.50 7.18 -47.54
C PHE L 65 25.08 7.63 -48.94
N LEU L 66 23.78 7.53 -49.23
CA LEU L 66 23.33 7.57 -50.62
C LEU L 66 23.42 8.97 -51.21
N GLU L 67 23.06 9.99 -50.42
CA GLU L 67 23.23 11.36 -50.86
C GLU L 67 24.69 11.76 -50.97
N ASN L 68 25.60 10.99 -50.33
CA ASN L 68 27.02 11.24 -50.53
C ASN L 68 27.53 10.58 -51.80
N VAL L 69 26.82 9.58 -52.31
CA VAL L 69 27.33 8.85 -53.46
C VAL L 69 26.75 9.39 -54.77
N ILE L 70 25.43 9.40 -54.89
CA ILE L 70 24.75 9.70 -56.15
C ILE L 70 24.98 11.15 -56.56
N ARG L 71 25.10 12.06 -55.58
CA ARG L 71 25.42 13.46 -55.84
C ARG L 71 26.77 13.61 -56.55
N ASP L 72 27.71 12.71 -56.23
CA ASP L 72 28.95 12.66 -56.99
C ASP L 72 28.71 12.10 -58.38
N ALA L 73 27.92 11.01 -58.47
CA ALA L 73 27.77 10.28 -59.72
C ALA L 73 27.00 11.09 -60.76
N VAL L 74 25.98 11.82 -60.31
CA VAL L 74 25.26 12.75 -61.18
C VAL L 74 26.22 13.85 -61.66
N THR L 75 27.16 14.24 -60.78
CA THR L 75 28.20 15.20 -61.16
C THR L 75 29.09 14.61 -62.25
N TYR L 76 29.26 13.29 -62.27
CA TYR L 76 29.89 12.64 -63.41
C TYR L 76 28.95 12.64 -64.61
N THR L 77 27.67 12.34 -64.36
CA THR L 77 26.69 12.23 -65.44
C THR L 77 26.40 13.61 -66.04
N GLU L 78 26.54 14.67 -65.24
CA GLU L 78 26.43 16.02 -65.78
C GLU L 78 27.63 16.38 -66.63
N HIS L 79 28.79 15.76 -66.37
CA HIS L 79 29.98 16.08 -67.16
C HIS L 79 30.01 15.27 -68.45
N ALA L 80 29.38 14.10 -68.45
CA ALA L 80 29.29 13.27 -69.65
C ALA L 80 28.17 13.70 -70.57
N LYS L 81 27.38 14.71 -70.19
CA LYS L 81 26.23 15.22 -70.93
C LYS L 81 25.21 14.11 -71.21
N ARG L 82 24.95 13.32 -70.17
CA ARG L 82 24.06 12.17 -70.27
C ARG L 82 22.87 12.35 -69.35
N LYS L 83 21.75 11.77 -69.74
CA LYS L 83 20.55 11.73 -68.92
C LYS L 83 20.32 10.36 -68.29
N THR L 84 21.25 9.42 -68.50
CA THR L 84 21.16 8.09 -67.93
C THR L 84 22.37 7.87 -67.03
N VAL L 85 22.10 7.61 -65.75
CA VAL L 85 23.16 7.35 -64.78
C VAL L 85 23.68 5.94 -65.00
N THR L 86 24.94 5.82 -65.40
CA THR L 86 25.58 4.54 -65.67
C THR L 86 26.22 4.00 -64.40
N ALA L 87 26.66 2.74 -64.48
CA ALA L 87 27.36 2.13 -63.35
C ALA L 87 28.78 2.67 -63.23
N MET L 88 29.32 3.20 -64.33
CA MET L 88 30.66 3.78 -64.31
C MET L 88 30.71 5.03 -63.44
N ASP L 89 29.68 5.88 -63.54
CA ASP L 89 29.60 7.05 -62.66
C ASP L 89 29.42 6.65 -61.20
N VAL L 90 28.72 5.54 -60.97
CA VAL L 90 28.51 5.02 -59.62
C VAL L 90 29.83 4.55 -59.02
N VAL L 91 30.63 3.81 -59.79
CA VAL L 91 31.88 3.29 -59.23
C VAL L 91 32.93 4.39 -59.16
N TYR L 92 32.82 5.43 -59.99
CA TYR L 92 33.70 6.59 -59.83
C TYR L 92 33.32 7.39 -58.58
N ALA L 93 32.02 7.49 -58.29
CA ALA L 93 31.56 8.14 -57.07
C ALA L 93 32.02 7.37 -55.83
N LEU L 94 32.00 6.04 -55.92
CA LEU L 94 32.50 5.20 -54.83
C LEU L 94 34.03 5.29 -54.71
N LYS L 95 34.69 5.52 -55.84
CA LYS L 95 36.14 5.73 -55.83
C LYS L 95 36.50 7.04 -55.13
N ARG L 96 35.67 8.08 -55.33
CA ARG L 96 35.97 9.37 -54.72
C ARG L 96 35.76 9.33 -53.21
N GLN L 97 34.77 8.55 -52.75
CA GLN L 97 34.47 8.42 -51.32
C GLN L 97 35.39 7.43 -50.60
N GLY L 98 36.35 6.82 -51.29
CA GLY L 98 37.23 5.84 -50.68
C GLY L 98 36.54 4.53 -50.38
N ARG L 99 35.52 4.19 -51.16
CA ARG L 99 34.71 2.99 -50.95
C ARG L 99 34.53 2.27 -52.28
N THR L 100 35.63 2.06 -53.01
CA THR L 100 35.59 1.52 -54.36
C THR L 100 35.12 0.07 -54.38
N LEU L 101 34.61 -0.35 -55.53
CA LEU L 101 33.87 -1.61 -55.65
C LEU L 101 34.38 -2.38 -56.86
N TYR L 102 34.56 -3.69 -56.68
CA TYR L 102 34.95 -4.58 -57.77
C TYR L 102 33.72 -5.30 -58.32
N GLY L 103 33.73 -5.56 -59.62
CA GLY L 103 32.69 -6.33 -60.27
C GLY L 103 31.75 -5.54 -61.17
N PHE L 104 31.84 -4.20 -61.19
CA PHE L 104 30.96 -3.40 -62.02
C PHE L 104 31.75 -2.48 -62.96
N GLY L 105 33.01 -2.81 -63.23
CA GLY L 105 33.85 -2.02 -64.11
C GLY L 105 34.91 -1.24 -63.35
N GLY L 106 35.82 -0.66 -64.12
CA GLY L 106 36.91 0.10 -63.55
C GLY L 106 38.25 -0.61 -63.59
N THR M 20 50.38 41.07 -68.40
CA THR M 20 50.14 39.75 -67.84
C THR M 20 48.76 39.24 -68.24
N ARG M 21 48.25 38.27 -67.48
CA ARG M 21 46.91 37.74 -67.72
C ARG M 21 46.06 37.84 -66.47
N SER M 22 46.70 38.12 -65.33
CA SER M 22 45.96 38.30 -64.07
C SER M 22 45.23 39.63 -64.07
N SER M 23 45.85 40.66 -64.66
CA SER M 23 45.20 41.95 -64.78
C SER M 23 44.09 41.92 -65.84
N ARG M 24 44.24 41.05 -66.84
CA ARG M 24 43.22 40.88 -67.87
C ARG M 24 42.04 40.10 -67.32
N ALA M 25 42.29 39.26 -66.31
CA ALA M 25 41.26 38.41 -65.73
C ALA M 25 40.77 38.90 -64.37
N GLY M 26 41.16 40.09 -63.93
CA GLY M 26 40.69 40.66 -62.69
C GLY M 26 41.14 39.97 -61.42
N LEU M 27 42.12 39.07 -61.50
CA LEU M 27 42.55 38.29 -60.36
C LEU M 27 43.92 38.75 -59.87
N GLN M 28 44.30 38.29 -58.69
CA GLN M 28 45.65 38.55 -58.20
C GLN M 28 46.61 37.38 -58.43
N PHE M 29 46.10 36.14 -58.39
CA PHE M 29 46.90 34.93 -58.61
C PHE M 29 47.34 34.83 -60.06
N PRO M 30 48.53 34.24 -60.35
CA PRO M 30 49.03 34.25 -61.73
C PRO M 30 48.37 33.21 -62.62
N VAL M 31 47.96 33.64 -63.82
CA VAL M 31 47.50 32.68 -64.82
C VAL M 31 48.69 31.97 -65.44
N GLY M 32 49.85 32.64 -65.48
CA GLY M 32 51.06 32.08 -66.05
C GLY M 32 51.64 30.89 -65.30
N ARG M 33 51.80 31.02 -63.97
CA ARG M 33 52.34 29.95 -63.16
C ARG M 33 51.41 28.75 -63.09
N VAL M 34 50.10 29.01 -62.98
CA VAL M 34 49.11 27.94 -62.93
C VAL M 34 49.02 27.24 -64.28
N HIS M 35 49.06 28.00 -65.37
CA HIS M 35 49.03 27.40 -66.71
C HIS M 35 50.32 26.65 -67.03
N ARG M 36 51.44 27.07 -66.43
CA ARG M 36 52.69 26.34 -66.61
C ARG M 36 52.68 25.04 -65.82
N LEU M 37 52.17 25.08 -64.58
CA LEU M 37 52.13 23.88 -63.76
C LEU M 37 51.07 22.90 -64.23
N LEU M 38 50.04 23.38 -64.94
CA LEU M 38 49.05 22.48 -65.49
C LEU M 38 49.59 21.71 -66.68
N ARG M 39 50.51 22.32 -67.44
CA ARG M 39 51.12 21.62 -68.57
C ARG M 39 52.26 20.74 -68.10
N LYS M 40 53.10 21.24 -67.18
CA LYS M 40 54.29 20.50 -66.74
C LYS M 40 53.94 19.43 -65.71
N GLY M 41 52.75 19.47 -65.13
CA GLY M 41 52.35 18.51 -64.13
C GLY M 41 51.88 17.17 -64.63
N ASN M 42 51.98 16.93 -65.95
CA ASN M 42 51.51 15.70 -66.62
C ASN M 42 50.04 15.44 -66.33
N TYR M 43 49.23 16.48 -66.47
CA TYR M 43 47.81 16.41 -66.16
C TYR M 43 46.96 16.02 -67.36
N SER M 44 47.30 16.50 -68.55
CA SER M 44 46.60 16.13 -69.77
C SER M 44 47.56 16.29 -70.95
N GLU M 45 47.10 15.85 -72.12
CA GLU M 45 47.85 16.08 -73.34
C GLU M 45 47.86 17.55 -73.71
N ARG M 46 46.68 18.15 -73.81
CA ARG M 46 46.55 19.59 -73.97
C ARG M 46 45.74 20.16 -72.82
N VAL M 47 46.06 21.40 -72.46
CA VAL M 47 45.44 22.09 -71.33
C VAL M 47 44.82 23.37 -71.87
N GLY M 48 43.52 23.54 -71.65
CA GLY M 48 42.81 24.70 -72.13
C GLY M 48 43.20 26.01 -71.48
N ALA M 49 42.79 27.13 -72.08
CA ALA M 49 43.17 28.45 -71.56
C ALA M 49 42.22 28.93 -70.46
N GLY M 50 40.99 28.44 -70.44
CA GLY M 50 40.05 28.86 -69.40
C GLY M 50 40.26 28.14 -68.09
N ALA M 51 41.00 27.02 -68.10
CA ALA M 51 41.26 26.27 -66.88
C ALA M 51 42.20 26.97 -65.88
N PRO M 52 43.33 27.60 -66.26
CA PRO M 52 44.14 28.28 -65.22
C PRO M 52 43.47 29.49 -64.61
N VAL M 53 42.64 30.23 -65.37
CA VAL M 53 41.91 31.36 -64.81
C VAL M 53 40.92 30.88 -63.75
N TYR M 54 40.19 29.81 -64.06
CA TYR M 54 39.23 29.23 -63.13
C TYR M 54 39.90 28.68 -61.88
N LEU M 55 41.04 28.01 -62.06
CA LEU M 55 41.75 27.41 -60.94
C LEU M 55 42.36 28.47 -60.05
N ALA M 56 42.90 29.54 -60.65
CA ALA M 56 43.42 30.65 -59.87
C ALA M 56 42.33 31.41 -59.14
N ALA M 57 41.13 31.51 -59.75
CA ALA M 57 40.01 32.17 -59.09
C ALA M 57 39.49 31.35 -57.91
N VAL M 58 39.43 30.03 -58.07
CA VAL M 58 39.00 29.16 -56.98
C VAL M 58 40.00 29.19 -55.83
N LEU M 59 41.30 29.14 -56.17
CA LEU M 59 42.35 29.29 -55.16
C LEU M 59 42.30 30.66 -54.48
N GLU M 60 41.94 31.70 -55.23
CA GLU M 60 41.89 33.05 -54.66
C GLU M 60 40.70 33.21 -53.73
N TYR M 61 39.56 32.63 -54.07
CA TYR M 61 38.40 32.67 -53.18
C TYR M 61 38.66 31.85 -51.92
N LEU M 62 39.33 30.70 -52.07
CA LEU M 62 39.61 29.85 -50.91
C LEU M 62 40.61 30.51 -49.97
N THR M 63 41.67 31.11 -50.51
CA THR M 63 42.60 31.83 -49.64
C THR M 63 41.98 33.12 -49.11
N ALA M 64 40.99 33.69 -49.79
CA ALA M 64 40.30 34.87 -49.27
C ALA M 64 39.46 34.50 -48.06
N GLU M 65 38.73 33.38 -48.14
CA GLU M 65 37.91 32.91 -47.03
C GLU M 65 38.77 32.49 -45.84
N ILE M 66 39.89 31.80 -46.11
CA ILE M 66 40.79 31.38 -45.04
C ILE M 66 41.45 32.57 -44.38
N LEU M 67 41.93 33.53 -45.17
CA LEU M 67 42.57 34.72 -44.61
C LEU M 67 41.56 35.63 -43.92
N GLU M 68 40.31 35.62 -44.38
CA GLU M 68 39.23 36.37 -43.76
C GLU M 68 38.95 35.85 -42.36
N LEU M 69 38.75 34.54 -42.25
CA LEU M 69 38.48 33.95 -40.93
C LEU M 69 39.73 33.96 -40.05
N ALA M 70 40.92 33.95 -40.66
CA ALA M 70 42.16 34.06 -39.91
C ALA M 70 42.33 35.46 -39.33
N GLY M 71 41.99 36.49 -40.11
CA GLY M 71 42.05 37.87 -39.65
C GLY M 71 41.00 38.15 -38.60
N ASN M 72 39.83 37.52 -38.74
CA ASN M 72 38.80 37.60 -37.72
C ASN M 72 39.26 36.97 -36.41
N ALA M 73 39.92 35.81 -36.50
CA ALA M 73 40.43 35.14 -35.31
C ALA M 73 41.63 35.89 -34.72
N ALA M 74 42.38 36.59 -35.56
CA ALA M 74 43.50 37.41 -35.08
C ALA M 74 42.99 38.66 -34.37
N ARG M 75 41.89 39.23 -34.86
CA ARG M 75 41.27 40.36 -34.18
C ARG M 75 40.60 39.91 -32.89
N ASP M 76 40.11 38.66 -32.86
CA ASP M 76 39.53 38.12 -31.64
C ASP M 76 40.61 37.83 -30.60
N ASN M 77 41.80 37.44 -31.04
CA ASN M 77 42.92 37.17 -30.16
C ASN M 77 43.80 38.39 -29.93
N LYS M 78 43.36 39.56 -30.42
CA LYS M 78 44.05 40.86 -30.27
C LYS M 78 45.46 40.81 -30.84
N LYS M 79 45.56 40.36 -32.09
CA LYS M 79 46.84 40.24 -32.78
C LYS M 79 46.70 40.78 -34.19
N THR M 80 47.76 41.43 -34.68
CA THR M 80 47.78 41.94 -36.04
C THR M 80 48.58 41.06 -36.99
N ARG M 81 49.38 40.13 -36.48
CA ARG M 81 50.12 39.18 -37.28
C ARG M 81 49.50 37.79 -37.12
N ILE M 82 49.12 37.19 -38.24
CA ILE M 82 48.39 35.93 -38.22
C ILE M 82 49.35 34.79 -37.86
N ILE M 83 49.04 34.09 -36.78
CA ILE M 83 49.85 32.98 -36.29
C ILE M 83 49.14 31.69 -36.71
N PRO M 84 49.82 30.50 -36.70
CA PRO M 84 49.12 29.24 -37.01
C PRO M 84 47.97 28.87 -36.08
N ARG M 85 47.93 29.43 -34.86
CA ARG M 85 46.78 29.25 -34.00
C ARG M 85 45.53 29.91 -34.61
N HIS M 86 45.71 31.08 -35.22
CA HIS M 86 44.61 31.73 -35.92
C HIS M 86 44.16 30.95 -37.14
N LEU M 87 45.10 30.32 -37.85
CA LEU M 87 44.75 29.49 -39.00
C LEU M 87 44.02 28.23 -38.57
N GLN M 88 44.43 27.65 -37.43
CA GLN M 88 43.75 26.47 -36.90
C GLN M 88 42.34 26.82 -36.42
N LEU M 89 42.18 28.01 -35.82
CA LEU M 89 40.87 28.48 -35.42
C LEU M 89 39.99 28.73 -36.64
N ALA M 90 40.58 29.28 -37.70
CA ALA M 90 39.82 29.56 -38.93
C ALA M 90 39.40 28.28 -39.65
N ILE M 91 40.24 27.24 -39.57
CA ILE M 91 39.91 25.99 -40.24
C ILE M 91 38.91 25.19 -39.43
N ARG M 92 39.19 24.98 -38.14
CA ARG M 92 38.35 24.09 -37.34
C ARG M 92 37.05 24.77 -36.89
N ASN M 93 37.01 26.10 -36.86
CA ASN M 93 35.78 26.77 -36.44
C ASN M 93 34.73 26.77 -37.56
N ASP M 94 35.16 26.93 -38.81
CA ASP M 94 34.24 26.83 -39.94
C ASP M 94 33.98 25.36 -40.24
N GLU M 95 32.73 25.03 -40.56
CA GLU M 95 32.36 23.64 -40.78
C GLU M 95 32.87 23.14 -42.13
N GLU M 96 32.68 23.93 -43.18
CA GLU M 96 33.07 23.49 -44.52
C GLU M 96 34.59 23.51 -44.69
N LEU M 97 35.27 24.43 -44.01
CA LEU M 97 36.73 24.46 -44.08
C LEU M 97 37.34 23.31 -43.28
N ASN M 98 36.67 22.88 -42.21
CA ASN M 98 37.10 21.68 -41.49
C ASN M 98 36.78 20.43 -42.28
N LYS M 99 35.69 20.45 -43.05
CA LYS M 99 35.33 19.31 -43.89
C LYS M 99 36.30 19.16 -45.06
N LEU M 100 36.78 20.29 -45.59
CA LEU M 100 37.77 20.25 -46.66
C LEU M 100 39.12 19.76 -46.14
N LEU M 101 39.60 20.36 -45.05
CA LEU M 101 40.85 19.93 -44.41
C LEU M 101 40.59 18.94 -43.29
N GLY M 102 39.88 17.86 -43.60
CA GLY M 102 39.58 16.85 -42.60
C GLY M 102 40.75 15.94 -42.29
N ARG M 103 41.47 15.51 -43.33
CA ARG M 103 42.65 14.68 -43.18
C ARG M 103 43.93 15.51 -43.18
N VAL M 104 43.83 16.77 -42.78
CA VAL M 104 44.95 17.71 -42.82
C VAL M 104 45.20 18.21 -41.41
N THR M 105 46.42 18.00 -40.93
CA THR M 105 46.86 18.56 -39.67
C THR M 105 47.68 19.83 -39.92
N ILE M 106 47.55 20.80 -39.03
CA ILE M 106 48.25 22.08 -39.15
C ILE M 106 49.32 22.13 -38.07
N ALA M 107 50.56 22.35 -38.47
CA ALA M 107 51.66 22.45 -37.53
C ALA M 107 51.56 23.73 -36.71
N GLN M 108 51.84 23.60 -35.41
CA GLN M 108 51.75 24.70 -34.42
C GLN M 108 50.34 25.31 -34.37
N GLY M 109 49.34 24.48 -34.60
CA GLY M 109 47.96 24.96 -34.62
C GLY M 109 47.20 24.64 -33.35
N GLY M 110 47.51 23.50 -32.74
CA GLY M 110 46.79 23.08 -31.55
C GLY M 110 45.41 22.56 -31.87
N VAL M 111 44.58 22.52 -30.84
CA VAL M 111 43.20 22.06 -30.96
C VAL M 111 42.27 23.11 -30.39
N LEU M 112 40.98 22.94 -30.67
CA LEU M 112 39.97 23.79 -30.08
C LEU M 112 39.79 23.42 -28.60
N PRO M 113 39.44 24.39 -27.75
CA PRO M 113 39.17 24.07 -26.34
C PRO M 113 37.82 23.37 -26.21
N ASN M 114 37.86 22.11 -25.77
CA ASN M 114 36.65 21.32 -25.59
C ASN M 114 36.81 20.42 -24.38
N ILE M 115 35.92 20.58 -23.40
CA ILE M 115 35.86 19.73 -22.22
C ILE M 115 34.48 19.09 -22.19
N GLN M 116 34.45 17.76 -22.02
CA GLN M 116 33.17 17.05 -22.03
C GLN M 116 32.41 17.31 -20.74
N ALA M 117 31.10 17.05 -20.78
CA ALA M 117 30.20 17.41 -19.69
C ALA M 117 30.43 16.57 -18.44
N VAL M 118 30.89 15.33 -18.61
CA VAL M 118 31.13 14.44 -17.47
C VAL M 118 32.41 14.87 -16.78
N LEU M 119 33.31 15.52 -17.52
CA LEU M 119 34.57 15.97 -16.94
C LEU M 119 34.39 17.19 -16.04
N LEU M 120 33.28 17.92 -16.18
CA LEU M 120 33.03 19.08 -15.35
C LEU M 120 32.69 18.64 -13.93
N PRO M 121 33.16 19.38 -12.92
CA PRO M 121 32.81 19.04 -11.54
C PRO M 121 31.37 19.44 -11.22
N LYS M 122 30.82 18.77 -10.22
CA LYS M 122 29.44 19.02 -9.81
C LYS M 122 29.39 20.04 -8.67
N ARG N 35 72.57 30.21 -56.00
CA ARG N 35 71.42 30.36 -55.11
C ARG N 35 70.13 29.92 -55.80
N SER N 36 69.36 29.09 -55.11
CA SER N 36 68.14 28.52 -55.67
C SER N 36 67.02 29.56 -55.66
N ARG N 37 66.44 29.80 -56.83
CA ARG N 37 65.32 30.73 -56.97
C ARG N 37 63.99 30.00 -56.85
N LYS N 38 63.63 29.68 -55.61
CA LYS N 38 62.43 28.91 -55.32
C LYS N 38 61.19 29.79 -55.44
N GLU N 39 60.20 29.33 -56.21
CA GLU N 39 58.96 30.07 -56.36
C GLU N 39 57.97 29.67 -55.26
N SER N 40 57.08 30.61 -54.93
CA SER N 40 56.08 30.40 -53.89
C SER N 40 54.94 31.38 -54.14
N TYR N 41 53.93 31.32 -53.26
CA TYR N 41 52.80 32.22 -53.32
C TYR N 41 52.81 33.24 -52.18
N SER N 42 53.99 33.78 -51.83
CA SER N 42 54.12 34.66 -50.69
C SER N 42 53.46 36.02 -50.93
N ILE N 43 53.90 36.71 -51.99
CA ILE N 43 53.39 38.06 -52.28
C ILE N 43 51.94 37.99 -52.75
N TYR N 44 51.54 36.88 -53.35
CA TYR N 44 50.17 36.72 -53.82
C TYR N 44 49.18 36.59 -52.65
N VAL N 45 49.49 35.70 -51.70
CA VAL N 45 48.64 35.54 -50.51
C VAL N 45 48.73 36.79 -49.64
N TYR N 46 49.88 37.48 -49.68
CA TYR N 46 50.03 38.76 -49.00
C TYR N 46 49.09 39.81 -49.61
N LYS N 47 48.96 39.82 -50.94
CA LYS N 47 48.06 40.76 -51.60
C LYS N 47 46.60 40.42 -51.32
N VAL N 48 46.26 39.13 -51.30
CA VAL N 48 44.90 38.72 -51.00
C VAL N 48 44.53 39.04 -49.54
N LEU N 49 45.51 38.88 -48.63
CA LEU N 49 45.33 39.25 -47.24
C LEU N 49 45.14 40.75 -47.07
N LYS N 50 45.92 41.56 -47.80
CA LYS N 50 45.74 43.00 -47.77
C LYS N 50 44.40 43.41 -48.39
N GLN N 51 43.89 42.60 -49.31
CA GLN N 51 42.58 42.88 -49.89
C GLN N 51 41.44 42.51 -48.95
N VAL N 52 41.63 41.54 -48.06
CA VAL N 52 40.55 41.14 -47.16
C VAL N 52 40.74 41.72 -45.76
N HIS N 53 41.96 42.17 -45.45
CA HIS N 53 42.30 42.72 -44.13
C HIS N 53 43.49 43.66 -44.28
N PRO N 54 43.24 44.97 -44.38
CA PRO N 54 44.35 45.92 -44.59
C PRO N 54 45.30 46.05 -43.39
N ASP N 55 44.77 46.11 -42.17
CA ASP N 55 45.61 46.25 -40.98
C ASP N 55 45.96 44.91 -40.33
N THR N 56 46.40 43.95 -41.15
CA THR N 56 46.68 42.61 -40.65
C THR N 56 47.87 42.04 -41.43
N GLY N 57 48.85 41.55 -40.68
CA GLY N 57 50.01 40.92 -41.28
C GLY N 57 49.96 39.41 -41.14
N ILE N 58 51.05 38.75 -41.47
CA ILE N 58 51.13 37.30 -41.41
C ILE N 58 52.54 36.90 -40.98
N SER N 59 52.66 35.73 -40.38
CA SER N 59 53.96 35.18 -40.03
C SER N 59 54.44 34.22 -41.11
N SER N 60 55.75 33.95 -41.10
CA SER N 60 56.33 33.05 -42.09
C SER N 60 55.91 31.60 -41.84
N LYS N 61 55.69 31.25 -40.57
CA LYS N 61 55.18 29.92 -40.25
C LYS N 61 53.75 29.76 -40.75
N ALA N 62 52.95 30.82 -40.66
CA ALA N 62 51.62 30.80 -41.27
C ALA N 62 51.70 30.89 -42.79
N MET N 63 52.72 31.56 -43.32
CA MET N 63 52.89 31.68 -44.76
C MET N 63 53.22 30.34 -45.40
N GLY N 64 54.03 29.52 -44.71
CA GLY N 64 54.33 28.19 -45.22
C GLY N 64 53.09 27.29 -45.20
N ILE N 65 52.24 27.47 -44.18
CA ILE N 65 50.97 26.74 -44.11
C ILE N 65 50.05 27.16 -45.24
N MET N 66 50.01 28.47 -45.55
CA MET N 66 49.17 28.97 -46.64
C MET N 66 49.67 28.49 -48.00
N ASN N 67 51.00 28.44 -48.17
CA ASN N 67 51.58 27.93 -49.42
C ASN N 67 51.29 26.44 -49.59
N SER N 68 51.40 25.67 -48.50
CA SER N 68 51.07 24.25 -48.56
C SER N 68 49.58 24.03 -48.82
N PHE N 69 48.73 24.92 -48.29
CA PHE N 69 47.29 24.84 -48.53
C PHE N 69 46.96 25.11 -50.00
N VAL N 70 47.58 26.14 -50.58
CA VAL N 70 47.36 26.49 -51.98
C VAL N 70 47.86 25.36 -52.89
N ASN N 71 49.02 24.79 -52.56
CA ASN N 71 49.57 23.70 -53.38
C ASN N 71 48.74 22.42 -53.25
N ASP N 72 48.20 22.16 -52.05
CA ASP N 72 47.40 20.95 -51.85
C ASP N 72 46.06 21.06 -52.58
N ILE N 73 45.42 22.23 -52.50
CA ILE N 73 44.17 22.45 -53.23
C ILE N 73 44.40 22.41 -54.74
N PHE N 74 45.53 22.97 -55.19
CA PHE N 74 45.92 22.92 -56.59
C PHE N 74 46.09 21.49 -57.08
N GLU N 75 46.82 20.67 -56.31
CA GLU N 75 47.06 19.28 -56.69
C GLU N 75 45.78 18.47 -56.69
N ARG N 76 44.92 18.70 -55.69
CA ARG N 76 43.66 17.94 -55.59
C ARG N 76 42.72 18.25 -56.75
N ILE N 77 42.54 19.54 -57.05
CA ILE N 77 41.62 19.93 -58.12
C ILE N 77 42.18 19.53 -59.49
N ALA N 78 43.51 19.63 -59.65
CA ALA N 78 44.14 19.26 -60.92
C ALA N 78 44.07 17.75 -61.16
N GLY N 79 44.26 16.95 -60.10
CA GLY N 79 44.13 15.51 -60.24
C GLY N 79 42.69 15.08 -60.45
N GLU N 80 41.74 15.78 -59.83
CA GLU N 80 40.33 15.48 -60.03
C GLU N 80 39.89 15.79 -61.46
N ALA N 81 40.37 16.91 -62.00
CA ALA N 81 40.05 17.27 -63.39
C ALA N 81 40.73 16.33 -64.37
N SER N 82 41.96 15.89 -64.04
CA SER N 82 42.66 14.91 -64.87
C SER N 82 41.91 13.58 -64.89
N ARG N 83 41.36 13.18 -63.73
CA ARG N 83 40.58 11.95 -63.66
C ARG N 83 39.28 12.07 -64.44
N LEU N 84 38.62 13.24 -64.37
CA LEU N 84 37.42 13.48 -65.16
C LEU N 84 37.68 13.46 -66.66
N ALA N 85 38.80 14.06 -67.08
CA ALA N 85 39.17 14.08 -68.49
C ALA N 85 39.55 12.69 -68.98
N HIS N 86 40.18 11.89 -68.11
CA HIS N 86 40.52 10.52 -68.46
C HIS N 86 39.27 9.65 -68.54
N TYR N 87 38.29 9.91 -67.68
CA TYR N 87 37.07 9.10 -67.66
C TYR N 87 36.13 9.47 -68.79
N ASN N 88 36.19 10.71 -69.27
CA ASN N 88 35.33 11.16 -70.37
C ASN N 88 36.00 11.03 -71.73
N LYS N 89 37.17 10.36 -71.77
CA LYS N 89 37.94 10.07 -72.99
C LYS N 89 38.29 11.36 -73.74
N ARG N 90 38.76 12.33 -72.99
CA ARG N 90 39.09 13.64 -73.54
C ARG N 90 40.51 14.02 -73.10
N SER N 91 41.27 14.56 -74.05
CA SER N 91 42.64 14.96 -73.80
C SER N 91 42.77 16.43 -73.41
N THR N 92 41.64 17.11 -73.18
CA THR N 92 41.63 18.54 -72.90
C THR N 92 41.01 18.79 -71.53
N ILE N 93 41.74 19.50 -70.67
CA ILE N 93 41.20 19.96 -69.40
C ILE N 93 40.81 21.42 -69.61
N THR N 94 39.50 21.66 -69.73
CA THR N 94 38.95 22.99 -69.93
C THR N 94 38.54 23.60 -68.60
N SER N 95 37.81 24.72 -68.67
CA SER N 95 37.22 25.30 -67.47
C SER N 95 36.11 24.42 -66.91
N ARG N 96 35.49 23.60 -67.77
CA ARG N 96 34.43 22.71 -67.33
C ARG N 96 34.97 21.58 -66.45
N GLU N 97 36.18 21.10 -66.75
CA GLU N 97 36.77 20.03 -65.95
C GLU N 97 37.18 20.53 -64.57
N ILE N 98 37.75 21.73 -64.51
CA ILE N 98 38.07 22.36 -63.23
C ILE N 98 36.79 22.68 -62.47
N GLN N 99 35.72 23.01 -63.21
CA GLN N 99 34.44 23.34 -62.60
C GLN N 99 33.81 22.12 -61.95
N THR N 100 33.79 20.98 -62.65
CA THR N 100 33.22 19.78 -62.05
C THR N 100 34.14 19.20 -60.97
N ALA N 101 35.45 19.47 -61.06
CA ALA N 101 36.35 19.07 -59.98
C ALA N 101 36.09 19.89 -58.72
N VAL N 102 35.78 21.18 -58.89
CA VAL N 102 35.45 22.03 -57.75
C VAL N 102 34.10 21.63 -57.16
N ARG N 103 33.13 21.32 -58.03
CA ARG N 103 31.82 20.89 -57.56
C ARG N 103 31.87 19.51 -56.89
N LEU N 104 32.86 18.69 -57.24
CA LEU N 104 33.04 17.42 -56.55
C LEU N 104 33.77 17.59 -55.22
N LEU N 105 34.90 18.30 -55.23
CA LEU N 105 35.78 18.33 -54.06
C LEU N 105 35.26 19.23 -52.95
N LEU N 106 34.85 20.46 -53.28
CA LEU N 106 34.50 21.44 -52.26
C LEU N 106 33.08 21.23 -51.75
N PRO N 107 32.81 21.55 -50.48
CA PRO N 107 31.44 21.45 -49.94
C PRO N 107 30.52 22.49 -50.59
N GLY N 108 29.22 22.23 -50.50
CA GLY N 108 28.15 22.89 -51.26
C GLY N 108 28.15 24.40 -51.41
N GLU N 109 28.11 25.14 -50.29
CA GLU N 109 28.17 26.59 -50.35
C GLU N 109 29.54 27.07 -50.81
N LEU N 110 30.60 26.42 -50.33
CA LEU N 110 31.96 26.74 -50.75
C LEU N 110 32.17 26.44 -52.23
N ALA N 111 31.63 25.31 -52.71
CA ALA N 111 31.74 24.95 -54.12
C ALA N 111 30.92 25.91 -54.98
N LYS N 112 29.75 26.34 -54.50
CA LYS N 112 28.91 27.26 -55.25
C LYS N 112 29.56 28.64 -55.38
N HIS N 113 30.15 29.12 -54.28
CA HIS N 113 30.82 30.42 -54.32
C HIS N 113 32.09 30.36 -55.18
N ALA N 114 32.81 29.24 -55.12
CA ALA N 114 33.98 29.05 -55.97
C ALA N 114 33.59 28.95 -57.44
N VAL N 115 32.44 28.32 -57.72
CA VAL N 115 31.93 28.24 -59.09
C VAL N 115 31.59 29.62 -59.63
N SER N 116 30.94 30.46 -58.80
CA SER N 116 30.58 31.81 -59.22
C SER N 116 31.83 32.67 -59.47
N GLU N 117 32.81 32.62 -58.55
CA GLU N 117 34.06 33.36 -58.70
C GLU N 117 34.85 32.92 -59.93
N GLY N 118 34.96 31.60 -60.13
CA GLY N 118 35.66 31.05 -61.27
C GLY N 118 35.03 31.40 -62.60
N THR N 119 33.70 31.26 -62.71
CA THR N 119 33.03 31.58 -63.98
C THR N 119 33.06 33.08 -64.24
N LYS N 120 33.00 33.90 -63.19
CA LYS N 120 33.19 35.34 -63.32
C LYS N 120 34.57 35.67 -63.87
N ALA N 121 35.60 34.99 -63.36
CA ALA N 121 36.96 35.22 -63.84
C ALA N 121 37.18 34.73 -65.26
N VAL N 122 36.57 33.60 -65.64
CA VAL N 122 36.71 33.11 -67.02
C VAL N 122 35.98 34.02 -68.00
N THR N 123 34.80 34.53 -67.62
CA THR N 123 34.09 35.46 -68.49
C THR N 123 34.84 36.78 -68.63
N LYS N 124 35.36 37.32 -67.52
CA LYS N 124 36.05 38.60 -67.63
C LYS N 124 37.50 38.43 -68.09
N TYR N 125 37.96 37.20 -68.24
CA TYR N 125 39.19 36.93 -69.00
C TYR N 125 38.89 36.84 -70.49
N THR N 126 37.74 36.25 -70.84
CA THR N 126 37.32 36.10 -72.22
C THR N 126 36.97 37.43 -72.88
N SER N 127 36.41 38.38 -72.11
CA SER N 127 36.09 39.70 -72.65
C SER N 127 37.35 40.48 -73.04
N ALA N 128 38.35 40.47 -72.16
CA ALA N 128 39.60 41.14 -72.46
C ALA N 128 40.45 40.29 -73.41
N LYS N 129 41.43 40.93 -74.03
CA LYS N 129 42.31 40.25 -74.97
C LYS N 129 43.70 40.90 -74.99
N HIS O 43 46.32 25.28 0.81
CA HIS O 43 45.43 24.19 1.21
C HIS O 43 45.62 22.98 0.29
N ARG O 44 44.61 22.10 0.22
CA ARG O 44 44.65 20.91 -0.62
C ARG O 44 43.53 20.95 -1.65
N TYR O 45 43.91 20.86 -2.93
CA TYR O 45 42.92 20.82 -4.01
C TYR O 45 42.34 19.42 -4.16
N ARG O 46 41.09 19.34 -4.58
CA ARG O 46 40.43 18.05 -4.76
C ARG O 46 40.96 17.36 -6.01
N PRO O 47 41.00 16.00 -6.04
CA PRO O 47 41.49 15.31 -7.23
C PRO O 47 40.56 15.45 -8.44
N GLY O 48 41.09 16.06 -9.51
CA GLY O 48 40.33 16.30 -10.71
C GLY O 48 40.26 17.75 -11.14
N THR O 49 40.58 18.70 -10.27
CA THR O 49 40.55 20.12 -10.62
C THR O 49 41.82 20.57 -11.34
N VAL O 50 42.99 20.10 -10.88
CA VAL O 50 44.25 20.45 -11.52
C VAL O 50 44.34 19.81 -12.90
N ALA O 51 43.70 18.66 -13.10
CA ALA O 51 43.64 18.03 -14.42
C ALA O 51 42.82 18.87 -15.40
N LEU O 52 41.70 19.43 -14.93
CA LEU O 52 40.90 20.31 -15.77
C LEU O 52 41.61 21.63 -16.04
N ARG O 53 42.38 22.12 -15.06
CA ARG O 53 43.19 23.32 -15.27
C ARG O 53 44.29 23.07 -16.31
N GLU O 54 44.88 21.87 -16.29
CA GLU O 54 45.87 21.51 -17.29
C GLU O 54 45.25 21.34 -18.66
N ILE O 55 44.00 20.84 -18.72
CA ILE O 55 43.27 20.72 -19.98
C ILE O 55 43.00 22.10 -20.57
N ARG O 56 42.55 23.03 -19.73
CA ARG O 56 42.28 24.39 -20.18
C ARG O 56 43.57 25.13 -20.55
N ARG O 57 44.69 24.76 -19.92
CA ARG O 57 45.96 25.39 -20.22
C ARG O 57 46.53 24.88 -21.55
N TYR O 58 46.50 23.57 -21.77
CA TYR O 58 47.12 22.98 -22.94
C TYR O 58 46.24 23.01 -24.19
N GLN O 59 44.92 23.12 -24.02
CA GLN O 59 44.05 23.22 -25.19
C GLN O 59 44.09 24.61 -25.82
N LYS O 60 44.56 25.62 -25.08
CA LYS O 60 44.68 26.96 -25.63
C LYS O 60 46.05 27.23 -26.24
N SER O 61 47.05 26.41 -25.92
CA SER O 61 48.42 26.63 -26.35
C SER O 61 48.76 25.72 -27.52
N THR O 62 49.86 26.04 -28.20
CA THR O 62 50.23 25.37 -29.45
C THR O 62 51.59 24.71 -29.41
N GLU O 63 52.32 24.78 -28.28
CA GLU O 63 53.67 24.27 -28.24
C GLU O 63 53.67 22.74 -28.13
N LEU O 64 54.80 22.15 -28.50
CA LEU O 64 54.94 20.70 -28.44
C LEU O 64 55.14 20.23 -27.02
N LEU O 65 54.60 19.06 -26.71
CA LEU O 65 54.62 18.50 -25.37
C LEU O 65 55.65 17.40 -25.18
N ILE O 66 56.27 16.92 -26.26
CA ILE O 66 57.37 15.98 -26.18
C ILE O 66 58.66 16.77 -26.37
N ARG O 67 59.65 16.50 -25.51
CA ARG O 67 60.93 17.17 -25.63
C ARG O 67 61.68 16.68 -26.86
N LYS O 68 62.55 17.56 -27.39
CA LYS O 68 63.07 17.36 -28.75
C LYS O 68 64.15 16.30 -28.79
N LEU O 69 65.01 16.25 -27.79
CA LEU O 69 66.16 15.34 -27.82
C LEU O 69 65.83 13.86 -27.63
N PRO O 70 64.97 13.43 -26.67
CA PRO O 70 64.62 11.99 -26.65
C PRO O 70 63.80 11.53 -27.83
N PHE O 71 62.92 12.40 -28.35
CA PHE O 71 62.15 12.06 -29.54
C PHE O 71 63.06 11.97 -30.77
N GLN O 72 64.08 12.86 -30.82
CA GLN O 72 65.03 12.83 -31.92
C GLN O 72 65.90 11.58 -31.86
N ARG O 73 66.29 11.18 -30.66
CA ARG O 73 67.05 9.93 -30.50
C ARG O 73 66.20 8.72 -30.84
N LEU O 74 64.90 8.74 -30.51
CA LEU O 74 64.01 7.65 -30.89
C LEU O 74 63.80 7.58 -32.39
N VAL O 75 63.70 8.76 -33.04
CA VAL O 75 63.54 8.81 -34.49
C VAL O 75 64.80 8.29 -35.20
N ARG O 76 65.97 8.67 -34.68
CA ARG O 76 67.23 8.18 -35.26
C ARG O 76 67.42 6.70 -35.00
N GLU O 77 66.93 6.20 -33.87
CA GLU O 77 67.01 4.77 -33.57
C GLU O 77 66.08 3.96 -34.48
N ILE O 78 64.89 4.50 -34.75
CA ILE O 78 63.95 3.81 -35.64
C ILE O 78 64.45 3.84 -37.08
N ALA O 79 65.00 4.98 -37.51
CA ALA O 79 65.53 5.08 -38.87
C ALA O 79 66.83 4.32 -39.02
N GLN O 80 67.51 4.02 -37.91
CA GLN O 80 68.70 3.17 -37.96
C GLN O 80 68.32 1.74 -38.30
N ASP O 81 67.10 1.33 -37.95
CA ASP O 81 66.64 -0.03 -38.25
C ASP O 81 66.28 -0.20 -39.73
N PHE O 82 66.05 0.89 -40.46
CA PHE O 82 65.69 0.81 -41.87
C PHE O 82 66.84 1.10 -42.82
N LYS O 83 67.75 2.01 -42.46
CA LYS O 83 68.89 2.30 -43.31
C LYS O 83 70.02 2.83 -42.43
N THR O 84 71.23 2.39 -42.72
CA THR O 84 72.40 2.74 -41.92
C THR O 84 73.06 4.02 -42.45
N ASP O 85 73.66 4.76 -41.51
CA ASP O 85 74.36 6.04 -41.76
C ASP O 85 73.44 7.05 -42.43
N LEU O 86 72.39 7.42 -41.71
CA LEU O 86 71.40 8.38 -42.18
C LEU O 86 71.56 9.70 -41.44
N ARG O 87 71.39 10.80 -42.16
CA ARG O 87 71.37 12.12 -41.59
C ARG O 87 69.93 12.64 -41.62
N PHE O 88 69.63 13.55 -40.70
CA PHE O 88 68.29 14.10 -40.56
C PHE O 88 68.33 15.62 -40.55
N GLN O 89 67.48 16.23 -41.36
CA GLN O 89 67.22 17.66 -41.23
C GLN O 89 66.47 17.92 -39.93
N SER O 90 66.70 19.09 -39.33
CA SER O 90 66.02 19.42 -38.09
C SER O 90 64.53 19.67 -38.31
N SER O 91 64.16 20.28 -39.43
CA SER O 91 62.75 20.51 -39.74
C SER O 91 62.04 19.21 -40.08
N ALA O 92 62.77 18.19 -40.52
CA ALA O 92 62.18 16.85 -40.69
C ALA O 92 61.76 16.25 -39.36
N VAL O 93 62.61 16.36 -38.34
CA VAL O 93 62.27 15.89 -37.00
C VAL O 93 61.16 16.75 -36.40
N MET O 94 61.14 18.04 -36.73
CA MET O 94 60.06 18.91 -36.26
C MET O 94 58.72 18.54 -36.89
N ALA O 95 58.72 18.19 -38.18
CA ALA O 95 57.50 17.78 -38.86
C ALA O 95 57.02 16.43 -38.32
N LEU O 96 57.96 15.51 -38.07
CA LEU O 96 57.62 14.23 -37.47
C LEU O 96 57.03 14.40 -36.08
N GLN O 97 57.60 15.34 -35.29
CA GLN O 97 57.12 15.58 -33.94
C GLN O 97 55.73 16.21 -33.94
N GLU O 98 55.51 17.16 -34.86
CA GLU O 98 54.20 17.81 -34.97
C GLU O 98 53.12 16.83 -35.42
N ALA O 99 53.43 16.01 -36.42
CA ALA O 99 52.45 15.04 -36.92
C ALA O 99 52.16 13.95 -35.89
N CYS O 100 53.19 13.46 -35.20
CA CYS O 100 52.98 12.43 -34.18
C CYS O 100 52.24 12.98 -32.97
N GLU O 101 52.50 14.24 -32.60
CA GLU O 101 51.80 14.82 -31.46
C GLU O 101 50.34 15.10 -31.80
N ALA O 102 50.07 15.54 -33.04
CA ALA O 102 48.68 15.74 -33.46
C ALA O 102 47.93 14.41 -33.55
N TYR O 103 48.61 13.37 -34.03
CA TYR O 103 48.00 12.04 -34.09
C TYR O 103 47.72 11.49 -32.69
N LEU O 104 48.63 11.71 -31.75
CA LEU O 104 48.42 11.24 -30.38
C LEU O 104 47.34 12.04 -29.67
N VAL O 105 47.22 13.34 -29.97
CA VAL O 105 46.16 14.15 -29.37
C VAL O 105 44.79 13.73 -29.90
N GLY O 106 44.70 13.47 -31.20
CA GLY O 106 43.46 12.97 -31.79
C GLY O 106 43.10 11.57 -31.28
N LEU O 107 44.13 10.74 -31.08
CA LEU O 107 43.91 9.41 -30.51
C LEU O 107 43.45 9.50 -29.07
N PHE O 108 43.97 10.46 -28.31
CA PHE O 108 43.53 10.65 -26.93
C PHE O 108 42.11 11.22 -26.88
N GLU O 109 41.74 12.01 -27.88
CA GLU O 109 40.37 12.51 -28.02
C GLU O 109 39.38 11.36 -28.24
N ASP O 110 39.70 10.49 -29.22
CA ASP O 110 38.85 9.32 -29.47
C ASP O 110 38.88 8.35 -28.30
N THR O 111 40.00 8.27 -27.59
CA THR O 111 40.12 7.39 -26.43
C THR O 111 39.26 7.89 -25.28
N ASN O 112 39.23 9.21 -25.07
CA ASN O 112 38.38 9.79 -24.04
C ASN O 112 36.91 9.66 -24.39
N LEU O 113 36.57 9.80 -25.68
CA LEU O 113 35.20 9.56 -26.14
C LEU O 113 34.78 8.11 -25.92
N CYS O 114 35.67 7.16 -26.19
CA CYS O 114 35.37 5.75 -26.01
C CYS O 114 35.26 5.40 -24.52
N ALA O 115 36.07 6.05 -23.68
CA ALA O 115 36.01 5.81 -22.24
C ALA O 115 34.76 6.41 -21.63
N ILE O 116 34.29 7.52 -22.19
CA ILE O 116 33.02 8.10 -21.75
C ILE O 116 31.86 7.22 -22.20
N HIS O 117 31.97 6.64 -23.41
CA HIS O 117 30.97 5.70 -23.89
C HIS O 117 30.96 4.40 -23.09
N ALA O 118 32.09 4.05 -22.47
CA ALA O 118 32.19 2.87 -21.64
C ALA O 118 31.88 3.17 -20.17
N LYS O 119 31.11 4.24 -19.91
CA LYS O 119 30.63 4.67 -18.58
C LYS O 119 31.78 4.94 -17.61
N ARG O 120 32.92 5.43 -18.11
CA ARG O 120 34.06 5.72 -17.27
C ARG O 120 34.52 7.17 -17.47
N VAL O 121 35.49 7.57 -16.66
CA VAL O 121 36.11 8.89 -16.80
C VAL O 121 37.61 8.67 -16.97
N THR O 122 38.06 7.45 -16.70
CA THR O 122 39.45 7.05 -16.87
C THR O 122 39.60 6.30 -18.18
N ILE O 123 40.55 6.72 -19.00
CA ILE O 123 40.83 6.04 -20.25
C ILE O 123 41.60 4.76 -19.96
N MET O 124 41.53 3.83 -20.90
CA MET O 124 42.10 2.49 -20.73
C MET O 124 42.62 2.01 -22.08
N PRO O 125 43.55 1.05 -22.09
CA PRO O 125 44.03 0.51 -23.38
C PRO O 125 42.96 -0.18 -24.22
N LYS O 126 41.86 -0.63 -23.63
CA LYS O 126 40.73 -1.13 -24.41
C LYS O 126 40.08 -0.02 -25.22
N ASP O 127 40.07 1.21 -24.71
CA ASP O 127 39.53 2.34 -25.47
C ASP O 127 40.42 2.68 -26.66
N ILE O 128 41.74 2.61 -26.46
CA ILE O 128 42.74 2.82 -27.52
C ILE O 128 42.56 1.73 -28.58
N GLN O 129 42.34 0.50 -28.12
CA GLN O 129 42.19 -0.63 -29.05
C GLN O 129 40.91 -0.50 -29.88
N LEU O 130 39.80 -0.10 -29.25
CA LEU O 130 38.55 0.07 -29.99
C LEU O 130 38.62 1.28 -30.92
N ALA O 131 39.31 2.35 -30.51
CA ALA O 131 39.45 3.52 -31.37
C ALA O 131 40.31 3.21 -32.59
N ARG O 132 41.37 2.43 -32.40
CA ARG O 132 42.21 2.04 -33.54
C ARG O 132 41.53 0.97 -34.38
N ARG O 133 40.59 0.22 -33.79
CA ARG O 133 39.85 -0.79 -34.55
C ARG O 133 38.82 -0.14 -35.46
N ILE O 134 38.05 0.83 -34.93
CA ILE O 134 37.06 1.52 -35.75
C ILE O 134 37.75 2.48 -36.72
N ARG O 135 38.91 3.02 -36.33
CA ARG O 135 39.69 3.86 -37.23
C ARG O 135 40.27 3.06 -38.40
N GLY O 136 40.50 1.77 -38.20
CA GLY O 136 41.09 0.95 -39.25
C GLY O 136 42.59 0.80 -39.15
N GLU O 137 43.20 1.33 -38.09
CA GLU O 137 44.65 1.18 -37.89
C GLU O 137 44.97 -0.20 -37.35
N ARG O 138 44.39 -0.54 -36.20
CA ARG O 138 44.52 -1.90 -35.67
C ARG O 138 43.53 -2.83 -36.36
N ALA O 139 44.03 -3.96 -36.82
CA ALA O 139 43.22 -4.94 -37.52
C ALA O 139 42.27 -5.66 -36.57
N ASN P 29 65.41 5.64 -24.66
CA ASN P 29 65.07 5.80 -26.06
C ASN P 29 63.54 5.79 -26.23
N ILE P 30 62.95 4.60 -26.17
CA ILE P 30 61.50 4.50 -26.21
C ILE P 30 60.90 4.92 -24.87
N GLN P 31 61.69 4.82 -23.81
CA GLN P 31 61.28 5.31 -22.50
C GLN P 31 61.64 6.79 -22.37
N GLY P 32 62.29 7.34 -23.38
CA GLY P 32 62.54 8.77 -23.45
C GLY P 32 61.27 9.60 -23.60
N ILE P 33 60.21 9.00 -24.15
CA ILE P 33 58.89 9.62 -24.13
C ILE P 33 58.35 9.45 -22.73
N THR P 34 58.51 10.47 -21.89
CA THR P 34 58.27 10.33 -20.47
C THR P 34 56.78 10.33 -20.14
N LYS P 35 56.48 9.88 -18.92
CA LYS P 35 55.12 9.92 -18.39
C LYS P 35 54.51 11.32 -18.30
N PRO P 36 55.23 12.40 -17.90
CA PRO P 36 54.61 13.73 -18.02
C PRO P 36 54.38 14.18 -19.45
N ALA P 37 55.15 13.68 -20.42
CA ALA P 37 54.93 14.05 -21.82
C ALA P 37 53.63 13.46 -22.34
N ILE P 38 53.39 12.17 -22.06
CA ILE P 38 52.13 11.54 -22.44
C ILE P 38 50.98 12.09 -21.61
N ARG P 39 51.26 12.53 -20.38
CA ARG P 39 50.26 13.20 -19.56
C ARG P 39 49.82 14.52 -20.17
N ARG P 40 50.79 15.31 -20.67
CA ARG P 40 50.47 16.57 -21.33
C ARG P 40 49.75 16.34 -22.65
N LEU P 41 50.12 15.26 -23.37
CA LEU P 41 49.45 14.93 -24.61
C LEU P 41 48.01 14.49 -24.36
N ALA P 42 47.75 13.85 -23.22
CA ALA P 42 46.38 13.50 -22.87
C ALA P 42 45.61 14.71 -22.36
N ARG P 43 46.27 15.65 -21.70
CA ARG P 43 45.61 16.86 -21.24
C ARG P 43 45.24 17.76 -22.43
N ARG P 44 46.04 17.73 -23.48
CA ARG P 44 45.67 18.44 -24.70
C ARG P 44 44.49 17.80 -25.40
N GLY P 45 44.38 16.47 -25.37
CA GLY P 45 43.24 15.79 -25.95
C GLY P 45 41.99 15.83 -25.11
N GLY P 46 42.08 16.32 -23.87
CA GLY P 46 40.93 16.43 -23.00
C GLY P 46 40.71 15.25 -22.08
N VAL P 47 41.74 14.47 -21.77
CA VAL P 47 41.62 13.32 -20.90
C VAL P 47 41.81 13.76 -19.45
N LYS P 48 40.83 13.43 -18.60
CA LYS P 48 40.88 13.81 -17.19
C LYS P 48 41.67 12.80 -16.36
N ARG P 49 41.43 11.52 -16.55
CA ARG P 49 42.08 10.47 -15.76
C ARG P 49 42.78 9.49 -16.69
N ILE P 50 44.01 9.13 -16.35
CA ILE P 50 44.90 8.35 -17.20
C ILE P 50 45.26 7.07 -16.47
N SER P 51 45.12 5.93 -17.15
CA SER P 51 45.51 4.66 -16.53
C SER P 51 47.02 4.48 -16.59
N GLY P 52 47.50 3.42 -15.94
CA GLY P 52 48.94 3.18 -15.87
C GLY P 52 49.50 2.59 -17.15
N LEU P 53 48.73 1.73 -17.82
CA LEU P 53 49.21 1.11 -19.05
C LEU P 53 48.99 2.00 -20.27
N ILE P 54 48.40 3.18 -20.08
CA ILE P 54 48.16 4.13 -21.17
C ILE P 54 49.48 4.62 -21.73
N TYR P 55 50.47 4.83 -20.86
CA TYR P 55 51.78 5.32 -21.29
C TYR P 55 52.50 4.28 -22.15
N GLU P 56 52.42 3.00 -21.76
CA GLU P 56 53.08 1.95 -22.55
C GLU P 56 52.35 1.69 -23.86
N GLU P 57 51.01 1.76 -23.84
CA GLU P 57 50.23 1.60 -25.07
C GLU P 57 50.49 2.77 -26.03
N THR P 58 50.65 3.98 -25.48
CA THR P 58 50.96 5.14 -26.29
C THR P 58 52.37 5.05 -26.87
N ARG P 59 53.31 4.50 -26.09
CA ARG P 59 54.66 4.25 -26.58
C ARG P 59 54.66 3.25 -27.74
N GLY P 60 53.87 2.18 -27.61
CA GLY P 60 53.79 1.19 -28.68
C GLY P 60 53.12 1.73 -29.93
N VAL P 61 52.04 2.50 -29.75
CA VAL P 61 51.32 3.07 -30.89
C VAL P 61 52.19 4.12 -31.60
N LEU P 62 52.91 4.93 -30.82
CA LEU P 62 53.82 5.91 -31.37
C LEU P 62 54.99 5.24 -32.09
N LYS P 63 55.45 4.10 -31.58
CA LYS P 63 56.52 3.35 -32.23
C LYS P 63 56.06 2.78 -33.57
N VAL P 64 54.82 2.27 -33.61
CA VAL P 64 54.28 1.71 -34.85
C VAL P 64 54.07 2.80 -35.90
N PHE P 65 53.52 3.95 -35.48
CA PHE P 65 53.25 5.06 -36.39
C PHE P 65 54.56 5.67 -36.90
N LEU P 66 55.54 5.83 -36.00
CA LEU P 66 56.84 6.34 -36.40
C LEU P 66 57.57 5.35 -37.31
N GLU P 67 57.38 4.05 -37.07
CA GLU P 67 57.97 3.02 -37.92
C GLU P 67 57.42 3.09 -39.34
N ASN P 68 56.10 3.26 -39.47
CA ASN P 68 55.47 3.35 -40.78
C ASN P 68 55.89 4.61 -41.53
N VAL P 69 55.81 5.77 -40.86
CA VAL P 69 56.12 7.04 -41.52
C VAL P 69 57.61 7.15 -41.84
N ILE P 70 58.46 6.75 -40.89
CA ILE P 70 59.90 6.78 -41.12
C ILE P 70 60.32 5.76 -42.17
N ARG P 71 59.65 4.60 -42.25
CA ARG P 71 59.94 3.62 -43.29
C ARG P 71 59.60 4.16 -44.67
N ASP P 72 58.44 4.82 -44.80
CA ASP P 72 58.07 5.42 -46.08
C ASP P 72 59.01 6.57 -46.46
N ALA P 73 59.43 7.36 -45.46
CA ALA P 73 60.35 8.47 -45.72
C ALA P 73 61.74 7.97 -46.10
N VAL P 74 62.18 6.86 -45.50
CA VAL P 74 63.47 6.27 -45.85
C VAL P 74 63.41 5.68 -47.25
N THR P 75 62.26 5.12 -47.64
CA THR P 75 62.06 4.63 -49.00
C THR P 75 62.11 5.79 -50.01
N TYR P 76 61.50 6.92 -49.66
CA TYR P 76 61.59 8.13 -50.47
C TYR P 76 63.02 8.62 -50.60
N THR P 77 63.78 8.58 -49.50
CA THR P 77 65.15 9.08 -49.50
C THR P 77 66.07 8.16 -50.29
N GLU P 78 65.85 6.84 -50.19
CA GLU P 78 66.70 5.89 -50.91
C GLU P 78 66.37 5.86 -52.39
N HIS P 79 65.13 6.20 -52.75
CA HIS P 79 64.85 6.46 -54.16
C HIS P 79 65.44 7.79 -54.62
N ALA P 80 65.56 8.76 -53.70
CA ALA P 80 66.16 10.05 -54.00
C ALA P 80 67.68 10.01 -54.00
N LYS P 81 68.29 8.86 -53.68
CA LYS P 81 69.74 8.63 -53.66
C LYS P 81 70.46 9.60 -52.73
N ARG P 82 69.96 9.70 -51.51
CA ARG P 82 70.51 10.61 -50.51
C ARG P 82 70.73 9.87 -49.20
N LYS P 83 71.76 10.29 -48.47
CA LYS P 83 72.01 9.82 -47.12
C LYS P 83 71.42 10.74 -46.06
N THR P 84 70.75 11.82 -46.47
CA THR P 84 70.16 12.79 -45.56
C THR P 84 68.65 12.79 -45.80
N VAL P 85 67.90 12.30 -44.82
CA VAL P 85 66.44 12.28 -44.90
C VAL P 85 65.91 13.70 -44.73
N THR P 86 65.36 14.26 -45.79
CA THR P 86 64.87 15.64 -45.77
C THR P 86 63.46 15.70 -45.20
N ALA P 87 62.96 16.93 -45.01
CA ALA P 87 61.59 17.10 -44.57
C ALA P 87 60.61 16.85 -45.71
N MET P 88 61.10 16.95 -46.95
CA MET P 88 60.27 16.65 -48.12
C MET P 88 59.83 15.20 -48.12
N ASP P 89 60.75 14.26 -47.82
CA ASP P 89 60.39 12.85 -47.73
C ASP P 89 59.42 12.61 -46.58
N VAL P 90 59.57 13.39 -45.50
CA VAL P 90 58.66 13.28 -44.35
C VAL P 90 57.25 13.68 -44.72
N VAL P 91 57.09 14.83 -45.39
CA VAL P 91 55.74 15.30 -45.72
C VAL P 91 55.14 14.47 -46.86
N TYR P 92 55.99 13.90 -47.73
CA TYR P 92 55.46 12.97 -48.73
C TYR P 92 55.00 11.66 -48.11
N ALA P 93 55.72 11.19 -47.09
CA ALA P 93 55.29 9.99 -46.36
C ALA P 93 54.00 10.26 -45.58
N LEU P 94 53.85 11.48 -45.07
CA LEU P 94 52.64 11.83 -44.34
C LEU P 94 51.46 12.01 -45.29
N LYS P 95 51.70 12.53 -46.49
CA LYS P 95 50.65 12.63 -47.51
C LYS P 95 50.25 11.25 -48.02
N ARG P 96 51.21 10.31 -48.00
CA ARG P 96 50.94 8.92 -48.37
C ARG P 96 49.98 8.27 -47.37
N GLN P 97 50.21 8.50 -46.07
CA GLN P 97 49.44 7.86 -45.02
C GLN P 97 48.13 8.57 -44.69
N GLY P 98 47.71 9.54 -45.52
CA GLY P 98 46.46 10.24 -45.26
C GLY P 98 46.51 11.22 -44.12
N ARG P 99 47.71 11.70 -43.77
CA ARG P 99 47.92 12.66 -42.69
C ARG P 99 48.83 13.78 -43.15
N THR P 100 48.49 14.40 -44.28
CA THR P 100 49.29 15.46 -44.88
C THR P 100 49.38 16.67 -43.97
N LEU P 101 50.59 17.19 -43.81
CA LEU P 101 50.90 18.21 -42.81
C LEU P 101 51.17 19.54 -43.50
N TYR P 102 50.58 20.61 -42.95
CA TYR P 102 50.75 21.95 -43.46
C TYR P 102 51.84 22.67 -42.68
N GLY P 103 52.80 23.22 -43.40
CA GLY P 103 53.82 24.03 -42.74
C GLY P 103 55.26 23.66 -43.04
N PHE P 104 55.47 22.69 -43.93
CA PHE P 104 56.82 22.24 -44.24
C PHE P 104 57.03 22.07 -45.73
N GLY P 105 56.53 23.01 -46.53
CA GLY P 105 56.72 22.96 -47.97
C GLY P 105 55.85 21.95 -48.67
N GLY P 106 54.54 22.06 -48.49
CA GLY P 106 53.60 21.15 -49.14
C GLY P 106 53.26 21.58 -50.56
N ALA Q 18 61.40 -14.88 -80.72
CA ALA Q 18 60.11 -14.54 -80.14
C ALA Q 18 59.67 -13.14 -80.55
N LYS Q 19 58.39 -12.98 -80.87
CA LYS Q 19 57.87 -11.70 -81.32
C LYS Q 19 57.32 -10.86 -80.17
N THR Q 20 56.44 -11.44 -79.36
CA THR Q 20 55.80 -10.69 -78.27
C THR Q 20 56.80 -10.41 -77.15
N ARG Q 21 56.66 -9.24 -76.54
CA ARG Q 21 57.55 -8.86 -75.45
C ARG Q 21 57.24 -9.61 -74.15
N SER Q 22 56.06 -10.21 -74.05
CA SER Q 22 55.75 -11.05 -72.89
C SER Q 22 56.54 -12.35 -72.93
N SER Q 23 56.75 -12.90 -74.13
CA SER Q 23 57.56 -14.09 -74.28
C SER Q 23 59.04 -13.76 -74.16
N ARG Q 24 59.40 -12.50 -74.39
CA ARG Q 24 60.78 -12.06 -74.19
C ARG Q 24 61.14 -12.02 -72.71
N ALA Q 25 60.16 -11.76 -71.84
CA ALA Q 25 60.37 -11.69 -70.41
C ALA Q 25 59.84 -12.89 -69.66
N GLY Q 26 59.20 -13.83 -70.35
CA GLY Q 26 58.61 -15.00 -69.72
C GLY Q 26 57.41 -14.66 -68.86
N LEU Q 27 56.49 -13.87 -69.42
CA LEU Q 27 55.32 -13.40 -68.69
C LEU Q 27 54.06 -13.72 -69.48
N GLN Q 28 52.94 -13.82 -68.76
CA GLN Q 28 51.65 -14.05 -69.41
C GLN Q 28 50.93 -12.74 -69.68
N PHE Q 29 51.28 -11.67 -68.98
CA PHE Q 29 50.62 -10.39 -69.15
C PHE Q 29 51.22 -9.63 -70.33
N PRO Q 30 50.40 -8.90 -71.10
CA PRO Q 30 50.93 -8.19 -72.28
C PRO Q 30 51.76 -6.97 -71.91
N VAL Q 31 53.03 -6.98 -72.31
CA VAL Q 31 53.91 -5.84 -72.05
C VAL Q 31 53.55 -4.66 -72.96
N GLY Q 32 53.10 -4.92 -74.18
CA GLY Q 32 52.73 -3.84 -75.08
C GLY Q 32 51.49 -3.08 -74.63
N ARG Q 33 50.51 -3.80 -74.08
CA ARG Q 33 49.29 -3.17 -73.58
C ARG Q 33 49.58 -2.33 -72.35
N VAL Q 34 50.45 -2.84 -71.46
CA VAL Q 34 50.85 -2.14 -70.23
C VAL Q 34 51.66 -0.90 -70.61
N HIS Q 35 52.51 -1.03 -71.63
CA HIS Q 35 53.29 0.10 -72.11
C HIS Q 35 52.41 1.17 -72.76
N ARG Q 36 51.39 0.75 -73.49
CA ARG Q 36 50.45 1.70 -74.10
C ARG Q 36 49.62 2.40 -73.03
N LEU Q 37 49.23 1.66 -71.99
CA LEU Q 37 48.49 2.28 -70.88
C LEU Q 37 49.39 3.23 -70.08
N LEU Q 38 50.68 2.92 -70.01
CA LEU Q 38 51.63 3.82 -69.37
C LEU Q 38 51.87 5.08 -70.21
N ARG Q 39 51.80 4.95 -71.54
CA ARG Q 39 51.93 6.11 -72.41
C ARG Q 39 50.62 6.90 -72.50
N LYS Q 40 49.50 6.21 -72.72
CA LYS Q 40 48.21 6.87 -72.84
C LYS Q 40 47.49 6.91 -71.50
N GLY Q 41 48.16 7.44 -70.48
CA GLY Q 41 47.54 7.60 -69.17
C GLY Q 41 47.93 8.91 -68.50
N ASN Q 42 48.72 9.70 -69.22
CA ASN Q 42 49.30 10.97 -68.76
C ASN Q 42 50.08 10.78 -67.45
N TYR Q 43 51.03 9.84 -67.51
CA TYR Q 43 51.86 9.52 -66.36
C TYR Q 43 53.18 10.28 -66.34
N SER Q 44 53.88 10.34 -67.47
CA SER Q 44 55.12 11.08 -67.60
C SER Q 44 55.30 11.44 -69.06
N GLU Q 45 56.31 12.27 -69.31
CA GLU Q 45 56.65 12.66 -70.68
C GLU Q 45 57.21 11.46 -71.44
N ARG Q 46 58.02 10.65 -70.78
CA ARG Q 46 58.60 9.45 -71.36
C ARG Q 46 58.29 8.24 -70.47
N VAL Q 47 58.27 7.06 -71.09
CA VAL Q 47 58.03 5.80 -70.39
C VAL Q 47 59.21 4.89 -70.68
N GLY Q 48 59.80 4.32 -69.63
CA GLY Q 48 60.93 3.43 -69.78
C GLY Q 48 60.59 2.09 -70.39
N ALA Q 49 61.61 1.25 -70.59
CA ALA Q 49 61.42 -0.06 -71.21
C ALA Q 49 61.32 -1.20 -70.22
N GLY Q 50 61.95 -1.08 -69.05
CA GLY Q 50 61.85 -2.13 -68.05
C GLY Q 50 60.66 -1.92 -67.12
N ALA Q 51 60.09 -0.72 -67.16
CA ALA Q 51 58.91 -0.41 -66.34
C ALA Q 51 57.65 -1.19 -66.74
N PRO Q 52 57.27 -1.33 -68.03
CA PRO Q 52 56.10 -2.18 -68.31
C PRO Q 52 56.35 -3.66 -68.07
N VAL Q 53 57.59 -4.11 -68.22
CA VAL Q 53 57.97 -5.49 -67.91
C VAL Q 53 57.80 -5.74 -66.41
N TYR Q 54 58.27 -4.79 -65.60
CA TYR Q 54 58.14 -4.86 -64.14
C TYR Q 54 56.68 -4.83 -63.72
N LEU Q 55 55.88 -3.98 -64.36
CA LEU Q 55 54.46 -3.89 -64.04
C LEU Q 55 53.70 -5.16 -64.42
N ALA Q 56 54.03 -5.74 -65.58
CA ALA Q 56 53.40 -7.00 -65.98
C ALA Q 56 53.81 -8.16 -65.09
N ALA Q 57 55.05 -8.15 -64.60
CA ALA Q 57 55.49 -9.21 -63.69
C ALA Q 57 54.81 -9.09 -62.33
N VAL Q 58 54.68 -7.86 -61.83
CA VAL Q 58 53.98 -7.63 -60.56
C VAL Q 58 52.51 -8.01 -60.68
N LEU Q 59 51.90 -7.70 -61.83
CA LEU Q 59 50.51 -8.08 -62.09
C LEU Q 59 50.34 -9.59 -62.17
N GLU Q 60 51.29 -10.28 -62.82
CA GLU Q 60 51.20 -11.73 -62.95
C GLU Q 60 51.39 -12.41 -61.59
N TYR Q 61 52.33 -11.90 -60.79
CA TYR Q 61 52.56 -12.45 -59.45
C TYR Q 61 51.35 -12.22 -58.55
N LEU Q 62 50.72 -11.04 -58.64
CA LEU Q 62 49.57 -10.75 -57.79
C LEU Q 62 48.36 -11.58 -58.21
N THR Q 63 48.17 -11.79 -59.52
CA THR Q 63 47.07 -12.63 -59.98
C THR Q 63 47.29 -14.09 -59.60
N ALA Q 64 48.54 -14.56 -59.67
CA ALA Q 64 48.84 -15.92 -59.23
C ALA Q 64 48.60 -16.09 -57.73
N GLU Q 65 49.00 -15.08 -56.95
CA GLU Q 65 48.84 -15.08 -55.50
C GLU Q 65 47.38 -15.09 -55.07
N ILE Q 66 46.53 -14.34 -55.79
CA ILE Q 66 45.12 -14.31 -55.42
C ILE Q 66 44.39 -15.52 -55.99
N LEU Q 67 44.84 -16.04 -57.15
CA LEU Q 67 44.12 -17.14 -57.78
C LEU Q 67 44.46 -18.47 -57.13
N GLU Q 68 45.63 -18.57 -56.49
CA GLU Q 68 45.96 -19.76 -55.72
C GLU Q 68 45.01 -19.94 -54.54
N LEU Q 69 44.82 -18.88 -53.75
CA LEU Q 69 43.89 -18.96 -52.63
C LEU Q 69 42.44 -18.99 -53.10
N ALA Q 70 42.14 -18.43 -54.29
CA ALA Q 70 40.79 -18.53 -54.84
C ALA Q 70 40.48 -19.97 -55.26
N GLY Q 71 41.44 -20.66 -55.88
CA GLY Q 71 41.25 -22.05 -56.21
C GLY Q 71 41.20 -22.94 -54.99
N ASN Q 72 41.96 -22.58 -53.94
CA ASN Q 72 41.87 -23.31 -52.68
C ASN Q 72 40.52 -23.13 -52.02
N ALA Q 73 39.95 -21.92 -52.08
CA ALA Q 73 38.62 -21.70 -51.51
C ALA Q 73 37.54 -22.36 -52.36
N ALA Q 74 37.76 -22.47 -53.68
CA ALA Q 74 36.82 -23.19 -54.53
C ALA Q 74 36.88 -24.69 -54.28
N ARG Q 75 38.08 -25.21 -53.98
CA ARG Q 75 38.22 -26.62 -53.64
C ARG Q 75 37.64 -26.91 -52.26
N ASP Q 76 37.71 -25.93 -51.35
CA ASP Q 76 37.16 -26.12 -50.01
C ASP Q 76 35.64 -26.09 -50.04
N ASN Q 77 35.06 -25.38 -50.99
CA ASN Q 77 33.60 -25.33 -51.12
C ASN Q 77 33.11 -26.37 -52.13
N LYS Q 78 34.04 -27.20 -52.61
CA LYS Q 78 33.79 -28.30 -53.55
C LYS Q 78 33.16 -27.80 -54.85
N LYS Q 79 33.64 -26.65 -55.33
CA LYS Q 79 33.12 -26.02 -56.53
C LYS Q 79 34.20 -25.95 -57.58
N THR Q 80 33.83 -26.23 -58.82
CA THR Q 80 34.79 -26.20 -59.92
C THR Q 80 35.05 -24.76 -60.39
N ARG Q 81 34.04 -23.89 -60.28
CA ARG Q 81 34.13 -22.53 -60.79
C ARG Q 81 34.33 -21.58 -59.61
N ILE Q 82 35.23 -20.61 -59.78
CA ILE Q 82 35.52 -19.64 -58.72
C ILE Q 82 34.38 -18.62 -58.68
N ILE Q 83 33.70 -18.55 -57.53
CA ILE Q 83 32.61 -17.61 -57.31
C ILE Q 83 33.18 -16.44 -56.51
N PRO Q 84 32.50 -15.28 -56.43
CA PRO Q 84 33.03 -14.18 -55.61
C PRO Q 84 33.14 -14.47 -54.12
N ARG Q 85 32.43 -15.47 -53.59
CA ARG Q 85 32.63 -15.89 -52.21
C ARG Q 85 34.02 -16.48 -52.01
N HIS Q 86 34.50 -17.23 -53.01
CA HIS Q 86 35.86 -17.79 -52.95
C HIS Q 86 36.90 -16.70 -53.01
N LEU Q 87 36.68 -15.67 -53.84
CA LEU Q 87 37.61 -14.55 -53.92
C LEU Q 87 37.59 -13.72 -52.63
N GLN Q 88 36.41 -13.59 -52.00
CA GLN Q 88 36.32 -12.88 -50.74
C GLN Q 88 37.04 -13.63 -49.63
N LEU Q 89 36.91 -14.96 -49.61
CA LEU Q 89 37.65 -15.78 -48.65
C LEU Q 89 39.16 -15.70 -48.89
N ALA Q 90 39.55 -15.67 -50.17
CA ALA Q 90 40.96 -15.55 -50.56
C ALA Q 90 41.56 -14.22 -50.14
N ILE Q 91 40.77 -13.15 -50.24
CA ILE Q 91 41.26 -11.82 -49.85
C ILE Q 91 41.30 -11.70 -48.33
N ARG Q 92 40.20 -12.03 -47.65
CA ARG Q 92 40.07 -11.79 -46.23
C ARG Q 92 40.81 -12.81 -45.36
N ASN Q 93 41.16 -13.99 -45.90
CA ASN Q 93 41.86 -14.97 -45.09
C ASN Q 93 43.37 -14.72 -45.06
N ASP Q 94 43.92 -14.17 -46.14
CA ASP Q 94 45.34 -13.79 -46.18
C ASP Q 94 45.45 -12.38 -45.59
N GLU Q 95 46.30 -12.24 -44.58
CA GLU Q 95 46.46 -10.97 -43.86
C GLU Q 95 47.07 -9.89 -44.75
N GLU Q 96 48.07 -10.26 -45.56
CA GLU Q 96 48.71 -9.29 -46.43
C GLU Q 96 47.82 -8.93 -47.61
N LEU Q 97 46.96 -9.86 -48.04
CA LEU Q 97 45.99 -9.55 -49.08
C LEU Q 97 44.81 -8.77 -48.51
N ASN Q 98 44.59 -8.88 -47.20
CA ASN Q 98 43.55 -8.10 -46.55
C ASN Q 98 43.96 -6.63 -46.40
N LYS Q 99 45.24 -6.36 -46.16
CA LYS Q 99 45.75 -5.00 -46.00
C LYS Q 99 45.78 -4.26 -47.33
N LEU Q 100 46.03 -4.97 -48.43
CA LEU Q 100 46.06 -4.37 -49.76
C LEU Q 100 44.67 -3.94 -50.20
N LEU Q 101 43.65 -4.72 -49.83
CA LEU Q 101 42.27 -4.44 -50.17
C LEU Q 101 41.44 -4.14 -48.92
N GLY Q 102 41.98 -3.34 -48.01
CA GLY Q 102 41.28 -2.99 -46.80
C GLY Q 102 40.14 -2.01 -46.99
N ARG Q 103 40.24 -1.13 -47.99
CA ARG Q 103 39.16 -0.19 -48.29
C ARG Q 103 38.49 -0.60 -49.59
N VAL Q 104 38.36 -1.92 -49.80
CA VAL Q 104 37.81 -2.46 -51.04
C VAL Q 104 36.72 -3.46 -50.69
N THR Q 105 35.52 -3.23 -51.24
CA THR Q 105 34.41 -4.15 -51.11
C THR Q 105 34.28 -4.95 -52.40
N ILE Q 106 33.79 -6.18 -52.27
CA ILE Q 106 33.67 -7.12 -53.38
C ILE Q 106 32.19 -7.44 -53.56
N ALA Q 107 31.69 -7.26 -54.77
CA ALA Q 107 30.31 -7.58 -55.10
C ALA Q 107 30.07 -9.09 -55.04
N GLN Q 108 29.00 -9.50 -54.36
CA GLN Q 108 28.60 -10.88 -54.07
C GLN Q 108 29.67 -11.68 -53.34
N GLY Q 109 30.56 -11.02 -52.61
CA GLY Q 109 31.63 -11.71 -51.90
C GLY Q 109 31.22 -12.20 -50.52
N GLY Q 110 30.49 -11.37 -49.78
CA GLY Q 110 30.05 -11.75 -48.47
C GLY Q 110 31.03 -11.32 -47.39
N VAL Q 111 30.79 -11.82 -46.18
CA VAL Q 111 31.65 -11.54 -45.03
C VAL Q 111 32.17 -12.86 -44.48
N LEU Q 112 33.18 -12.76 -43.63
CA LEU Q 112 33.69 -13.93 -42.94
C LEU Q 112 32.71 -14.35 -41.86
N PRO Q 113 32.57 -15.65 -41.57
CA PRO Q 113 31.72 -16.06 -40.45
C PRO Q 113 32.41 -15.85 -39.11
N ASN Q 114 31.97 -14.86 -38.34
CA ASN Q 114 32.56 -14.59 -37.04
C ASN Q 114 31.47 -14.14 -36.07
N ILE Q 115 31.35 -14.85 -34.96
CA ILE Q 115 30.43 -14.50 -33.88
C ILE Q 115 31.27 -14.14 -32.66
N GLN Q 116 30.90 -13.06 -32.00
CA GLN Q 116 31.67 -12.61 -30.83
C GLN Q 116 31.42 -13.53 -29.64
N ALA Q 117 32.31 -13.43 -28.65
CA ALA Q 117 32.33 -14.39 -27.55
C ALA Q 117 31.17 -14.16 -26.58
N VAL Q 118 30.77 -12.91 -26.41
CA VAL Q 118 29.68 -12.58 -25.49
C VAL Q 118 28.33 -13.04 -26.03
N LEU Q 119 28.19 -13.17 -27.35
CA LEU Q 119 26.94 -13.53 -27.98
C LEU Q 119 26.60 -15.01 -27.80
N LEU Q 120 27.60 -15.85 -27.51
CA LEU Q 120 27.39 -17.29 -27.38
C LEU Q 120 26.75 -17.61 -26.03
N PRO Q 121 25.81 -18.56 -25.98
CA PRO Q 121 25.19 -18.93 -24.71
C PRO Q 121 26.14 -19.74 -23.84
N LYS Q 122 25.96 -19.62 -22.53
CA LYS Q 122 26.80 -20.32 -21.57
C LYS Q 122 26.12 -21.60 -21.08
N SER R 36 32.01 -3.47 -81.13
CA SER R 36 33.06 -2.63 -80.58
C SER R 36 33.96 -3.45 -79.66
N ARG R 37 35.27 -3.36 -79.89
CA ARG R 37 36.25 -4.16 -79.15
C ARG R 37 36.38 -3.62 -77.73
N LYS R 38 36.20 -4.50 -76.74
CA LYS R 38 36.38 -4.16 -75.33
C LYS R 38 37.60 -4.96 -74.87
N GLU R 39 38.69 -4.25 -74.55
CA GLU R 39 39.89 -4.91 -74.07
C GLU R 39 39.71 -5.33 -72.62
N SER R 40 40.36 -6.43 -72.27
CA SER R 40 40.28 -6.98 -70.91
C SER R 40 41.52 -7.82 -70.65
N TYR R 41 41.70 -8.15 -69.37
CA TYR R 41 42.75 -9.08 -68.94
C TYR R 41 42.24 -10.51 -68.81
N SER R 42 41.27 -10.90 -69.64
CA SER R 42 40.57 -12.16 -69.45
C SER R 42 41.43 -13.37 -69.78
N ILE R 43 42.07 -13.37 -70.96
CA ILE R 43 42.82 -14.54 -71.40
C ILE R 43 44.09 -14.72 -70.60
N TYR R 44 44.67 -13.61 -70.11
CA TYR R 44 45.89 -13.71 -69.30
C TYR R 44 45.58 -14.23 -67.90
N VAL R 45 44.44 -13.81 -67.33
CA VAL R 45 43.99 -14.37 -66.05
C VAL R 45 43.61 -15.83 -66.23
N TYR R 46 43.07 -16.20 -67.39
CA TYR R 46 42.77 -17.60 -67.71
C TYR R 46 44.06 -18.42 -67.76
N LYS R 47 45.11 -17.88 -68.39
CA LYS R 47 46.40 -18.54 -68.48
C LYS R 47 47.05 -18.71 -67.10
N VAL R 48 46.98 -17.66 -66.28
CA VAL R 48 47.57 -17.69 -64.94
C VAL R 48 46.81 -18.69 -64.06
N LEU R 49 45.48 -18.70 -64.18
CA LEU R 49 44.66 -19.63 -63.40
C LEU R 49 44.90 -21.08 -63.82
N LYS R 50 45.05 -21.32 -65.12
CA LYS R 50 45.34 -22.67 -65.58
C LYS R 50 46.77 -23.08 -65.24
N GLN R 51 47.66 -22.09 -65.08
CA GLN R 51 49.00 -22.38 -64.59
C GLN R 51 48.99 -22.76 -63.11
N VAL R 52 48.10 -22.15 -62.34
CA VAL R 52 48.01 -22.44 -60.91
C VAL R 52 47.00 -23.54 -60.59
N HIS R 53 45.75 -23.42 -61.04
CA HIS R 53 44.71 -24.41 -60.77
C HIS R 53 44.08 -24.82 -62.11
N PRO R 54 44.60 -25.88 -62.74
CA PRO R 54 44.14 -26.24 -64.09
C PRO R 54 42.76 -26.87 -64.13
N ASP R 55 42.30 -27.42 -63.00
CA ASP R 55 40.98 -28.03 -62.87
C ASP R 55 39.97 -27.09 -62.24
N THR R 56 40.17 -25.78 -62.38
CA THR R 56 39.33 -24.79 -61.71
C THR R 56 38.97 -23.69 -62.69
N GLY R 57 37.67 -23.46 -62.87
CA GLY R 57 37.19 -22.37 -63.69
C GLY R 57 36.89 -21.14 -62.87
N ILE R 58 36.44 -20.07 -63.52
CA ILE R 58 36.13 -18.82 -62.86
C ILE R 58 34.83 -18.27 -63.43
N SER R 59 33.96 -17.80 -62.55
CA SER R 59 32.69 -17.22 -62.98
C SER R 59 32.92 -15.83 -63.58
N SER R 60 31.90 -15.32 -64.26
CA SER R 60 31.99 -14.03 -64.95
C SER R 60 32.05 -12.88 -63.96
N LYS R 61 31.34 -13.02 -62.83
CA LYS R 61 31.40 -12.00 -61.78
C LYS R 61 32.78 -11.95 -61.14
N ALA R 62 33.35 -13.12 -60.85
CA ALA R 62 34.71 -13.18 -60.31
C ALA R 62 35.73 -12.73 -61.33
N MET R 63 35.43 -12.94 -62.62
CA MET R 63 36.30 -12.46 -63.70
C MET R 63 36.30 -10.94 -63.76
N GLY R 64 35.13 -10.33 -63.60
CA GLY R 64 35.04 -8.87 -63.58
C GLY R 64 35.71 -8.30 -62.34
N ILE R 65 35.62 -9.02 -61.22
CA ILE R 65 36.28 -8.61 -59.97
C ILE R 65 37.80 -8.64 -60.15
N MET R 66 38.30 -9.71 -60.78
CA MET R 66 39.72 -9.85 -61.07
C MET R 66 40.21 -8.77 -62.03
N ASN R 67 39.41 -8.47 -63.06
CA ASN R 67 39.78 -7.47 -64.05
C ASN R 67 39.77 -6.06 -63.45
N SER R 68 38.86 -5.80 -62.52
CA SER R 68 38.87 -4.51 -61.83
C SER R 68 40.03 -4.42 -60.85
N PHE R 69 40.39 -5.56 -60.23
CA PHE R 69 41.51 -5.58 -59.29
C PHE R 69 42.84 -5.33 -59.99
N VAL R 70 43.01 -5.92 -61.17
CA VAL R 70 44.23 -5.72 -61.98
C VAL R 70 44.39 -4.26 -62.35
N ASN R 71 43.31 -3.65 -62.85
CA ASN R 71 43.34 -2.24 -63.24
C ASN R 71 43.52 -1.33 -62.04
N ASP R 72 42.97 -1.71 -60.88
CA ASP R 72 43.09 -0.90 -59.68
C ASP R 72 44.52 -0.86 -59.17
N ILE R 73 45.17 -2.02 -59.07
CA ILE R 73 46.55 -2.05 -58.59
C ILE R 73 47.50 -1.48 -59.65
N PHE R 74 47.12 -1.59 -60.93
CA PHE R 74 47.89 -0.98 -62.01
C PHE R 74 47.87 0.55 -61.91
N GLU R 75 46.67 1.12 -61.72
CA GLU R 75 46.53 2.57 -61.55
C GLU R 75 47.23 3.05 -60.29
N ARG R 76 47.19 2.25 -59.22
CA ARG R 76 47.82 2.63 -57.96
C ARG R 76 49.34 2.68 -58.09
N ILE R 77 49.94 1.64 -58.68
CA ILE R 77 51.39 1.58 -58.82
C ILE R 77 51.87 2.63 -59.82
N ALA R 78 51.08 2.86 -60.88
CA ALA R 78 51.45 3.85 -61.88
C ALA R 78 51.35 5.27 -61.34
N GLY R 79 50.33 5.54 -60.52
CA GLY R 79 50.22 6.86 -59.91
C GLY R 79 51.27 7.11 -58.86
N GLU R 80 51.64 6.08 -58.10
CA GLU R 80 52.73 6.20 -57.13
C GLU R 80 54.06 6.46 -57.82
N ALA R 81 54.33 5.76 -58.93
CA ALA R 81 55.57 5.97 -59.66
C ALA R 81 55.59 7.32 -60.36
N SER R 82 54.42 7.80 -60.81
CA SER R 82 54.32 9.13 -61.38
C SER R 82 54.58 10.20 -60.34
N ARG R 83 54.08 9.98 -59.12
CA ARG R 83 54.35 10.89 -58.01
C ARG R 83 55.82 10.91 -57.64
N LEU R 84 56.46 9.74 -57.69
CA LEU R 84 57.91 9.63 -57.42
C LEU R 84 58.73 10.33 -58.50
N ALA R 85 58.31 10.21 -59.76
CA ALA R 85 59.02 10.86 -60.87
C ALA R 85 58.82 12.38 -60.82
N HIS R 86 57.66 12.82 -60.34
CA HIS R 86 57.42 14.25 -60.16
C HIS R 86 58.20 14.78 -58.96
N TYR R 87 58.40 13.93 -57.94
CA TYR R 87 59.18 14.34 -56.77
C TYR R 87 60.66 14.43 -57.08
N ASN R 88 61.20 13.52 -57.91
CA ASN R 88 62.63 13.47 -58.18
C ASN R 88 63.03 14.33 -59.39
N LYS R 89 62.10 15.20 -59.86
CA LYS R 89 62.24 16.06 -61.02
C LYS R 89 62.64 15.28 -62.27
N ARG R 90 61.94 14.18 -62.51
CA ARG R 90 62.30 13.23 -63.56
C ARG R 90 61.13 13.06 -64.52
N SER R 91 61.39 13.30 -65.81
CA SER R 91 60.35 13.27 -66.83
C SER R 91 60.12 11.89 -67.42
N THR R 92 60.76 10.85 -66.89
CA THR R 92 60.55 9.50 -67.38
C THR R 92 60.28 8.58 -66.20
N ILE R 93 59.66 7.43 -66.48
CA ILE R 93 59.39 6.43 -65.45
C ILE R 93 60.06 5.13 -65.90
N THR R 94 61.12 4.76 -65.20
CA THR R 94 61.85 3.53 -65.47
C THR R 94 61.45 2.46 -64.46
N SER R 95 62.20 1.35 -64.47
CA SER R 95 61.91 0.22 -63.61
C SER R 95 62.18 0.51 -62.14
N ARG R 96 63.06 1.48 -61.85
CA ARG R 96 63.40 1.79 -60.46
C ARG R 96 62.24 2.49 -59.77
N GLU R 97 61.53 3.37 -60.50
CA GLU R 97 60.39 4.08 -59.93
C GLU R 97 59.24 3.13 -59.63
N ILE R 98 58.99 2.19 -60.56
CA ILE R 98 57.97 1.16 -60.33
C ILE R 98 58.39 0.24 -59.19
N GLN R 99 59.70 0.00 -59.05
CA GLN R 99 60.22 -0.87 -58.00
C GLN R 99 60.00 -0.26 -56.61
N THR R 100 60.36 1.02 -56.46
CA THR R 100 60.14 1.65 -55.17
C THR R 100 58.67 1.97 -54.93
N ALA R 101 57.87 2.08 -56.00
CA ALA R 101 56.41 2.21 -55.84
C ALA R 101 55.80 0.92 -55.32
N VAL R 102 56.28 -0.23 -55.83
CA VAL R 102 55.84 -1.53 -55.32
C VAL R 102 56.29 -1.71 -53.87
N ARG R 103 57.52 -1.27 -53.56
CA ARG R 103 58.03 -1.34 -52.19
C ARG R 103 57.29 -0.41 -51.24
N LEU R 104 56.70 0.67 -51.74
CA LEU R 104 55.91 1.58 -50.91
C LEU R 104 54.48 1.10 -50.73
N LEU R 105 53.87 0.54 -51.78
CA LEU R 105 52.45 0.20 -51.71
C LEU R 105 52.22 -1.13 -51.00
N LEU R 106 52.76 -2.24 -51.57
CA LEU R 106 52.50 -3.62 -51.16
C LEU R 106 53.12 -3.92 -49.79
N PRO R 107 52.50 -4.79 -49.00
CA PRO R 107 53.11 -5.21 -47.73
C PRO R 107 54.31 -6.11 -47.95
N GLY R 108 55.09 -6.26 -46.87
CA GLY R 108 56.44 -6.80 -46.85
C GLY R 108 56.79 -8.03 -47.67
N GLU R 109 56.14 -9.17 -47.40
CA GLU R 109 56.41 -10.38 -48.16
C GLU R 109 55.89 -10.25 -49.59
N LEU R 110 54.71 -9.64 -49.75
CA LEU R 110 54.15 -9.42 -51.09
C LEU R 110 55.02 -8.46 -51.89
N ALA R 111 55.49 -7.38 -51.26
CA ALA R 111 56.35 -6.42 -51.93
C ALA R 111 57.71 -7.03 -52.28
N LYS R 112 58.25 -7.86 -51.39
CA LYS R 112 59.54 -8.49 -51.62
C LYS R 112 59.46 -9.50 -52.76
N HIS R 113 58.41 -10.32 -52.79
CA HIS R 113 58.26 -11.30 -53.86
C HIS R 113 57.94 -10.62 -55.19
N ALA R 114 57.19 -9.51 -55.13
CA ALA R 114 56.91 -8.75 -56.35
C ALA R 114 58.17 -8.07 -56.87
N VAL R 115 59.04 -7.62 -55.97
CA VAL R 115 60.32 -7.03 -56.36
C VAL R 115 61.21 -8.06 -57.04
N SER R 116 61.26 -9.26 -56.47
CA SER R 116 62.11 -10.31 -57.04
C SER R 116 61.58 -10.78 -58.40
N GLU R 117 60.26 -10.92 -58.53
CA GLU R 117 59.64 -11.31 -59.80
C GLU R 117 59.81 -10.23 -60.86
N GLY R 118 59.63 -8.96 -60.48
CA GLY R 118 59.79 -7.87 -61.43
C GLY R 118 61.22 -7.72 -61.91
N THR R 119 62.18 -7.83 -60.98
CA THR R 119 63.59 -7.76 -61.38
C THR R 119 64.01 -8.96 -62.21
N LYS R 120 63.49 -10.16 -61.92
CA LYS R 120 63.76 -11.33 -62.74
C LYS R 120 63.23 -11.17 -64.15
N ALA R 121 62.01 -10.62 -64.29
CA ALA R 121 61.46 -10.36 -65.61
C ALA R 121 62.19 -9.24 -66.35
N VAL R 122 62.68 -8.23 -65.63
CA VAL R 122 63.46 -7.16 -66.26
C VAL R 122 64.78 -7.70 -66.81
N THR R 123 65.48 -8.53 -66.03
CA THR R 123 66.71 -9.17 -66.53
C THR R 123 66.43 -10.15 -67.67
N LYS R 124 65.26 -10.82 -67.63
CA LYS R 124 64.90 -11.71 -68.72
C LYS R 124 64.56 -10.94 -69.99
N TYR R 125 63.96 -9.76 -69.85
CA TYR R 125 63.61 -8.95 -71.02
C TYR R 125 64.84 -8.28 -71.62
N THR R 126 65.76 -7.81 -70.76
CA THR R 126 66.94 -7.12 -71.26
C THR R 126 67.96 -8.11 -71.83
N SER R 127 67.99 -9.32 -71.28
CA SER R 127 68.90 -10.34 -71.83
C SER R 127 68.37 -10.87 -73.15
N ALA R 128 67.05 -11.05 -73.26
CA ALA R 128 66.45 -11.54 -74.50
C ALA R 128 65.80 -10.40 -75.28
N PRO S 42 -40.74 -11.44 -31.18
CA PRO S 42 -40.57 -10.49 -32.28
C PRO S 42 -39.12 -10.10 -32.51
N HIS S 43 -38.90 -8.97 -33.16
CA HIS S 43 -37.55 -8.47 -33.41
C HIS S 43 -37.54 -6.96 -33.22
N ARG S 44 -36.47 -6.47 -32.59
CA ARG S 44 -36.32 -5.05 -32.33
C ARG S 44 -34.83 -4.73 -32.36
N TYR S 45 -34.43 -3.83 -33.25
CA TYR S 45 -33.04 -3.39 -33.31
C TYR S 45 -32.70 -2.51 -32.12
N ARG S 46 -31.42 -2.47 -31.77
CA ARG S 46 -30.97 -1.61 -30.68
C ARG S 46 -31.04 -0.14 -31.10
N PRO S 47 -31.24 0.77 -30.14
CA PRO S 47 -31.28 2.20 -30.49
C PRO S 47 -29.91 2.71 -30.94
N GLY S 48 -29.85 3.14 -32.21
CA GLY S 48 -28.64 3.62 -32.81
C GLY S 48 -28.20 2.92 -34.08
N THR S 49 -28.78 1.75 -34.38
CA THR S 49 -28.39 1.02 -35.59
C THR S 49 -29.11 1.54 -36.82
N VAL S 50 -30.43 1.78 -36.71
CA VAL S 50 -31.20 2.31 -37.82
C VAL S 50 -30.80 3.75 -38.13
N ALA S 51 -30.29 4.49 -37.13
CA ALA S 51 -29.74 5.83 -37.37
C ALA S 51 -28.52 5.77 -38.28
N LEU S 52 -27.59 4.85 -38.02
CA LEU S 52 -26.41 4.72 -38.87
C LEU S 52 -26.77 4.14 -40.24
N ARG S 53 -27.78 3.27 -40.28
CA ARG S 53 -28.26 2.75 -41.56
C ARG S 53 -28.88 3.85 -42.42
N GLU S 54 -29.64 4.75 -41.78
CA GLU S 54 -30.20 5.89 -42.49
C GLU S 54 -29.11 6.89 -42.89
N ILE S 55 -28.05 6.99 -42.08
CA ILE S 55 -26.90 7.84 -42.44
C ILE S 55 -26.24 7.32 -43.71
N ARG S 56 -26.02 6.00 -43.78
CA ARG S 56 -25.43 5.40 -44.97
C ARG S 56 -26.36 5.50 -46.17
N ARG S 57 -27.67 5.35 -45.96
CA ARG S 57 -28.63 5.41 -47.05
C ARG S 57 -28.74 6.81 -47.64
N TYR S 58 -28.87 7.82 -46.77
CA TYR S 58 -29.03 9.19 -47.25
C TYR S 58 -27.71 9.84 -47.61
N GLN S 59 -26.57 9.21 -47.28
CA GLN S 59 -25.30 9.64 -47.84
C GLN S 59 -24.98 8.93 -49.15
N LYS S 60 -25.59 7.77 -49.40
CA LYS S 60 -25.44 7.12 -50.69
C LYS S 60 -26.28 7.77 -51.78
N SER S 61 -27.45 8.31 -51.42
CA SER S 61 -28.40 8.85 -52.37
C SER S 61 -28.21 10.36 -52.53
N THR S 62 -28.85 10.91 -53.57
CA THR S 62 -28.77 12.34 -53.86
C THR S 62 -30.12 13.02 -53.97
N GLU S 63 -31.24 12.33 -53.73
CA GLU S 63 -32.54 12.93 -53.94
C GLU S 63 -32.89 13.89 -52.81
N LEU S 64 -33.82 14.80 -53.08
CA LEU S 64 -34.20 15.82 -52.11
C LEU S 64 -35.02 15.20 -50.98
N LEU S 65 -34.59 15.47 -49.74
CA LEU S 65 -35.24 14.90 -48.56
C LEU S 65 -36.47 15.66 -48.12
N ILE S 66 -36.52 16.98 -48.34
CA ILE S 66 -37.72 17.76 -48.09
C ILE S 66 -38.67 17.57 -49.27
N ARG S 67 -39.96 17.47 -48.98
CA ARG S 67 -40.97 17.30 -50.01
C ARG S 67 -41.16 18.59 -50.81
N LYS S 68 -41.69 18.44 -52.02
CA LYS S 68 -41.73 19.56 -52.96
C LYS S 68 -42.82 20.56 -52.61
N LEU S 69 -44.05 20.09 -52.38
CA LEU S 69 -45.19 20.98 -52.17
C LEU S 69 -45.20 21.76 -50.85
N PRO S 70 -44.83 21.17 -49.65
CA PRO S 70 -44.75 22.03 -48.45
C PRO S 70 -43.66 23.08 -48.54
N PHE S 71 -42.51 22.73 -49.12
CA PHE S 71 -41.45 23.72 -49.29
C PHE S 71 -41.83 24.77 -50.32
N GLN S 72 -42.62 24.39 -51.33
CA GLN S 72 -43.07 25.35 -52.32
C GLN S 72 -44.08 26.33 -51.72
N ARG S 73 -44.98 25.82 -50.87
CA ARG S 73 -45.89 26.68 -50.12
C ARG S 73 -45.14 27.59 -49.17
N LEU S 74 -44.06 27.09 -48.57
CA LEU S 74 -43.23 27.90 -47.68
C LEU S 74 -42.51 29.01 -48.45
N VAL S 75 -42.01 28.69 -49.64
CA VAL S 75 -41.33 29.68 -50.48
C VAL S 75 -42.32 30.75 -50.93
N ARG S 76 -43.54 30.34 -51.30
CA ARG S 76 -44.56 31.30 -51.72
C ARG S 76 -45.00 32.17 -50.55
N GLU S 77 -45.05 31.60 -49.34
CA GLU S 77 -45.40 32.35 -48.14
C GLU S 77 -44.32 33.38 -47.78
N ILE S 78 -43.06 32.96 -47.84
CA ILE S 78 -41.91 33.81 -47.52
C ILE S 78 -41.79 34.93 -48.57
N ALA S 79 -42.12 34.62 -49.82
CA ALA S 79 -42.12 35.67 -50.82
C ALA S 79 -43.35 36.55 -50.73
N GLN S 80 -44.41 36.08 -50.06
CA GLN S 80 -45.67 36.81 -50.05
C GLN S 80 -45.65 38.03 -49.13
N ASP S 81 -44.98 37.91 -47.98
CA ASP S 81 -44.90 39.07 -47.09
C ASP S 81 -43.71 39.94 -47.47
N PHE S 82 -42.95 39.55 -48.47
CA PHE S 82 -41.96 40.45 -49.05
C PHE S 82 -42.52 41.23 -50.23
N LYS S 83 -43.29 40.59 -51.11
CA LYS S 83 -43.93 41.29 -52.22
C LYS S 83 -45.14 40.48 -52.68
N THR S 84 -46.29 41.15 -52.74
CA THR S 84 -47.52 40.50 -53.18
C THR S 84 -47.49 40.37 -54.71
N ASP S 85 -48.26 39.39 -55.22
CA ASP S 85 -48.39 39.08 -56.65
C ASP S 85 -47.03 38.68 -57.24
N LEU S 86 -46.50 37.56 -56.78
CA LEU S 86 -45.27 36.99 -57.31
C LEU S 86 -45.52 35.57 -57.79
N ARG S 87 -45.00 35.27 -58.99
CA ARG S 87 -45.03 33.92 -59.54
C ARG S 87 -43.64 33.31 -59.42
N PHE S 88 -43.58 31.99 -59.55
CA PHE S 88 -42.34 31.26 -59.36
C PHE S 88 -42.19 30.19 -60.44
N GLN S 89 -41.05 30.21 -61.12
CA GLN S 89 -40.66 29.08 -61.96
C GLN S 89 -40.37 27.87 -61.09
N SER S 90 -40.63 26.68 -61.62
CA SER S 90 -40.38 25.45 -60.86
C SER S 90 -38.90 25.21 -60.65
N SER S 91 -38.07 25.61 -61.62
CA SER S 91 -36.62 25.52 -61.47
C SER S 91 -36.10 26.45 -60.38
N ALA S 92 -36.75 27.60 -60.16
CA ALA S 92 -36.38 28.46 -59.04
C ALA S 92 -36.65 27.80 -57.69
N VAL S 93 -37.79 27.12 -57.56
CA VAL S 93 -38.12 26.42 -56.31
C VAL S 93 -37.18 25.23 -56.12
N MET S 94 -36.80 24.58 -57.22
CA MET S 94 -35.85 23.47 -57.13
C MET S 94 -34.45 23.95 -56.73
N ALA S 95 -34.03 25.11 -57.24
CA ALA S 95 -32.74 25.68 -56.85
C ALA S 95 -32.75 26.11 -55.39
N LEU S 96 -33.87 26.69 -54.95
CA LEU S 96 -34.02 27.06 -53.54
C LEU S 96 -34.00 25.83 -52.63
N GLN S 97 -34.61 24.74 -53.08
CA GLN S 97 -34.62 23.49 -52.30
C GLN S 97 -33.24 22.87 -52.22
N GLU S 98 -32.50 22.90 -53.34
CA GLU S 98 -31.13 22.38 -53.37
C GLU S 98 -30.20 23.18 -52.45
N ALA S 99 -30.28 24.51 -52.53
CA ALA S 99 -29.45 25.37 -51.68
C ALA S 99 -29.82 25.23 -50.21
N CYS S 100 -31.12 25.13 -49.91
CA CYS S 100 -31.58 24.97 -48.54
C CYS S 100 -31.12 23.64 -47.94
N GLU S 101 -31.24 22.56 -48.72
CA GLU S 101 -30.86 21.24 -48.24
C GLU S 101 -29.35 21.14 -48.05
N ALA S 102 -28.59 21.74 -48.96
CA ALA S 102 -27.12 21.75 -48.85
C ALA S 102 -26.67 22.55 -47.63
N TYR S 103 -27.27 23.72 -47.41
CA TYR S 103 -26.93 24.54 -46.26
C TYR S 103 -27.29 23.85 -44.95
N LEU S 104 -28.46 23.19 -44.90
CA LEU S 104 -28.85 22.50 -43.67
C LEU S 104 -28.02 21.26 -43.42
N VAL S 105 -27.59 20.55 -44.48
CA VAL S 105 -26.73 19.38 -44.29
C VAL S 105 -25.34 19.81 -43.79
N GLY S 106 -24.80 20.90 -44.34
CA GLY S 106 -23.51 21.40 -43.87
C GLY S 106 -23.61 21.94 -42.44
N LEU S 107 -24.74 22.56 -42.10
CA LEU S 107 -24.97 23.03 -40.74
C LEU S 107 -25.09 21.86 -39.77
N PHE S 108 -25.72 20.77 -40.21
CA PHE S 108 -25.84 19.59 -39.38
C PHE S 108 -24.49 18.89 -39.21
N GLU S 109 -23.63 19.00 -40.22
CA GLU S 109 -22.25 18.49 -40.13
C GLU S 109 -21.46 19.24 -39.06
N ASP S 110 -21.51 20.58 -39.11
CA ASP S 110 -20.84 21.38 -38.09
C ASP S 110 -21.49 21.21 -36.71
N THR S 111 -22.80 20.97 -36.68
CA THR S 111 -23.53 20.71 -35.44
C THR S 111 -23.07 19.41 -34.79
N ASN S 112 -22.91 18.36 -35.61
CA ASN S 112 -22.39 17.10 -35.10
C ASN S 112 -20.94 17.24 -34.68
N LEU S 113 -20.19 18.13 -35.35
CA LEU S 113 -18.81 18.39 -34.94
C LEU S 113 -18.74 19.03 -33.55
N CYS S 114 -19.59 20.03 -33.29
CA CYS S 114 -19.64 20.62 -31.95
C CYS S 114 -20.19 19.64 -30.90
N ALA S 115 -21.11 18.75 -31.32
CA ALA S 115 -21.65 17.76 -30.40
C ALA S 115 -20.60 16.72 -30.01
N ILE S 116 -19.71 16.38 -30.95
CA ILE S 116 -18.60 15.49 -30.64
C ILE S 116 -17.55 16.21 -29.79
N HIS S 117 -17.28 17.47 -30.09
CA HIS S 117 -16.29 18.24 -29.33
C HIS S 117 -16.76 18.49 -27.89
N ALA S 118 -18.07 18.55 -27.66
CA ALA S 118 -18.61 18.69 -26.32
C ALA S 118 -18.87 17.35 -25.63
N LYS S 119 -18.15 16.30 -26.07
CA LYS S 119 -18.15 14.96 -25.46
C LYS S 119 -19.54 14.32 -25.44
N ARG S 120 -20.27 14.45 -26.53
CA ARG S 120 -21.60 13.87 -26.67
C ARG S 120 -21.72 13.11 -27.98
N VAL S 121 -22.91 12.55 -28.20
CA VAL S 121 -23.23 11.87 -29.46
C VAL S 121 -24.56 12.42 -29.95
N THR S 122 -25.28 13.09 -29.06
CA THR S 122 -26.56 13.72 -29.38
C THR S 122 -26.34 15.21 -29.61
N ILE S 123 -26.88 15.73 -30.69
CA ILE S 123 -26.72 17.14 -31.00
C ILE S 123 -27.67 17.96 -30.12
N MET S 124 -27.25 19.17 -29.81
CA MET S 124 -27.97 20.08 -28.95
C MET S 124 -28.18 21.39 -29.70
N PRO S 125 -29.08 22.26 -29.22
CA PRO S 125 -29.18 23.61 -29.81
C PRO S 125 -27.89 24.43 -29.72
N LYS S 126 -27.12 24.25 -28.64
CA LYS S 126 -25.92 25.07 -28.45
C LYS S 126 -24.84 24.72 -29.48
N ASP S 127 -24.87 23.50 -30.02
CA ASP S 127 -24.02 23.11 -31.13
C ASP S 127 -24.33 23.95 -32.38
N ILE S 128 -25.62 24.09 -32.68
CA ILE S 128 -26.11 24.88 -33.80
C ILE S 128 -25.73 26.35 -33.61
N GLN S 129 -25.94 26.85 -32.38
CA GLN S 129 -25.63 28.27 -32.10
C GLN S 129 -24.13 28.54 -32.18
N LEU S 130 -23.31 27.61 -31.68
CA LEU S 130 -21.86 27.78 -31.77
C LEU S 130 -21.36 27.70 -33.20
N ALA S 131 -21.93 26.78 -34.00
CA ALA S 131 -21.55 26.69 -35.41
C ALA S 131 -21.96 27.94 -36.18
N ARG S 132 -23.10 28.53 -35.83
CA ARG S 132 -23.53 29.74 -36.51
C ARG S 132 -22.74 30.95 -36.05
N ARG S 133 -22.25 30.95 -34.80
CA ARG S 133 -21.46 32.08 -34.32
C ARG S 133 -20.03 32.02 -34.85
N ILE S 134 -19.48 30.81 -35.00
CA ILE S 134 -18.15 30.67 -35.60
C ILE S 134 -18.23 30.94 -37.10
N ARG S 135 -19.34 30.52 -37.73
CA ARG S 135 -19.57 30.82 -39.14
C ARG S 135 -19.82 32.29 -39.39
N GLY S 136 -20.30 33.02 -38.39
CA GLY S 136 -20.56 34.45 -38.55
C GLY S 136 -21.96 34.76 -39.03
N GLU S 137 -22.92 33.90 -38.71
CA GLU S 137 -24.31 34.10 -39.13
C GLU S 137 -25.10 34.80 -38.02
N ARG S 138 -25.97 35.70 -38.44
CA ARG S 138 -26.80 36.46 -37.51
C ARG S 138 -28.29 36.28 -37.83
N LYS T 24 -55.65 32.40 -52.23
CA LYS T 24 -55.73 31.75 -50.92
C LYS T 24 -54.65 32.27 -49.98
N VAL T 25 -54.97 32.26 -48.68
CA VAL T 25 -54.01 32.72 -47.69
C VAL T 25 -53.06 31.59 -47.34
N LEU T 26 -51.82 31.95 -46.99
CA LEU T 26 -50.77 31.00 -46.68
C LEU T 26 -50.36 31.15 -45.22
N ARG T 27 -50.47 30.05 -44.47
CA ARG T 27 -50.10 30.02 -43.07
C ARG T 27 -49.66 28.60 -42.71
N ASP T 28 -48.81 28.50 -41.69
CA ASP T 28 -48.30 27.25 -41.11
C ASP T 28 -47.59 26.40 -42.18
N ASN T 29 -46.86 27.05 -43.08
CA ASN T 29 -46.13 26.30 -44.10
C ASN T 29 -44.75 25.91 -43.61
N ILE T 30 -44.26 26.58 -42.56
CA ILE T 30 -42.95 26.27 -41.99
C ILE T 30 -43.04 24.93 -41.26
N GLN T 31 -44.24 24.62 -40.76
CA GLN T 31 -44.50 23.29 -40.23
C GLN T 31 -44.78 22.26 -41.31
N GLY T 32 -44.79 22.66 -42.59
CA GLY T 32 -44.74 21.69 -43.66
C GLY T 32 -43.39 21.01 -43.76
N ILE T 33 -42.36 21.64 -43.20
CA ILE T 33 -41.04 21.03 -43.07
C ILE T 33 -41.10 20.09 -41.87
N THR T 34 -41.46 18.83 -42.12
CA THR T 34 -41.77 17.89 -41.04
C THR T 34 -40.52 17.43 -40.29
N LYS T 35 -40.72 16.85 -39.10
CA LYS T 35 -39.68 16.27 -38.28
C LYS T 35 -38.92 15.12 -38.98
N PRO T 36 -39.54 14.21 -39.75
CA PRO T 36 -38.70 13.26 -40.51
C PRO T 36 -37.88 13.89 -41.62
N ALA T 37 -38.27 15.05 -42.16
CA ALA T 37 -37.44 15.72 -43.17
C ALA T 37 -36.16 16.25 -42.55
N ILE T 38 -36.26 16.84 -41.36
CA ILE T 38 -35.12 17.38 -40.63
C ILE T 38 -34.30 16.22 -40.09
N ARG T 39 -34.96 15.08 -39.83
CA ARG T 39 -34.25 13.86 -39.48
C ARG T 39 -33.41 13.34 -40.64
N ARG T 40 -33.99 13.34 -41.84
CA ARG T 40 -33.29 12.90 -43.05
C ARG T 40 -32.12 13.83 -43.38
N LEU T 41 -32.31 15.13 -43.17
CA LEU T 41 -31.25 16.10 -43.43
C LEU T 41 -30.09 15.92 -42.45
N ALA T 42 -30.40 15.51 -41.22
CA ALA T 42 -29.35 15.23 -40.24
C ALA T 42 -28.67 13.88 -40.49
N ARG T 43 -29.41 12.90 -41.00
CA ARG T 43 -28.84 11.63 -41.41
C ARG T 43 -27.88 11.81 -42.59
N ARG T 44 -28.25 12.69 -43.53
CA ARG T 44 -27.34 13.08 -44.59
C ARG T 44 -26.15 13.88 -44.06
N GLY T 45 -26.34 14.65 -43.00
CA GLY T 45 -25.28 15.40 -42.37
C GLY T 45 -24.43 14.64 -41.37
N GLY T 46 -24.68 13.35 -41.20
CA GLY T 46 -23.89 12.53 -40.31
C GLY T 46 -24.27 12.59 -38.85
N VAL T 47 -25.48 13.04 -38.53
CA VAL T 47 -25.93 13.09 -37.14
C VAL T 47 -26.62 11.78 -36.80
N LYS T 48 -26.15 11.13 -35.73
CA LYS T 48 -26.72 9.87 -35.26
C LYS T 48 -27.90 10.07 -34.32
N ARG T 49 -27.74 10.91 -33.29
CA ARG T 49 -28.79 11.14 -32.29
C ARG T 49 -29.22 12.61 -32.37
N ILE T 50 -30.52 12.83 -32.50
CA ILE T 50 -31.09 14.17 -32.63
C ILE T 50 -31.97 14.43 -31.42
N SER T 51 -31.73 15.54 -30.72
CA SER T 51 -32.64 15.92 -29.65
C SER T 51 -33.96 16.43 -30.24
N GLY T 52 -35.03 16.34 -29.44
CA GLY T 52 -36.36 16.61 -29.98
C GLY T 52 -36.64 18.07 -30.23
N LEU T 53 -35.89 18.96 -29.60
CA LEU T 53 -36.08 20.39 -29.77
C LEU T 53 -35.22 20.97 -30.90
N ILE T 54 -34.52 20.12 -31.67
CA ILE T 54 -33.79 20.58 -32.84
C ILE T 54 -34.77 20.97 -33.96
N TYR T 55 -35.80 20.14 -34.16
CA TYR T 55 -36.65 20.21 -35.35
C TYR T 55 -37.44 21.51 -35.42
N GLU T 56 -37.63 22.17 -34.29
CA GLU T 56 -38.19 23.52 -34.34
C GLU T 56 -37.20 24.51 -34.90
N GLU T 57 -36.05 24.66 -34.23
CA GLU T 57 -35.20 25.83 -34.45
C GLU T 57 -34.51 25.80 -35.81
N THR T 58 -34.22 24.59 -36.32
CA THR T 58 -33.64 24.45 -37.66
C THR T 58 -34.59 24.99 -38.72
N ARG T 59 -35.90 24.79 -38.51
CA ARG T 59 -36.92 25.41 -39.36
C ARG T 59 -36.78 26.92 -39.36
N GLY T 60 -36.58 27.52 -38.18
CA GLY T 60 -36.31 28.94 -38.10
C GLY T 60 -35.01 29.32 -38.79
N VAL T 61 -34.01 28.45 -38.69
CA VAL T 61 -32.75 28.66 -39.41
C VAL T 61 -33.00 28.61 -40.91
N LEU T 62 -33.93 27.74 -41.33
CA LEU T 62 -34.37 27.72 -42.72
C LEU T 62 -35.00 29.05 -43.11
N LYS T 63 -35.81 29.63 -42.20
CA LYS T 63 -36.31 30.98 -42.38
C LYS T 63 -35.16 31.97 -42.48
N VAL T 64 -34.16 31.82 -41.60
CA VAL T 64 -32.96 32.64 -41.61
C VAL T 64 -32.20 32.44 -42.93
N PHE T 65 -32.30 31.26 -43.51
CA PHE T 65 -31.79 31.07 -44.87
C PHE T 65 -32.68 31.79 -45.87
N LEU T 66 -33.98 31.46 -45.86
CA LEU T 66 -34.82 31.76 -47.02
C LEU T 66 -35.17 33.23 -47.10
N GLU T 67 -35.42 33.87 -45.95
CA GLU T 67 -35.64 35.32 -45.93
C GLU T 67 -34.36 36.08 -46.26
N ASN T 68 -33.19 35.43 -46.18
CA ASN T 68 -31.97 36.07 -46.64
C ASN T 68 -31.78 35.90 -48.14
N VAL T 69 -32.45 34.91 -48.74
CA VAL T 69 -32.20 34.63 -50.15
C VAL T 69 -33.23 35.31 -51.03
N ILE T 70 -34.52 35.03 -50.79
CA ILE T 70 -35.60 35.47 -51.68
C ILE T 70 -35.74 36.99 -51.66
N ARG T 71 -35.45 37.62 -50.51
CA ARG T 71 -35.44 39.07 -50.40
C ARG T 71 -34.43 39.69 -51.35
N ASP T 72 -33.32 39.00 -51.60
CA ASP T 72 -32.40 39.44 -52.63
C ASP T 72 -33.00 39.21 -54.02
N ALA T 73 -33.59 38.04 -54.24
CA ALA T 73 -34.02 37.63 -55.58
C ALA T 73 -35.20 38.46 -56.06
N VAL T 74 -36.13 38.77 -55.16
CA VAL T 74 -37.22 39.70 -55.46
C VAL T 74 -36.66 41.08 -55.78
N THR T 75 -35.57 41.45 -55.10
CA THR T 75 -34.87 42.70 -55.41
C THR T 75 -34.26 42.64 -56.81
N TYR T 76 -33.90 41.44 -57.28
CA TYR T 76 -33.56 41.27 -58.68
C TYR T 76 -34.82 41.34 -59.54
N THR T 77 -35.91 40.70 -59.08
CA THR T 77 -37.14 40.66 -59.86
C THR T 77 -37.82 42.01 -59.90
N GLU T 78 -37.58 42.84 -58.88
CA GLU T 78 -38.06 44.22 -58.92
C GLU T 78 -37.27 45.05 -59.93
N HIS T 79 -36.00 44.69 -60.16
CA HIS T 79 -35.20 45.47 -61.09
C HIS T 79 -35.43 45.04 -62.54
N ALA T 80 -35.81 43.77 -62.73
CA ALA T 80 -36.12 43.27 -64.07
C ALA T 80 -37.54 43.61 -64.52
N LYS T 81 -38.33 44.26 -63.66
CA LYS T 81 -39.73 44.63 -63.90
C LYS T 81 -40.57 43.42 -64.28
N ARG T 82 -40.35 42.33 -63.55
CA ARG T 82 -41.04 41.07 -63.76
C ARG T 82 -41.88 40.73 -62.54
N LYS T 83 -42.97 40.01 -62.78
CA LYS T 83 -43.83 39.54 -61.71
C LYS T 83 -43.63 38.06 -61.42
N THR T 84 -42.77 37.38 -62.19
CA THR T 84 -42.46 35.97 -61.98
C THR T 84 -41.01 35.85 -61.55
N VAL T 85 -40.78 35.25 -60.39
CA VAL T 85 -39.44 35.01 -59.88
C VAL T 85 -38.84 33.86 -60.67
N THR T 86 -37.89 34.17 -61.54
CA THR T 86 -37.23 33.18 -62.37
C THR T 86 -36.15 32.45 -61.58
N ALA T 87 -35.55 31.44 -62.21
CA ALA T 87 -34.45 30.72 -61.59
C ALA T 87 -33.18 31.57 -61.58
N MET T 88 -33.06 32.49 -62.54
CA MET T 88 -31.87 33.31 -62.65
C MET T 88 -31.76 34.30 -61.49
N ASP T 89 -32.90 34.82 -61.02
CA ASP T 89 -32.89 35.71 -59.87
C ASP T 89 -32.47 34.98 -58.59
N VAL T 90 -32.88 33.71 -58.46
CA VAL T 90 -32.46 32.90 -57.32
C VAL T 90 -30.97 32.57 -57.42
N VAL T 91 -30.49 32.34 -58.64
CA VAL T 91 -29.06 32.09 -58.86
C VAL T 91 -28.24 33.32 -58.53
N TYR T 92 -28.72 34.51 -58.89
CA TYR T 92 -27.98 35.74 -58.58
C TYR T 92 -28.07 36.08 -57.09
N ALA T 93 -29.19 35.73 -56.44
CA ALA T 93 -29.29 35.89 -54.99
C ALA T 93 -28.32 34.98 -54.26
N LEU T 94 -28.13 33.75 -54.77
CA LEU T 94 -27.15 32.85 -54.20
C LEU T 94 -25.72 33.29 -54.56
N LYS T 95 -25.57 34.01 -55.67
CA LYS T 95 -24.28 34.59 -56.03
C LYS T 95 -23.89 35.70 -55.06
N ARG T 96 -24.88 36.48 -54.61
CA ARG T 96 -24.59 37.58 -53.70
C ARG T 96 -24.23 37.07 -52.31
N GLN T 97 -24.93 36.04 -51.83
CA GLN T 97 -24.77 35.53 -50.47
C GLN T 97 -23.54 34.64 -50.28
N GLY T 98 -22.72 34.45 -51.31
CA GLY T 98 -21.56 33.57 -51.18
C GLY T 98 -21.93 32.10 -51.13
N ARG T 99 -23.09 31.74 -51.68
CA ARG T 99 -23.60 30.38 -51.65
C ARG T 99 -23.98 29.96 -53.08
N THR T 100 -23.04 30.17 -54.00
CA THR T 100 -23.27 29.94 -55.43
C THR T 100 -23.58 28.47 -55.71
N LEU T 101 -24.46 28.25 -56.69
CA LEU T 101 -25.04 26.95 -56.99
C LEU T 101 -24.86 26.64 -58.47
N TYR T 102 -24.49 25.40 -58.78
CA TYR T 102 -24.36 24.93 -60.14
C TYR T 102 -25.60 24.17 -60.56
N GLY T 103 -25.98 24.31 -61.83
CA GLY T 103 -27.05 23.52 -62.41
C GLY T 103 -28.31 24.27 -62.77
N PHE T 104 -28.43 25.55 -62.42
CA PHE T 104 -29.65 26.31 -62.69
C PHE T 104 -29.36 27.61 -63.43
N GLY T 105 -28.26 27.69 -64.16
CA GLY T 105 -27.91 28.86 -64.92
C GLY T 105 -26.81 29.68 -64.25
N GLY T 106 -26.31 30.66 -65.01
CA GLY T 106 -25.26 31.52 -64.52
C GLY T 106 -23.88 31.12 -65.00
N THR U 20 -20.31 73.98 -59.54
CA THR U 20 -20.28 72.54 -59.35
C THR U 20 -21.69 71.95 -59.37
N ARG U 21 -21.78 70.62 -59.25
CA ARG U 21 -23.07 69.95 -59.27
C ARG U 21 -23.48 69.54 -57.86
N SER U 22 -22.59 69.73 -56.89
CA SER U 22 -22.92 69.39 -55.51
C SER U 22 -23.88 70.41 -54.91
N SER U 23 -23.69 71.69 -55.22
CA SER U 23 -24.57 72.73 -54.72
C SER U 23 -25.91 72.69 -55.45
N ARG U 24 -25.90 72.20 -56.70
CA ARG U 24 -27.13 72.05 -57.47
C ARG U 24 -27.93 70.87 -56.95
N ALA U 25 -27.24 69.84 -56.45
CA ALA U 25 -27.88 68.65 -55.91
C ALA U 25 -28.07 68.70 -54.41
N GLY U 26 -27.80 69.83 -53.76
CA GLY U 26 -27.99 69.96 -52.33
C GLY U 26 -27.08 69.11 -51.47
N LEU U 27 -25.95 68.65 -52.01
CA LEU U 27 -25.10 67.68 -51.36
C LEU U 27 -23.76 68.30 -51.00
N GLN U 28 -22.96 67.55 -50.25
CA GLN U 28 -21.61 67.97 -49.91
C GLN U 28 -20.55 67.22 -50.69
N PHE U 29 -20.76 65.94 -50.98
CA PHE U 29 -19.84 65.09 -51.73
C PHE U 29 -19.83 65.48 -53.21
N PRO U 30 -18.71 65.29 -53.94
CA PRO U 30 -18.66 65.77 -55.33
C PRO U 30 -19.38 64.86 -56.30
N VAL U 31 -20.23 65.46 -57.15
CA VAL U 31 -20.81 64.70 -58.26
C VAL U 31 -19.78 64.51 -59.35
N GLY U 32 -18.82 65.44 -59.46
CA GLY U 32 -17.76 65.36 -60.46
C GLY U 32 -16.80 64.20 -60.29
N ARG U 33 -16.24 64.02 -59.09
CA ARG U 33 -15.29 62.95 -58.80
C ARG U 33 -15.95 61.58 -58.89
N VAL U 34 -17.17 61.47 -58.37
CA VAL U 34 -17.91 60.21 -58.40
C VAL U 34 -18.30 59.87 -59.84
N HIS U 35 -18.72 60.88 -60.61
CA HIS U 35 -19.08 60.66 -62.01
C HIS U 35 -17.85 60.35 -62.86
N ARG U 36 -16.69 60.87 -62.48
CA ARG U 36 -15.45 60.55 -63.20
C ARG U 36 -15.00 59.12 -62.88
N LEU U 37 -15.10 58.73 -61.61
CA LEU U 37 -14.67 57.39 -61.22
C LEU U 37 -15.66 56.32 -61.68
N LEU U 38 -16.92 56.70 -61.92
CA LEU U 38 -17.89 55.75 -62.46
C LEU U 38 -17.62 55.46 -63.92
N ARG U 39 -17.14 56.46 -64.67
CA ARG U 39 -16.82 56.24 -66.08
C ARG U 39 -15.45 55.59 -66.23
N LYS U 40 -14.47 56.05 -65.45
CA LYS U 40 -13.11 55.53 -65.58
C LYS U 40 -12.93 54.19 -64.88
N GLY U 41 -13.87 53.80 -64.02
CA GLY U 41 -13.78 52.55 -63.31
C GLY U 41 -14.17 51.31 -64.08
N ASN U 42 -14.46 51.45 -65.38
CA ASN U 42 -14.89 50.37 -66.27
C ASN U 42 -16.14 49.66 -65.73
N TYR U 43 -17.10 50.45 -65.28
CA TYR U 43 -18.32 49.92 -64.68
C TYR U 43 -19.43 49.66 -65.69
N SER U 44 -19.57 50.51 -66.70
CA SER U 44 -20.55 50.31 -67.75
C SER U 44 -20.09 51.03 -68.99
N GLU U 45 -20.76 50.74 -70.11
CA GLU U 45 -20.51 51.48 -71.35
C GLU U 45 -20.97 52.92 -71.22
N ARG U 46 -22.17 53.11 -70.69
CA ARG U 46 -22.70 54.43 -70.40
C ARG U 46 -23.04 54.56 -68.93
N VAL U 47 -22.79 55.75 -68.38
CA VAL U 47 -23.01 56.03 -66.97
C VAL U 47 -23.98 57.20 -66.87
N GLY U 48 -25.11 56.98 -66.20
CA GLY U 48 -26.14 57.99 -66.08
C GLY U 48 -25.76 59.21 -65.26
N ALA U 49 -26.59 60.25 -65.31
CA ALA U 49 -26.30 61.47 -64.58
C ALA U 49 -26.86 61.46 -63.16
N GLY U 50 -27.97 60.74 -62.94
CA GLY U 50 -28.54 60.67 -61.61
C GLY U 50 -27.84 59.68 -60.71
N ALA U 51 -27.03 58.79 -61.29
CA ALA U 51 -26.31 57.80 -60.49
C ALA U 51 -25.17 58.38 -59.62
N PRO U 52 -24.32 59.33 -60.06
CA PRO U 52 -23.34 59.89 -59.11
C PRO U 52 -23.96 60.71 -58.00
N VAL U 53 -25.09 61.38 -58.25
CA VAL U 53 -25.79 62.10 -57.19
C VAL U 53 -26.31 61.15 -56.13
N TYR U 54 -26.91 60.03 -56.58
CA TYR U 54 -27.44 59.02 -55.66
C TYR U 54 -26.31 58.36 -54.87
N LEU U 55 -25.19 58.05 -55.54
CA LEU U 55 -24.08 57.39 -54.87
C LEU U 55 -23.39 58.32 -53.88
N ALA U 56 -23.26 59.60 -54.23
CA ALA U 56 -22.69 60.58 -53.31
C ALA U 56 -23.61 60.82 -52.12
N ALA U 57 -24.93 60.77 -52.33
CA ALA U 57 -25.87 60.95 -51.23
C ALA U 57 -25.86 59.77 -50.27
N VAL U 58 -25.76 58.55 -50.82
CA VAL U 58 -25.69 57.36 -49.98
C VAL U 58 -24.39 57.33 -49.20
N LEU U 59 -23.27 57.70 -49.85
CA LEU U 59 -21.98 57.80 -49.18
C LEU U 59 -22.02 58.88 -48.11
N GLU U 60 -22.72 59.99 -48.37
CA GLU U 60 -22.80 61.09 -47.40
C GLU U 60 -23.63 60.69 -46.19
N TYR U 61 -24.72 59.95 -46.40
CA TYR U 61 -25.52 59.46 -45.28
C TYR U 61 -24.76 58.44 -44.45
N LEU U 62 -24.00 57.57 -45.12
CA LEU U 62 -23.24 56.55 -44.39
C LEU U 62 -22.11 57.16 -43.58
N THR U 63 -21.37 58.12 -44.15
CA THR U 63 -20.34 58.79 -43.38
C THR U 63 -20.94 59.73 -42.34
N ALA U 64 -22.17 60.20 -42.53
CA ALA U 64 -22.83 61.01 -41.51
C ALA U 64 -23.19 60.16 -40.30
N GLU U 65 -23.71 58.95 -40.55
CA GLU U 65 -24.03 58.03 -39.45
C GLU U 65 -22.77 57.57 -38.73
N ILE U 66 -21.71 57.25 -39.48
CA ILE U 66 -20.45 56.80 -38.89
C ILE U 66 -19.81 57.90 -38.08
N LEU U 67 -19.78 59.13 -38.61
CA LEU U 67 -19.16 60.24 -37.91
C LEU U 67 -20.00 60.70 -36.73
N GLU U 68 -21.32 60.56 -36.81
CA GLU U 68 -22.22 60.89 -35.71
C GLU U 68 -21.99 59.95 -34.53
N LEU U 69 -21.96 58.64 -34.81
CA LEU U 69 -21.71 57.68 -33.73
C LEU U 69 -20.26 57.75 -33.25
N ALA U 70 -19.33 58.16 -34.13
CA ALA U 70 -17.93 58.30 -33.72
C ALA U 70 -17.75 59.50 -32.80
N GLY U 71 -18.42 60.61 -33.11
CA GLY U 71 -18.41 61.77 -32.25
C GLY U 71 -19.11 61.49 -30.93
N ASN U 72 -20.16 60.66 -30.98
CA ASN U 72 -20.82 60.20 -29.77
C ASN U 72 -19.87 59.40 -28.87
N ALA U 73 -19.19 58.40 -29.45
CA ALA U 73 -18.26 57.57 -28.69
C ALA U 73 -17.04 58.36 -28.24
N ALA U 74 -16.67 59.40 -28.98
CA ALA U 74 -15.64 60.32 -28.52
C ALA U 74 -16.12 61.14 -27.34
N ARG U 75 -17.41 61.49 -27.32
CA ARG U 75 -17.97 62.24 -26.20
C ARG U 75 -18.09 61.36 -24.95
N ASP U 76 -18.30 60.05 -25.15
CA ASP U 76 -18.23 59.15 -23.99
C ASP U 76 -16.79 58.95 -23.53
N ASN U 77 -15.83 59.03 -24.44
CA ASN U 77 -14.42 58.79 -24.11
C ASN U 77 -13.67 60.08 -23.82
N LYS U 78 -14.38 61.17 -23.50
CA LYS U 78 -13.88 62.51 -23.14
C LYS U 78 -12.79 63.03 -24.10
N LYS U 79 -13.00 62.77 -25.39
CA LYS U 79 -12.09 63.26 -26.43
C LYS U 79 -12.88 64.03 -27.46
N THR U 80 -12.24 65.04 -28.05
CA THR U 80 -12.86 65.77 -29.15
C THR U 80 -12.23 65.44 -30.50
N ARG U 81 -11.03 64.89 -30.52
CA ARG U 81 -10.40 64.40 -31.73
C ARG U 81 -10.70 62.91 -31.86
N ILE U 82 -11.37 62.53 -32.94
CA ILE U 82 -11.83 61.16 -33.13
C ILE U 82 -10.63 60.27 -33.42
N ILE U 83 -10.41 59.28 -32.55
CA ILE U 83 -9.34 58.31 -32.69
C ILE U 83 -9.95 57.06 -33.32
N PRO U 84 -9.15 56.10 -33.84
CA PRO U 84 -9.72 54.85 -34.36
C PRO U 84 -10.50 54.01 -33.36
N ARG U 85 -10.27 54.19 -32.06
CA ARG U 85 -11.08 53.50 -31.05
C ARG U 85 -12.52 54.01 -31.08
N HIS U 86 -12.71 55.31 -31.33
CA HIS U 86 -14.06 55.85 -31.47
C HIS U 86 -14.76 55.31 -32.71
N LEU U 87 -14.02 55.14 -33.81
CA LEU U 87 -14.60 54.56 -35.02
C LEU U 87 -14.93 53.08 -34.81
N GLN U 88 -14.09 52.36 -34.07
CA GLN U 88 -14.35 50.96 -33.78
C GLN U 88 -15.57 50.80 -32.88
N LEU U 89 -15.71 51.69 -31.89
CA LEU U 89 -16.88 51.67 -31.03
C LEU U 89 -18.14 52.06 -31.81
N ALA U 90 -18.01 52.98 -32.75
CA ALA U 90 -19.14 53.40 -33.57
C ALA U 90 -19.58 52.29 -34.51
N ILE U 91 -18.64 51.50 -35.01
CA ILE U 91 -19.00 50.41 -35.93
C ILE U 91 -19.55 49.22 -35.16
N ARG U 92 -18.84 48.77 -34.13
CA ARG U 92 -19.24 47.54 -33.44
C ARG U 92 -20.43 47.77 -32.50
N ASN U 93 -20.66 49.01 -32.06
CA ASN U 93 -21.79 49.25 -31.16
C ASN U 93 -23.11 49.28 -31.90
N ASP U 94 -23.12 49.81 -33.12
CA ASP U 94 -24.33 49.78 -33.95
C ASP U 94 -24.47 48.41 -34.59
N GLU U 95 -25.70 47.91 -34.67
CA GLU U 95 -25.92 46.57 -35.21
C GLU U 95 -25.79 46.56 -36.73
N GLU U 96 -26.40 47.53 -37.41
CA GLU U 96 -26.38 47.53 -38.87
C GLU U 96 -25.02 47.96 -39.42
N LEU U 97 -24.30 48.80 -38.68
CA LEU U 97 -22.95 49.17 -39.11
C LEU U 97 -21.97 48.03 -38.90
N ASN U 98 -22.20 47.21 -37.87
CA ASN U 98 -21.37 46.02 -37.69
C ASN U 98 -21.74 44.95 -38.70
N LYS U 99 -23.02 44.89 -39.11
CA LYS U 99 -23.44 43.95 -40.14
C LYS U 99 -22.89 44.36 -41.50
N LEU U 100 -22.78 45.66 -41.75
CA LEU U 100 -22.18 46.16 -42.98
C LEU U 100 -20.67 45.89 -43.00
N LEU U 101 -19.97 46.31 -41.94
CA LEU U 101 -18.54 46.06 -41.82
C LEU U 101 -18.27 44.78 -41.02
N GLY U 102 -18.85 43.67 -41.47
CA GLY U 102 -18.64 42.41 -40.77
C GLY U 102 -17.32 41.75 -41.11
N ARG U 103 -16.91 41.81 -42.38
CA ARG U 103 -15.63 41.28 -42.83
C ARG U 103 -14.56 42.38 -42.88
N VAL U 104 -14.74 43.44 -42.11
CA VAL U 104 -13.86 44.59 -42.11
C VAL U 104 -13.30 44.76 -40.70
N THR U 105 -11.97 44.76 -40.59
CA THR U 105 -11.30 45.10 -39.34
C THR U 105 -10.80 46.54 -39.42
N ILE U 106 -10.58 47.14 -38.25
CA ILE U 106 -10.20 48.55 -38.15
C ILE U 106 -8.83 48.60 -37.48
N ALA U 107 -7.88 49.29 -38.13
CA ALA U 107 -6.55 49.46 -37.56
C ALA U 107 -6.60 50.36 -36.34
N GLN U 108 -5.89 49.95 -35.29
CA GLN U 108 -5.82 50.64 -33.99
C GLN U 108 -7.20 50.82 -33.37
N GLY U 109 -8.06 49.84 -33.55
CA GLY U 109 -9.42 49.92 -33.06
C GLY U 109 -9.67 49.10 -31.81
N GLY U 110 -9.02 47.96 -31.71
CA GLY U 110 -9.26 47.06 -30.58
C GLY U 110 -10.57 46.32 -30.73
N VAL U 111 -11.03 45.80 -29.59
CA VAL U 111 -12.29 45.06 -29.53
C VAL U 111 -13.17 45.66 -28.44
N LEU U 112 -14.41 45.20 -28.40
CA LEU U 112 -15.33 45.62 -27.37
C LEU U 112 -14.97 44.94 -26.04
N PRO U 113 -15.19 45.62 -24.91
CA PRO U 113 -15.00 44.96 -23.60
C PRO U 113 -16.10 43.94 -23.37
N ASN U 114 -15.73 42.65 -23.43
CA ASN U 114 -16.71 41.58 -23.32
C ASN U 114 -16.07 40.41 -22.60
N ILE U 115 -16.57 40.11 -21.40
CA ILE U 115 -16.08 39.00 -20.58
C ILE U 115 -17.25 38.05 -20.38
N GLN U 116 -17.01 36.75 -20.61
CA GLN U 116 -18.06 35.76 -20.47
C GLN U 116 -18.38 35.54 -19.00
N ALA U 117 -19.57 34.98 -18.74
CA ALA U 117 -20.11 34.84 -17.39
C ALA U 117 -19.35 33.80 -16.56
N VAL U 118 -18.80 32.78 -17.21
CA VAL U 118 -18.11 31.71 -16.51
C VAL U 118 -16.74 32.22 -16.05
N LEU U 119 -16.21 33.23 -16.75
CA LEU U 119 -14.91 33.80 -16.41
C LEU U 119 -14.96 34.65 -15.16
N LEU U 120 -16.15 35.11 -14.77
CA LEU U 120 -16.29 35.94 -13.57
C LEU U 120 -16.11 35.08 -12.32
N PRO U 121 -15.46 35.61 -11.28
CA PRO U 121 -15.28 34.84 -10.06
C PRO U 121 -16.56 34.79 -9.23
N LYS U 122 -16.61 33.80 -8.34
CA LYS U 122 -17.77 33.62 -7.49
C LYS U 122 -17.60 34.34 -6.16
N ARG V 35 5.87 66.77 -57.36
CA ARG V 35 5.13 66.28 -56.21
C ARG V 35 3.80 65.67 -56.64
N SER V 36 3.50 64.48 -56.10
CA SER V 36 2.29 63.76 -56.47
C SER V 36 1.05 64.40 -55.83
N ARG V 37 0.10 64.76 -56.67
CA ARG V 37 -1.15 65.37 -56.22
C ARG V 37 -2.24 64.29 -56.09
N LYS V 38 -2.15 63.52 -55.01
CA LYS V 38 -3.08 62.42 -54.79
C LYS V 38 -4.40 62.96 -54.27
N GLU V 39 -5.50 62.28 -54.63
CA GLU V 39 -6.82 62.70 -54.21
C GLU V 39 -7.30 61.85 -53.04
N SER V 40 -8.20 62.44 -52.25
CA SER V 40 -8.76 61.77 -51.07
C SER V 40 -10.09 62.41 -50.74
N TYR V 41 -10.74 61.92 -49.70
CA TYR V 41 -11.97 62.50 -49.17
C TYR V 41 -11.75 63.19 -47.83
N SER V 42 -10.64 63.89 -47.65
CA SER V 42 -10.30 64.49 -46.37
C SER V 42 -11.22 65.64 -46.01
N ILE V 43 -11.29 66.65 -46.88
CA ILE V 43 -12.10 67.84 -46.61
C ILE V 43 -13.58 67.52 -46.64
N TYR V 44 -13.97 66.52 -47.44
CA TYR V 44 -15.38 66.14 -47.54
C TYR V 44 -15.89 65.48 -46.27
N VAL V 45 -15.18 64.45 -45.79
CA VAL V 45 -15.55 63.77 -44.54
C VAL V 45 -15.34 64.72 -43.36
N TYR V 46 -14.37 65.64 -43.49
CA TYR V 46 -14.16 66.69 -42.49
C TYR V 46 -15.38 67.61 -42.37
N LYS V 47 -15.92 68.03 -43.51
CA LYS V 47 -17.07 68.93 -43.50
C LYS V 47 -18.35 68.19 -43.09
N VAL V 48 -18.44 66.89 -43.42
CA VAL V 48 -19.57 66.09 -42.94
C VAL V 48 -19.51 65.93 -41.42
N LEU V 49 -18.30 65.74 -40.89
CA LEU V 49 -18.09 65.70 -39.44
C LEU V 49 -18.46 67.03 -38.79
N LYS V 50 -18.12 68.14 -39.45
CA LYS V 50 -18.52 69.44 -38.93
C LYS V 50 -20.02 69.65 -39.02
N GLN V 51 -20.67 69.01 -39.99
CA GLN V 51 -22.13 69.04 -40.07
C GLN V 51 -22.79 68.22 -38.98
N VAL V 52 -22.19 67.10 -38.57
CA VAL V 52 -22.85 66.21 -37.62
C VAL V 52 -22.31 66.38 -36.21
N HIS V 53 -21.15 67.03 -36.06
CA HIS V 53 -20.50 67.21 -34.77
C HIS V 53 -19.59 68.43 -34.85
N PRO V 54 -20.09 69.61 -34.48
CA PRO V 54 -19.32 70.85 -34.71
C PRO V 54 -18.07 70.99 -33.85
N ASP V 55 -18.15 70.67 -32.57
CA ASP V 55 -16.98 70.75 -31.68
C ASP V 55 -16.24 69.43 -31.59
N THR V 56 -15.92 68.83 -32.73
CA THR V 56 -15.33 67.50 -32.76
C THR V 56 -14.42 67.38 -33.98
N GLY V 57 -13.14 67.08 -33.72
CA GLY V 57 -12.16 66.88 -34.75
C GLY V 57 -11.96 65.41 -35.05
N ILE V 58 -10.95 65.14 -35.87
CA ILE V 58 -10.63 63.78 -36.29
C ILE V 58 -9.11 63.63 -36.34
N SER V 59 -8.64 62.40 -36.19
CA SER V 59 -7.23 62.10 -36.35
C SER V 59 -6.94 61.64 -37.78
N SER V 60 -5.66 61.72 -38.16
CA SER V 60 -5.27 61.31 -39.50
C SER V 60 -5.33 59.80 -39.66
N LYS V 61 -5.08 59.06 -38.57
CA LYS V 61 -5.28 57.61 -38.59
C LYS V 61 -6.75 57.27 -38.76
N ALA V 62 -7.63 58.04 -38.11
CA ALA V 62 -9.06 57.90 -38.33
C ALA V 62 -9.48 58.42 -39.71
N MET V 63 -8.76 59.41 -40.24
CA MET V 63 -9.06 59.95 -41.55
C MET V 63 -8.76 58.95 -42.65
N GLY V 64 -7.66 58.19 -42.51
CA GLY V 64 -7.35 57.14 -43.47
C GLY V 64 -8.38 56.02 -43.41
N ILE V 65 -8.89 55.72 -42.21
CA ILE V 65 -9.96 54.73 -42.04
C ILE V 65 -11.24 55.21 -42.73
N MET V 66 -11.56 56.49 -42.58
CA MET V 66 -12.76 57.05 -43.22
C MET V 66 -12.63 57.08 -44.73
N ASN V 67 -11.42 57.37 -45.24
CA ASN V 67 -11.20 57.36 -46.68
C ASN V 67 -11.30 55.95 -47.27
N SER V 68 -10.75 54.96 -46.56
CA SER V 68 -10.86 53.57 -47.01
C SER V 68 -12.30 53.09 -46.90
N PHE V 69 -13.06 53.60 -45.93
CA PHE V 69 -14.47 53.25 -45.79
C PHE V 69 -15.29 53.79 -46.96
N VAL V 70 -15.05 55.06 -47.31
CA VAL V 70 -15.76 55.68 -48.44
C VAL V 70 -15.42 54.98 -49.74
N ASN V 71 -14.13 54.64 -49.92
CA ASN V 71 -13.70 53.97 -51.15
C ASN V 71 -14.24 52.55 -51.23
N ASP V 72 -14.33 51.85 -50.09
CA ASP V 72 -14.82 50.47 -50.09
C ASP V 72 -16.32 50.43 -50.36
N ILE V 73 -17.08 51.36 -49.76
CA ILE V 73 -18.52 51.44 -50.02
C ILE V 73 -18.78 51.84 -51.48
N PHE V 74 -17.95 52.76 -52.01
CA PHE V 74 -18.03 53.16 -53.41
C PHE V 74 -17.80 51.96 -54.35
N GLU V 75 -16.75 51.18 -54.08
CA GLU V 75 -16.42 50.04 -54.92
C GLU V 75 -17.49 48.96 -54.83
N ARG V 76 -18.05 48.73 -53.63
CA ARG V 76 -19.06 47.70 -53.46
C ARG V 76 -20.37 48.07 -54.17
N ILE V 77 -20.83 49.31 -54.02
CA ILE V 77 -22.09 49.71 -54.66
C ILE V 77 -21.92 49.81 -56.17
N ALA V 78 -20.73 50.24 -56.63
CA ALA V 78 -20.46 50.34 -58.06
C ALA V 78 -20.39 48.96 -58.70
N GLY V 79 -19.77 48.00 -58.02
CA GLY V 79 -19.72 46.64 -58.53
C GLY V 79 -21.09 45.96 -58.50
N GLU V 80 -21.90 46.27 -57.50
CA GLU V 80 -23.25 45.73 -57.43
C GLU V 80 -24.12 46.26 -58.55
N ALA V 81 -24.00 47.56 -58.84
CA ALA V 81 -24.74 48.15 -59.95
C ALA V 81 -24.25 47.63 -61.29
N SER V 82 -22.94 47.38 -61.41
CA SER V 82 -22.38 46.78 -62.62
C SER V 82 -22.92 45.38 -62.83
N ARG V 83 -23.04 44.61 -61.75
CA ARG V 83 -23.57 43.26 -61.85
C ARG V 83 -25.05 43.28 -62.22
N LEU V 84 -25.82 44.20 -61.64
CA LEU V 84 -27.24 44.34 -61.99
C LEU V 84 -27.43 44.75 -63.46
N ALA V 85 -26.61 45.68 -63.94
CA ALA V 85 -26.69 46.12 -65.32
C ALA V 85 -26.26 45.01 -66.29
N HIS V 86 -25.31 44.17 -65.86
CA HIS V 86 -24.90 43.05 -66.69
C HIS V 86 -25.95 41.94 -66.69
N TYR V 87 -26.65 41.78 -65.57
CA TYR V 87 -27.69 40.75 -65.49
C TYR V 87 -28.93 41.16 -66.27
N ASN V 88 -29.22 42.46 -66.34
CA ASN V 88 -30.42 42.96 -67.01
C ASN V 88 -30.17 43.34 -68.46
N LYS V 89 -28.99 43.01 -68.98
CA LYS V 89 -28.57 43.24 -70.37
C LYS V 89 -28.66 44.71 -70.76
N ARG V 90 -28.15 45.56 -69.86
CA ARG V 90 -28.23 47.00 -70.04
C ARG V 90 -26.83 47.60 -69.91
N SER V 91 -26.53 48.53 -70.80
CA SER V 91 -25.22 49.18 -70.84
C SER V 91 -25.21 50.52 -70.11
N THR V 92 -26.33 50.92 -69.51
CA THR V 92 -26.43 52.19 -68.81
C THR V 92 -26.77 51.95 -67.35
N ILE V 93 -25.91 52.43 -66.46
CA ILE V 93 -26.15 52.38 -65.02
C ILE V 93 -26.79 53.71 -64.64
N THR V 94 -28.07 53.66 -64.31
CA THR V 94 -28.82 54.84 -63.90
C THR V 94 -28.88 54.92 -62.38
N SER V 95 -29.74 55.82 -61.89
CA SER V 95 -29.96 55.94 -60.47
C SER V 95 -30.70 54.73 -59.90
N ARG V 96 -31.44 54.02 -60.74
CA ARG V 96 -32.19 52.84 -60.30
C ARG V 96 -31.24 51.69 -59.98
N GLU V 97 -30.14 51.58 -60.73
CA GLU V 97 -29.16 50.52 -60.47
C GLU V 97 -28.43 50.76 -59.15
N ILE V 98 -28.08 52.02 -58.88
CA ILE V 98 -27.47 52.38 -57.59
C ILE V 98 -28.49 52.18 -56.46
N GLN V 99 -29.77 52.42 -56.76
CA GLN V 99 -30.83 52.27 -55.77
C GLN V 99 -31.01 50.81 -55.37
N THR V 100 -31.07 49.90 -56.35
CA THR V 100 -31.22 48.49 -56.03
C THR V 100 -29.92 47.91 -55.47
N ALA V 101 -28.77 48.51 -55.80
CA ALA V 101 -27.51 48.12 -55.18
C ALA V 101 -27.49 48.48 -53.70
N VAL V 102 -28.05 49.64 -53.36
CA VAL V 102 -28.14 50.07 -51.96
C VAL V 102 -29.15 49.21 -51.21
N ARG V 103 -30.29 48.90 -51.85
CA ARG V 103 -31.29 48.04 -51.23
C ARG V 103 -30.81 46.60 -51.07
N LEU V 104 -29.85 46.18 -51.89
CA LEU V 104 -29.26 44.86 -51.71
C LEU V 104 -28.17 44.86 -50.64
N LEU V 105 -27.25 45.81 -50.70
CA LEU V 105 -26.05 45.76 -49.85
C LEU V 105 -26.32 46.17 -48.41
N LEU V 106 -26.98 47.30 -48.18
CA LEU V 106 -27.13 47.85 -46.84
C LEU V 106 -28.27 47.15 -46.10
N PRO V 107 -28.18 47.06 -44.76
CA PRO V 107 -29.28 46.49 -43.97
C PRO V 107 -30.51 47.40 -44.01
N GLY V 108 -31.68 46.82 -43.71
CA GLY V 108 -33.00 47.37 -43.94
C GLY V 108 -33.28 48.82 -43.56
N GLU V 109 -33.03 49.19 -42.31
CA GLU V 109 -33.20 50.59 -41.90
C GLU V 109 -32.15 51.48 -42.54
N LEU V 110 -30.89 51.02 -42.57
CA LEU V 110 -29.82 51.75 -43.22
C LEU V 110 -30.07 51.87 -44.72
N ALA V 111 -30.54 50.80 -45.36
CA ALA V 111 -30.84 50.84 -46.79
C ALA V 111 -32.02 51.75 -47.08
N LYS V 112 -33.03 51.76 -46.20
CA LYS V 112 -34.20 52.61 -46.38
C LYS V 112 -33.84 54.08 -46.24
N HIS V 113 -33.02 54.41 -45.24
CA HIS V 113 -32.62 55.81 -45.04
C HIS V 113 -31.70 56.29 -46.15
N ALA V 114 -30.82 55.40 -46.64
CA ALA V 114 -29.94 55.75 -47.75
C ALA V 114 -30.74 55.91 -49.04
N VAL V 115 -31.79 55.08 -49.22
CA VAL V 115 -32.68 55.19 -50.37
C VAL V 115 -33.40 56.53 -50.36
N SER V 116 -33.89 56.95 -49.20
CA SER V 116 -34.59 58.23 -49.07
C SER V 116 -33.65 59.41 -49.36
N GLU V 117 -32.42 59.36 -48.81
CA GLU V 117 -31.41 60.40 -49.04
C GLU V 117 -31.01 60.51 -50.51
N GLY V 118 -30.76 59.35 -51.14
CA GLY V 118 -30.42 59.31 -52.54
C GLY V 118 -31.52 59.84 -53.42
N THR V 119 -32.77 59.47 -53.13
CA THR V 119 -33.87 59.89 -53.99
C THR V 119 -34.18 61.37 -53.82
N LYS V 120 -34.09 61.92 -52.60
CA LYS V 120 -34.27 63.35 -52.41
C LYS V 120 -33.13 64.14 -53.06
N ALA V 121 -31.90 63.60 -53.04
CA ALA V 121 -30.81 64.27 -53.74
C ALA V 121 -30.96 64.22 -55.25
N VAL V 122 -31.48 63.11 -55.79
CA VAL V 122 -31.76 63.01 -57.22
C VAL V 122 -32.87 63.99 -57.63
N THR V 123 -33.90 64.14 -56.79
CA THR V 123 -34.98 65.07 -57.12
C THR V 123 -34.52 66.53 -57.04
N LYS V 124 -33.73 66.89 -56.02
CA LYS V 124 -33.27 68.28 -55.98
C LYS V 124 -32.12 68.52 -56.95
N TYR V 125 -31.49 67.46 -57.47
CA TYR V 125 -30.55 67.63 -58.57
C TYR V 125 -31.29 67.87 -59.88
N THR V 126 -32.39 67.14 -60.10
CA THR V 126 -33.16 67.27 -61.33
C THR V 126 -33.99 68.55 -61.36
N SER V 127 -34.30 69.14 -60.21
CA SER V 127 -35.03 70.40 -60.18
C SER V 127 -34.16 71.54 -60.69
N ALA V 128 -32.95 71.66 -60.14
CA ALA V 128 -32.03 72.70 -60.57
C ALA V 128 -31.39 72.34 -61.91
N LYS V 129 -30.80 73.36 -62.54
CA LYS V 129 -30.15 73.17 -63.84
C LYS V 129 -28.95 74.10 -63.98
N HIS W 43 0.90 39.84 0.09
CA HIS W 43 0.25 38.53 0.11
C HIS W 43 0.18 37.95 -1.30
N ARG W 44 -0.79 37.07 -1.52
CA ARG W 44 -0.95 36.38 -2.80
C ARG W 44 -2.34 36.65 -3.36
N TYR W 45 -2.39 37.09 -4.61
CA TYR W 45 -3.66 37.24 -5.31
C TYR W 45 -4.22 35.87 -5.66
N ARG W 46 -5.53 35.81 -5.86
CA ARG W 46 -6.16 34.55 -6.20
C ARG W 46 -5.84 34.16 -7.64
N PRO W 47 -5.70 32.87 -7.96
CA PRO W 47 -5.45 32.47 -9.36
C PRO W 47 -6.65 32.71 -10.25
N GLY W 48 -6.51 33.65 -11.19
CA GLY W 48 -7.58 34.01 -12.10
C GLY W 48 -7.99 35.47 -12.04
N THR W 49 -7.60 36.20 -11.00
CA THR W 49 -7.96 37.61 -10.87
C THR W 49 -7.07 38.51 -11.71
N VAL W 50 -5.76 38.22 -11.74
CA VAL W 50 -4.82 39.00 -12.56
C VAL W 50 -5.10 38.78 -14.05
N ALA W 51 -5.58 37.60 -14.43
CA ALA W 51 -5.96 37.33 -15.81
C ALA W 51 -7.18 38.16 -16.22
N LEU W 52 -8.16 38.28 -15.31
CA LEU W 52 -9.33 39.11 -15.60
C LEU W 52 -8.97 40.59 -15.64
N ARG W 53 -8.03 41.01 -14.79
CA ARG W 53 -7.57 42.40 -14.83
C ARG W 53 -6.81 42.68 -16.12
N GLU W 54 -6.05 41.70 -16.61
CA GLU W 54 -5.37 41.85 -17.90
C GLU W 54 -6.37 41.88 -19.05
N ILE W 55 -7.47 41.12 -18.94
CA ILE W 55 -8.52 41.14 -19.96
C ILE W 55 -9.18 42.53 -19.99
N ARG W 56 -9.50 43.06 -18.81
CA ARG W 56 -10.10 44.39 -18.73
C ARG W 56 -9.13 45.48 -19.17
N ARG W 57 -7.83 45.25 -19.00
CA ARG W 57 -6.84 46.25 -19.41
C ARG W 57 -6.62 46.23 -20.92
N TYR W 58 -6.54 45.04 -21.53
CA TYR W 58 -6.22 44.93 -22.94
C TYR W 58 -7.45 45.05 -23.84
N GLN W 59 -8.65 44.81 -23.31
CA GLN W 59 -9.85 45.03 -24.11
C GLN W 59 -10.21 46.51 -24.23
N LYS W 60 -9.68 47.35 -23.34
CA LYS W 60 -9.90 48.79 -23.42
C LYS W 60 -8.82 49.51 -24.22
N SER W 61 -7.74 48.82 -24.57
CA SER W 61 -6.61 49.42 -25.26
C SER W 61 -6.64 49.04 -26.75
N THR W 62 -5.91 49.83 -27.54
CA THR W 62 -5.82 49.63 -28.98
C THR W 62 -4.41 49.36 -29.46
N GLU W 63 -3.42 49.39 -28.56
CA GLU W 63 -2.03 49.22 -28.96
C GLU W 63 -1.74 47.75 -29.28
N LEU W 64 -0.67 47.54 -30.05
CA LEU W 64 -0.31 46.21 -30.49
C LEU W 64 0.27 45.39 -29.34
N LEU W 65 0.15 44.06 -29.46
CA LEU W 65 0.64 43.14 -28.44
C LEU W 65 1.81 42.29 -28.91
N ILE W 66 2.11 42.30 -30.21
CA ILE W 66 3.31 41.64 -30.75
C ILE W 66 4.35 42.71 -30.98
N ARG W 67 5.58 42.45 -30.54
CA ARG W 67 6.67 43.40 -30.75
C ARG W 67 7.05 43.48 -32.22
N LYS W 68 7.64 44.62 -32.61
CA LYS W 68 7.75 44.95 -34.03
C LYS W 68 8.87 44.18 -34.71
N LEU W 69 10.04 44.11 -34.08
CA LEU W 69 11.22 43.55 -34.73
C LEU W 69 11.19 42.02 -34.93
N PRO W 70 10.76 41.17 -33.97
CA PRO W 70 10.66 39.73 -34.31
C PRO W 70 9.58 39.42 -35.33
N PHE W 71 8.45 40.14 -35.29
CA PHE W 71 7.41 39.95 -36.30
C PHE W 71 7.89 40.42 -37.67
N GLN W 72 8.68 41.49 -37.70
CA GLN W 72 9.23 41.98 -38.96
C GLN W 72 10.26 41.01 -39.53
N ARG W 73 11.09 40.42 -38.67
CA ARG W 73 12.02 39.40 -39.12
C ARG W 73 11.31 38.14 -39.59
N LEU W 74 10.19 37.77 -38.95
CA LEU W 74 9.40 36.63 -39.39
C LEU W 74 8.74 36.91 -40.74
N VAL W 75 8.25 38.14 -40.95
CA VAL W 75 7.63 38.53 -42.21
C VAL W 75 8.68 38.52 -43.33
N ARG W 76 9.88 39.02 -43.04
CA ARG W 76 10.95 39.02 -44.04
C ARG W 76 11.44 37.60 -44.33
N GLU W 77 11.42 36.73 -43.32
CA GLU W 77 11.82 35.34 -43.52
C GLU W 77 10.79 34.59 -44.37
N ILE W 78 9.51 34.86 -44.15
CA ILE W 78 8.45 34.22 -44.93
C ILE W 78 8.46 34.74 -46.37
N ALA W 79 8.69 36.05 -46.54
CA ALA W 79 8.73 36.62 -47.88
C ALA W 79 10.02 36.26 -48.61
N GLN W 80 11.05 35.85 -47.87
CA GLN W 80 12.28 35.39 -48.51
C GLN W 80 12.07 34.04 -49.18
N ASP W 81 11.11 33.25 -48.68
CA ASP W 81 10.81 31.95 -49.27
C ASP W 81 10.07 32.07 -50.59
N PHE W 82 9.43 33.21 -50.86
CA PHE W 82 8.68 33.41 -52.09
C PHE W 82 9.44 34.20 -53.15
N LYS W 83 10.20 35.21 -52.76
CA LYS W 83 10.97 36.00 -53.71
C LYS W 83 12.19 36.58 -53.00
N THR W 84 13.33 36.55 -53.67
CA THR W 84 14.59 36.98 -53.08
C THR W 84 14.87 38.44 -53.41
N ASP W 85 15.68 39.07 -52.55
CA ASP W 85 16.06 40.48 -52.60
C ASP W 85 14.82 41.39 -52.62
N LEU W 86 14.05 41.28 -51.55
CA LEU W 86 12.81 42.04 -51.39
C LEU W 86 13.00 43.14 -50.36
N ARG W 87 12.34 44.27 -50.59
CA ARG W 87 12.30 45.37 -49.65
C ARG W 87 10.88 45.52 -49.13
N PHE W 88 10.75 46.01 -47.90
CA PHE W 88 9.46 46.14 -47.25
C PHE W 88 9.25 47.55 -46.75
N GLN W 89 8.08 48.12 -47.05
CA GLN W 89 7.67 49.35 -46.41
C GLN W 89 7.30 49.07 -44.96
N SER W 90 7.52 50.07 -44.09
CA SER W 90 7.17 49.91 -42.69
C SER W 90 5.66 49.87 -42.48
N SER W 91 4.91 50.61 -43.30
CA SER W 91 3.46 50.60 -43.19
C SER W 91 2.87 49.29 -43.73
N ALA W 92 3.58 48.62 -44.63
CA ALA W 92 3.15 47.29 -45.08
C ALA W 92 3.22 46.26 -43.95
N VAL W 93 4.33 46.24 -43.21
CA VAL W 93 4.45 45.34 -42.07
C VAL W 93 3.55 45.78 -40.92
N MET W 94 3.27 47.09 -40.84
CA MET W 94 2.33 47.63 -39.86
C MET W 94 0.91 47.12 -40.12
N ALA W 95 0.48 47.15 -41.39
CA ALA W 95 -0.83 46.63 -41.77
C ALA W 95 -0.90 45.12 -41.63
N LEU W 96 0.22 44.44 -41.94
CA LEU W 96 0.32 42.99 -41.73
C LEU W 96 0.17 42.63 -40.26
N GLN W 97 0.80 43.41 -39.38
CA GLN W 97 0.76 43.14 -37.95
C GLN W 97 -0.63 43.43 -37.38
N GLU W 98 -1.28 44.50 -37.86
CA GLU W 98 -2.64 44.81 -37.42
C GLU W 98 -3.63 43.72 -37.85
N ALA W 99 -3.53 43.27 -39.11
CA ALA W 99 -4.42 42.22 -39.60
C ALA W 99 -4.16 40.89 -38.89
N CYS W 100 -2.89 40.57 -38.65
CA CYS W 100 -2.54 39.33 -37.95
C CYS W 100 -2.99 39.36 -36.50
N GLU W 101 -2.86 40.51 -35.84
CA GLU W 101 -3.29 40.62 -34.45
C GLU W 101 -4.81 40.57 -34.32
N ALA W 102 -5.51 41.19 -35.27
CA ALA W 102 -6.97 41.14 -35.30
C ALA W 102 -7.47 39.72 -35.56
N TYR W 103 -6.81 39.01 -36.48
CA TYR W 103 -7.17 37.63 -36.77
C TYR W 103 -6.90 36.72 -35.58
N LEU W 104 -5.78 36.94 -34.88
CA LEU W 104 -5.47 36.11 -33.72
C LEU W 104 -6.38 36.42 -32.54
N VAL W 105 -6.81 37.67 -32.38
CA VAL W 105 -7.74 38.02 -31.30
C VAL W 105 -9.12 37.42 -31.58
N GLY W 106 -9.57 37.47 -32.84
CA GLY W 106 -10.84 36.84 -33.23
C GLY W 106 -10.78 35.32 -33.09
N LEU W 107 -9.63 34.74 -33.42
CA LEU W 107 -9.44 33.30 -33.25
C LEU W 107 -9.42 32.91 -31.77
N PHE W 108 -8.86 33.77 -30.93
CA PHE W 108 -8.86 33.49 -29.49
C PHE W 108 -10.27 33.66 -28.91
N GLU W 109 -11.05 34.57 -29.47
CA GLU W 109 -12.45 34.73 -29.10
C GLU W 109 -13.27 33.48 -29.41
N ASP W 110 -13.14 32.98 -30.64
CA ASP W 110 -13.82 31.76 -31.03
C ASP W 110 -13.28 30.54 -30.28
N THR W 111 -11.98 30.55 -29.93
CA THR W 111 -11.38 29.47 -29.18
C THR W 111 -11.90 29.43 -27.75
N ASN W 112 -12.05 30.61 -27.14
CA ASN W 112 -12.60 30.70 -25.79
C ASN W 112 -14.08 30.29 -25.78
N LEU W 113 -14.81 30.68 -26.83
CA LEU W 113 -16.21 30.26 -26.94
C LEU W 113 -16.34 28.74 -27.10
N CYS W 114 -15.47 28.14 -27.91
CA CYS W 114 -15.51 26.70 -28.11
C CYS W 114 -15.03 25.95 -26.87
N ALA W 115 -14.10 26.53 -26.11
CA ALA W 115 -13.63 25.91 -24.87
C ALA W 115 -14.68 26.00 -23.78
N ILE W 116 -15.47 27.09 -23.77
CA ILE W 116 -16.62 27.18 -22.88
C ILE W 116 -17.68 26.17 -23.29
N HIS W 117 -17.86 25.98 -24.60
CA HIS W 117 -18.77 24.96 -25.12
C HIS W 117 -18.32 23.55 -24.76
N ALA W 118 -17.02 23.33 -24.61
CA ALA W 118 -16.47 22.03 -24.24
C ALA W 118 -16.33 21.87 -22.73
N LYS W 119 -17.13 22.62 -21.96
CA LYS W 119 -17.21 22.58 -20.49
C LYS W 119 -15.87 22.85 -19.81
N ARG W 120 -15.05 23.73 -20.41
CA ARG W 120 -13.76 24.07 -19.84
C ARG W 120 -13.63 25.59 -19.70
N VAL W 121 -12.54 26.03 -19.07
CA VAL W 121 -12.23 27.45 -18.98
C VAL W 121 -10.84 27.63 -19.59
N THR W 122 -10.14 26.52 -19.80
CA THR W 122 -8.83 26.52 -20.44
C THR W 122 -9.01 26.17 -21.91
N ILE W 123 -8.46 27.01 -22.77
CA ILE W 123 -8.50 26.75 -24.20
C ILE W 123 -7.50 25.66 -24.55
N MET W 124 -7.71 25.02 -25.69
CA MET W 124 -6.91 23.88 -26.11
C MET W 124 -6.79 23.89 -27.62
N PRO W 125 -5.77 23.21 -28.18
CA PRO W 125 -5.64 23.15 -29.65
C PRO W 125 -6.80 22.46 -30.36
N LYS W 126 -7.56 21.60 -29.66
CA LYS W 126 -8.79 21.06 -30.25
C LYS W 126 -9.83 22.14 -30.48
N ASP W 127 -9.88 23.16 -29.64
CA ASP W 127 -10.80 24.28 -29.82
C ASP W 127 -10.41 25.11 -31.04
N ILE W 128 -9.11 25.32 -31.23
CA ILE W 128 -8.56 26.03 -32.39
C ILE W 128 -8.86 25.24 -33.65
N GLN W 129 -8.72 23.91 -33.57
CA GLN W 129 -8.98 23.05 -34.72
C GLN W 129 -10.46 23.06 -35.10
N LEU W 130 -11.35 23.02 -34.11
CA LEU W 130 -12.78 23.05 -34.41
C LEU W 130 -13.22 24.43 -34.92
N ALA W 131 -12.63 25.49 -34.38
CA ALA W 131 -12.96 26.85 -34.82
C ALA W 131 -12.50 27.07 -36.26
N ARG W 132 -11.30 26.57 -36.60
CA ARG W 132 -10.82 26.72 -37.98
C ARG W 132 -11.54 25.74 -38.92
N ARG W 133 -12.10 24.66 -38.37
CA ARG W 133 -12.87 23.73 -39.19
C ARG W 133 -14.22 24.31 -39.57
N ILE W 134 -14.93 24.88 -38.59
CA ILE W 134 -16.22 25.50 -38.88
C ILE W 134 -16.03 26.81 -39.65
N ARG W 135 -14.91 27.49 -39.41
CA ARG W 135 -14.60 28.70 -40.17
C ARG W 135 -14.30 28.40 -41.64
N GLY W 136 -13.83 27.20 -41.94
CA GLY W 136 -13.47 26.87 -43.30
C GLY W 136 -12.01 27.06 -43.62
N GLU W 137 -11.21 27.50 -42.65
CA GLU W 137 -9.77 27.64 -42.87
C GLU W 137 -9.09 26.27 -42.86
N ARG W 138 -9.25 25.52 -41.77
CA ARG W 138 -8.79 24.15 -41.74
C ARG W 138 -9.83 23.24 -42.37
N ALA W 139 -9.36 22.38 -43.26
CA ALA W 139 -10.24 21.45 -43.97
C ALA W 139 -10.75 20.35 -43.04
N ASN X 29 12.98 33.59 -34.66
CA ASN X 29 12.18 34.03 -35.79
C ASN X 29 10.70 33.69 -35.57
N ILE X 30 10.36 32.42 -35.77
CA ILE X 30 9.01 31.96 -35.47
C ILE X 30 8.80 31.87 -33.95
N GLN X 31 9.90 31.69 -33.21
CA GLN X 31 9.87 31.71 -31.76
C GLN X 31 10.02 33.14 -31.26
N GLY X 32 10.24 34.08 -32.19
CA GLY X 32 10.21 35.49 -31.86
C GLY X 32 8.85 36.00 -31.44
N ILE X 33 7.78 35.32 -31.87
CA ILE X 33 6.46 35.56 -31.33
C ILE X 33 6.41 34.87 -29.97
N THR X 34 6.68 35.63 -28.92
CA THR X 34 6.94 35.04 -27.62
C THR X 34 5.65 34.62 -26.92
N LYS X 35 5.81 33.82 -25.86
CA LYS X 35 4.70 33.40 -25.02
C LYS X 35 3.94 34.55 -24.33
N PRO X 36 4.59 35.62 -23.80
CA PRO X 36 3.76 36.74 -23.32
C PRO X 36 3.02 37.50 -24.41
N ALA X 37 3.50 37.48 -25.65
CA ALA X 37 2.78 38.14 -26.73
C ALA X 37 1.49 37.40 -27.07
N ILE X 38 1.58 36.07 -27.17
CA ILE X 38 0.38 35.24 -27.38
C ILE X 38 -0.52 35.29 -26.16
N ARG X 39 0.06 35.45 -24.97
CA ARG X 39 -0.72 35.61 -23.75
C ARG X 39 -1.53 36.92 -23.77
N ARG X 40 -0.90 38.01 -24.22
CA ARG X 40 -1.61 39.28 -24.33
C ARG X 40 -2.66 39.24 -25.42
N LEU X 41 -2.39 38.52 -26.52
CA LEU X 41 -3.38 38.36 -27.58
C LEU X 41 -4.57 37.54 -27.11
N ALA X 42 -4.33 36.58 -26.22
CA ALA X 42 -5.45 35.82 -25.63
C ALA X 42 -6.20 36.65 -24.59
N ARG X 43 -5.49 37.54 -23.89
CA ARG X 43 -6.15 38.41 -22.92
C ARG X 43 -7.02 39.45 -23.61
N ARG X 44 -6.61 39.89 -24.81
CA ARG X 44 -7.46 40.78 -25.59
C ARG X 44 -8.71 40.07 -26.11
N GLY X 45 -8.59 38.79 -26.48
CA GLY X 45 -9.75 38.03 -26.90
C GLY X 45 -10.65 37.57 -25.77
N GLY X 46 -10.19 37.70 -24.53
CA GLY X 46 -10.97 37.30 -23.38
C GLY X 46 -10.71 35.90 -22.87
N VAL X 47 -9.54 35.35 -23.10
CA VAL X 47 -9.19 34.01 -22.64
C VAL X 47 -8.63 34.09 -21.22
N LYS X 48 -9.19 33.31 -20.31
CA LYS X 48 -8.75 33.31 -18.92
C LYS X 48 -7.60 32.35 -18.68
N ARG X 49 -7.71 31.12 -19.17
CA ARG X 49 -6.69 30.09 -18.95
C ARG X 49 -6.17 29.59 -20.29
N ILE X 50 -4.86 29.44 -20.39
CA ILE X 50 -4.17 29.15 -21.65
C ILE X 50 -3.38 27.86 -21.47
N SER X 51 -3.51 26.94 -22.44
CA SER X 51 -2.75 25.70 -22.38
C SER X 51 -1.32 25.92 -22.88
N GLY X 52 -0.52 24.85 -22.81
CA GLY X 52 0.88 24.96 -23.20
C GLY X 52 1.09 24.87 -24.70
N LEU X 53 0.30 24.04 -25.38
CA LEU X 53 0.44 23.89 -26.82
C LEU X 53 -0.29 24.98 -27.59
N ILE X 54 -0.99 25.88 -26.88
CA ILE X 54 -1.71 26.99 -27.51
C ILE X 54 -0.73 27.92 -28.22
N TYR X 55 0.44 28.14 -27.62
CA TYR X 55 1.44 29.02 -28.21
C TYR X 55 2.01 28.44 -29.51
N GLU X 56 2.25 27.14 -29.54
CA GLU X 56 2.79 26.51 -30.75
C GLU X 56 1.72 26.43 -31.84
N GLU X 57 0.47 26.15 -31.46
CA GLU X 57 -0.61 26.14 -32.45
C GLU X 57 -0.86 27.54 -33.00
N THR X 58 -0.72 28.56 -32.15
CA THR X 58 -0.87 29.95 -32.59
C THR X 58 0.27 30.34 -33.52
N ARG X 59 1.49 29.86 -33.23
CA ARG X 59 2.63 30.09 -34.11
C ARG X 59 2.42 29.46 -35.47
N GLY X 60 1.90 28.22 -35.50
CA GLY X 60 1.64 27.56 -36.77
C GLY X 60 0.53 28.23 -37.58
N VAL X 61 -0.55 28.63 -36.89
CA VAL X 61 -1.68 29.28 -37.56
C VAL X 61 -1.26 30.65 -38.09
N LEU X 62 -0.47 31.39 -37.29
CA LEU X 62 0.06 32.68 -37.73
C LEU X 62 1.02 32.52 -38.90
N LYS X 63 1.80 31.45 -38.91
CA LYS X 63 2.70 31.18 -40.03
C LYS X 63 1.93 30.87 -41.31
N VAL X 64 0.84 30.11 -41.19
CA VAL X 64 0.02 29.76 -42.36
C VAL X 64 -0.68 31.00 -42.92
N PHE X 65 -1.24 31.83 -42.03
CA PHE X 65 -1.93 33.04 -42.43
C PHE X 65 -0.98 34.06 -43.05
N LEU X 66 0.20 34.23 -42.44
CA LEU X 66 1.21 35.13 -42.99
C LEU X 66 1.76 34.62 -44.31
N GLU X 67 1.87 33.29 -44.46
CA GLU X 67 2.31 32.70 -45.71
C GLU X 67 1.32 32.99 -46.84
N ASN X 68 0.03 32.83 -46.55
CA ASN X 68 -1.00 33.09 -47.56
C ASN X 68 -1.06 34.57 -47.96
N VAL X 69 -1.08 35.46 -46.96
CA VAL X 69 -1.21 36.90 -47.24
C VAL X 69 0.05 37.43 -47.92
N ILE X 70 1.24 37.01 -47.45
CA ILE X 70 2.48 37.45 -48.05
C ILE X 70 2.67 36.85 -49.45
N ARG X 71 2.16 35.64 -49.69
CA ARG X 71 2.23 35.05 -51.02
C ARG X 71 1.35 35.80 -52.01
N ASP X 72 0.14 36.18 -51.59
CA ASP X 72 -0.72 36.99 -52.46
C ASP X 72 -0.13 38.38 -52.69
N ALA X 73 0.48 38.95 -51.64
CA ALA X 73 1.08 40.28 -51.75
C ALA X 73 2.30 40.28 -52.66
N VAL X 74 3.10 39.21 -52.60
CA VAL X 74 4.30 39.15 -53.43
C VAL X 74 3.92 38.75 -54.86
N THR X 75 2.76 38.11 -55.03
CA THR X 75 2.24 37.91 -56.37
C THR X 75 1.83 39.25 -56.98
N TYR X 76 1.18 40.10 -56.18
CA TYR X 76 0.86 41.46 -56.60
C TYR X 76 2.13 42.26 -56.91
N THR X 77 3.17 42.08 -56.09
CA THR X 77 4.42 42.82 -56.28
C THR X 77 5.16 42.37 -57.53
N GLU X 78 5.20 41.06 -57.79
CA GLU X 78 5.90 40.56 -58.96
C GLU X 78 5.11 40.82 -60.24
N HIS X 79 3.79 40.99 -60.13
CA HIS X 79 3.06 41.52 -61.26
C HIS X 79 3.29 43.02 -61.44
N ALA X 80 3.56 43.74 -60.36
CA ALA X 80 3.83 45.18 -60.41
C ALA X 80 5.26 45.50 -60.83
N LYS X 81 6.10 44.46 -61.05
CA LYS X 81 7.50 44.59 -61.49
C LYS X 81 8.32 45.44 -60.52
N ARG X 82 8.25 45.09 -59.23
CA ARG X 82 8.93 45.83 -58.19
C ARG X 82 9.71 44.88 -57.30
N LYS X 83 10.79 45.40 -56.71
CA LYS X 83 11.54 44.68 -55.69
C LYS X 83 11.19 45.14 -54.29
N THR X 84 10.23 46.04 -54.14
CA THR X 84 9.83 46.59 -52.85
C THR X 84 8.34 46.28 -52.65
N VAL X 85 8.04 45.38 -51.71
CA VAL X 85 6.66 45.04 -51.38
C VAL X 85 6.04 46.21 -50.63
N THR X 86 5.02 46.81 -51.22
CA THR X 86 4.41 48.01 -50.68
C THR X 86 3.17 47.67 -49.85
N ALA X 87 2.56 48.70 -49.25
CA ALA X 87 1.42 48.49 -48.38
C ALA X 87 0.16 48.17 -49.17
N MET X 88 0.04 48.74 -50.37
CA MET X 88 -1.15 48.51 -51.19
C MET X 88 -1.25 47.06 -51.65
N ASP X 89 -0.10 46.39 -51.84
CA ASP X 89 -0.12 44.95 -52.10
C ASP X 89 -0.67 44.18 -50.90
N VAL X 90 -0.35 44.63 -49.68
CA VAL X 90 -0.83 43.98 -48.46
C VAL X 90 -2.34 44.17 -48.31
N VAL X 91 -2.83 45.38 -48.58
CA VAL X 91 -4.26 45.67 -48.46
C VAL X 91 -5.04 44.92 -49.54
N TYR X 92 -4.49 44.79 -50.75
CA TYR X 92 -5.19 44.04 -51.78
C TYR X 92 -5.14 42.54 -51.53
N ALA X 93 -4.06 42.05 -50.90
CA ALA X 93 -3.99 40.65 -50.50
C ALA X 93 -4.98 40.33 -49.39
N LEU X 94 -5.21 41.30 -48.49
CA LEU X 94 -6.19 41.09 -47.42
C LEU X 94 -7.61 41.21 -47.96
N LYS X 95 -7.83 42.07 -48.96
CA LYS X 95 -9.13 42.18 -49.58
C LYS X 95 -9.44 40.94 -50.42
N ARG X 96 -8.40 40.28 -50.93
CA ARG X 96 -8.55 39.02 -51.64
C ARG X 96 -9.04 37.91 -50.70
N GLN X 97 -8.50 37.87 -49.49
CA GLN X 97 -8.85 36.85 -48.50
C GLN X 97 -10.10 37.18 -47.70
N GLY X 98 -10.84 38.22 -48.08
CA GLY X 98 -12.04 38.61 -47.35
C GLY X 98 -11.76 39.23 -46.00
N ARG X 99 -10.57 39.81 -45.83
CA ARG X 99 -10.14 40.38 -44.55
C ARG X 99 -9.64 41.80 -44.75
N THR X 100 -10.42 42.61 -45.45
CA THR X 100 -10.02 43.97 -45.81
C THR X 100 -9.87 44.87 -44.59
N LEU X 101 -8.83 45.71 -44.62
CA LEU X 101 -8.41 46.50 -43.47
C LEU X 101 -8.52 47.98 -43.81
N TYR X 102 -9.05 48.76 -42.87
CA TYR X 102 -9.24 50.19 -43.05
C TYR X 102 -8.07 50.94 -42.42
N GLY X 103 -7.57 51.93 -43.14
CA GLY X 103 -6.57 52.81 -42.59
C GLY X 103 -5.23 52.83 -43.30
N PHE X 104 -5.17 52.22 -44.48
CA PHE X 104 -3.93 52.16 -45.24
C PHE X 104 -4.15 52.46 -46.71
N GLY X 105 -5.02 53.42 -47.02
CA GLY X 105 -5.29 53.80 -48.40
C GLY X 105 -6.12 52.79 -49.16
N GLY X 106 -7.25 52.40 -48.58
CA GLY X 106 -8.15 51.47 -49.22
C GLY X 106 -9.06 52.15 -50.24
N ALA Y 18 -5.20 27.53 -90.95
CA ALA Y 18 -6.48 27.36 -90.29
C ALA Y 18 -7.24 28.68 -90.19
N LYS Y 19 -8.56 28.60 -90.14
CA LYS Y 19 -9.39 29.79 -90.07
C LYS Y 19 -9.68 30.20 -88.62
N THR Y 20 -10.18 29.28 -87.81
CA THR Y 20 -10.55 29.59 -86.43
C THR Y 20 -9.31 29.81 -85.57
N ARG Y 21 -9.43 30.71 -84.59
CA ARG Y 21 -8.31 31.01 -83.71
C ARG Y 21 -8.07 29.90 -82.69
N SER Y 22 -9.05 29.00 -82.49
CA SER Y 22 -8.84 27.86 -81.61
C SER Y 22 -7.90 26.85 -82.25
N SER Y 23 -7.98 26.71 -83.58
CA SER Y 23 -7.06 25.81 -84.28
C SER Y 23 -5.69 26.44 -84.43
N ARG Y 24 -5.61 27.77 -84.35
CA ARG Y 24 -4.31 28.45 -84.39
C ARG Y 24 -3.51 28.20 -83.12
N ALA Y 25 -4.19 27.97 -82.00
CA ALA Y 25 -3.55 27.80 -80.70
C ALA Y 25 -3.52 26.35 -80.24
N GLY Y 26 -4.12 25.43 -81.00
CA GLY Y 26 -4.21 24.03 -80.62
C GLY Y 26 -5.10 23.82 -79.41
N LEU Y 27 -6.19 24.57 -79.36
CA LEU Y 27 -7.15 24.49 -78.27
C LEU Y 27 -8.50 24.08 -78.83
N GLN Y 28 -9.34 23.48 -77.98
CA GLN Y 28 -10.71 23.25 -78.39
C GLN Y 28 -11.57 24.49 -78.22
N PHE Y 29 -11.42 25.19 -77.07
CA PHE Y 29 -12.27 26.26 -76.53
C PHE Y 29 -12.22 27.47 -77.44
N PRO Y 30 -13.35 28.18 -77.63
CA PRO Y 30 -13.40 29.24 -78.64
C PRO Y 30 -12.66 30.49 -78.20
N VAL Y 31 -11.66 30.91 -78.97
CA VAL Y 31 -10.95 32.15 -78.67
C VAL Y 31 -11.80 33.37 -79.02
N GLY Y 32 -12.60 33.28 -80.08
CA GLY Y 32 -13.41 34.41 -80.47
C GLY Y 32 -14.55 34.70 -79.50
N ARG Y 33 -15.18 33.65 -78.98
CA ARG Y 33 -16.27 33.82 -78.01
C ARG Y 33 -15.73 34.36 -76.69
N VAL Y 34 -14.57 33.87 -76.27
CA VAL Y 34 -13.92 34.31 -75.03
C VAL Y 34 -13.47 35.77 -75.18
N HIS Y 35 -12.98 36.12 -76.37
CA HIS Y 35 -12.58 37.51 -76.65
C HIS Y 35 -13.78 38.45 -76.67
N ARG Y 36 -14.91 37.97 -77.21
CA ARG Y 36 -16.13 38.78 -77.23
C ARG Y 36 -16.68 38.97 -75.82
N LEU Y 37 -16.60 37.92 -74.99
CA LEU Y 37 -17.04 38.04 -73.60
C LEU Y 37 -16.11 38.93 -72.80
N LEU Y 38 -14.82 38.94 -73.16
CA LEU Y 38 -13.88 39.87 -72.54
C LEU Y 38 -14.14 41.31 -72.96
N ARG Y 39 -14.60 41.51 -74.19
CA ARG Y 39 -14.95 42.85 -74.65
C ARG Y 39 -16.33 43.29 -74.15
N LYS Y 40 -17.33 42.43 -74.28
CA LYS Y 40 -18.68 42.76 -73.87
C LYS Y 40 -18.95 42.31 -72.45
N GLY Y 41 -18.09 42.71 -71.51
CA GLY Y 41 -18.29 42.38 -70.11
C GLY Y 41 -17.92 43.54 -69.21
N ASN Y 42 -17.53 44.67 -69.82
CA ASN Y 42 -17.04 45.87 -69.15
C ASN Y 42 -15.87 45.56 -68.23
N TYR Y 43 -14.87 44.89 -68.82
CA TYR Y 43 -13.68 44.49 -68.07
C TYR Y 43 -12.55 45.51 -68.16
N SER Y 44 -12.27 46.02 -69.35
CA SER Y 44 -11.27 47.06 -69.55
C SER Y 44 -11.61 47.81 -70.82
N GLU Y 45 -10.87 48.89 -71.06
CA GLU Y 45 -11.04 49.68 -72.27
C GLU Y 45 -10.53 48.90 -73.47
N ARG Y 46 -9.43 48.17 -73.29
CA ARG Y 46 -8.85 47.35 -74.34
C ARG Y 46 -8.67 45.92 -73.84
N VAL Y 47 -8.68 44.98 -74.78
CA VAL Y 47 -8.47 43.55 -74.49
C VAL Y 47 -7.32 43.07 -75.36
N GLY Y 48 -6.34 42.43 -74.74
CA GLY Y 48 -5.17 41.93 -75.46
C GLY Y 48 -5.46 40.75 -76.36
N ALA Y 49 -4.42 40.25 -77.03
CA ALA Y 49 -4.57 39.14 -77.97
C ALA Y 49 -4.19 37.79 -77.37
N GLY Y 50 -3.28 37.75 -76.39
CA GLY Y 50 -2.91 36.51 -75.77
C GLY Y 50 -3.77 36.18 -74.58
N ALA Y 51 -4.50 37.17 -74.07
CA ALA Y 51 -5.40 36.96 -72.94
C ALA Y 51 -6.59 36.04 -73.25
N PRO Y 52 -7.31 36.15 -74.38
CA PRO Y 52 -8.37 35.15 -74.63
C PRO Y 52 -7.84 33.76 -74.92
N VAL Y 53 -6.65 33.66 -75.52
CA VAL Y 53 -6.01 32.36 -75.74
C VAL Y 53 -5.66 31.72 -74.40
N TYR Y 54 -5.15 32.53 -73.48
CA TYR Y 54 -4.79 32.08 -72.14
C TYR Y 54 -6.02 31.63 -71.36
N LEU Y 55 -7.11 32.40 -71.47
CA LEU Y 55 -8.35 32.06 -70.77
C LEU Y 55 -8.98 30.79 -71.34
N ALA Y 56 -8.94 30.63 -72.66
CA ALA Y 56 -9.46 29.41 -73.27
C ALA Y 56 -8.63 28.19 -72.91
N ALA Y 57 -7.30 28.36 -72.81
CA ALA Y 57 -6.44 27.25 -72.42
C ALA Y 57 -6.65 26.85 -70.97
N VAL Y 58 -6.82 27.84 -70.08
CA VAL Y 58 -7.05 27.56 -68.67
C VAL Y 58 -8.41 26.88 -68.48
N LEU Y 59 -9.43 27.35 -69.22
CA LEU Y 59 -10.74 26.72 -69.17
C LEU Y 59 -10.72 25.29 -69.73
N GLU Y 60 -9.95 25.07 -70.80
CA GLU Y 60 -9.85 23.74 -71.40
C GLU Y 60 -9.13 22.77 -70.47
N TYR Y 61 -8.06 23.23 -69.82
CA TYR Y 61 -7.34 22.41 -68.86
C TYR Y 61 -8.20 22.08 -67.64
N LEU Y 62 -8.99 23.06 -67.18
CA LEU Y 62 -9.83 22.83 -66.01
C LEU Y 62 -10.97 21.87 -66.34
N THR Y 63 -11.54 21.98 -67.54
CA THR Y 63 -12.58 21.03 -67.96
C THR Y 63 -12.02 19.63 -68.12
N ALA Y 64 -10.80 19.50 -68.66
CA ALA Y 64 -10.16 18.20 -68.77
C ALA Y 64 -9.87 17.60 -67.39
N GLU Y 65 -9.42 18.44 -66.45
CA GLU Y 65 -9.11 18.03 -65.10
C GLU Y 65 -10.34 17.56 -64.34
N ILE Y 66 -11.47 18.24 -64.50
CA ILE Y 66 -12.68 17.81 -63.80
C ILE Y 66 -13.34 16.63 -64.52
N LEU Y 67 -13.20 16.56 -65.85
CA LEU Y 67 -13.90 15.53 -66.60
C LEU Y 67 -13.18 14.19 -66.54
N GLU Y 68 -11.86 14.22 -66.31
CA GLU Y 68 -11.12 12.98 -66.10
C GLU Y 68 -11.58 12.27 -64.82
N LEU Y 69 -11.67 13.02 -63.72
CA LEU Y 69 -12.15 12.45 -62.47
C LEU Y 69 -13.65 12.16 -62.52
N ALA Y 70 -14.41 12.91 -63.32
CA ALA Y 70 -15.82 12.62 -63.48
C ALA Y 70 -16.04 11.32 -64.25
N GLY Y 71 -15.23 11.08 -65.29
CA GLY Y 71 -15.30 9.81 -65.99
C GLY Y 71 -14.81 8.65 -65.16
N ASN Y 72 -13.82 8.91 -64.29
CA ASN Y 72 -13.37 7.88 -63.36
C ASN Y 72 -14.44 7.53 -62.34
N ALA Y 73 -15.17 8.54 -61.85
CA ALA Y 73 -16.26 8.28 -60.91
C ALA Y 73 -17.45 7.62 -61.60
N ALA Y 74 -17.65 7.90 -62.88
CA ALA Y 74 -18.69 7.22 -63.64
C ALA Y 74 -18.32 5.77 -63.91
N ARG Y 75 -17.03 5.50 -64.12
CA ARG Y 75 -16.57 4.13 -64.28
C ARG Y 75 -16.62 3.37 -62.96
N ASP Y 76 -16.42 4.08 -61.85
CA ASP Y 76 -16.49 3.43 -60.54
C ASP Y 76 -17.93 3.07 -60.18
N ASN Y 77 -18.90 3.84 -60.66
CA ASN Y 77 -20.30 3.57 -60.37
C ASN Y 77 -20.94 2.76 -61.50
N LYS Y 78 -20.10 2.29 -62.44
CA LYS Y 78 -20.50 1.46 -63.58
C LYS Y 78 -21.56 2.15 -64.44
N LYS Y 79 -21.35 3.45 -64.70
CA LYS Y 79 -22.28 4.24 -65.47
C LYS Y 79 -21.58 4.82 -66.69
N THR Y 80 -22.28 4.79 -67.83
CA THR Y 80 -21.73 5.34 -69.05
C THR Y 80 -21.87 6.85 -69.10
N ARG Y 81 -22.88 7.40 -68.44
CA ARG Y 81 -23.18 8.83 -68.49
C ARG Y 81 -22.79 9.46 -67.17
N ILE Y 82 -22.17 10.64 -67.24
CA ILE Y 82 -21.72 11.35 -66.03
C ILE Y 82 -22.93 12.02 -65.39
N ILE Y 83 -23.20 11.67 -64.13
CA ILE Y 83 -24.31 12.22 -63.37
C ILE Y 83 -23.73 13.27 -62.42
N PRO Y 84 -24.54 14.17 -61.83
CA PRO Y 84 -24.00 15.13 -60.85
C PRO Y 84 -23.37 14.50 -59.60
N ARG Y 85 -23.72 13.26 -59.26
CA ARG Y 85 -23.04 12.56 -58.16
C ARG Y 85 -21.59 12.29 -58.52
N HIS Y 86 -21.34 11.92 -59.79
CA HIS Y 86 -19.97 11.71 -60.26
C HIS Y 86 -19.18 13.02 -60.27
N LEU Y 87 -19.83 14.13 -60.63
CA LEU Y 87 -19.17 15.42 -60.61
C LEU Y 87 -18.89 15.87 -59.19
N GLN Y 88 -19.78 15.56 -58.25
CA GLN Y 88 -19.56 15.89 -56.84
C GLN Y 88 -18.41 15.09 -56.27
N LEU Y 89 -18.32 13.80 -56.64
CA LEU Y 89 -17.21 12.96 -56.22
C LEU Y 89 -15.88 13.45 -56.83
N ALA Y 90 -15.93 13.88 -58.09
CA ALA Y 90 -14.77 14.40 -58.80
C ALA Y 90 -14.27 15.70 -58.17
N ILE Y 91 -15.20 16.56 -57.72
CA ILE Y 91 -14.81 17.83 -57.13
C ILE Y 91 -14.28 17.63 -55.71
N ARG Y 92 -15.05 16.91 -54.88
CA ARG Y 92 -14.72 16.78 -53.47
C ARG Y 92 -13.60 15.79 -53.19
N ASN Y 93 -13.35 14.83 -54.08
CA ASN Y 93 -12.28 13.86 -53.82
C ASN Y 93 -10.90 14.44 -54.12
N ASP Y 94 -10.82 15.43 -55.00
CA ASP Y 94 -9.56 16.13 -55.27
C ASP Y 94 -9.50 17.34 -54.35
N GLU Y 95 -8.41 17.44 -53.58
CA GLU Y 95 -8.24 18.51 -52.59
C GLU Y 95 -8.08 19.87 -53.25
N GLU Y 96 -7.38 19.91 -54.39
CA GLU Y 96 -7.22 21.17 -55.10
C GLU Y 96 -8.51 21.59 -55.79
N LEU Y 97 -9.32 20.62 -56.22
CA LEU Y 97 -10.63 20.94 -56.77
C LEU Y 97 -11.62 21.28 -55.67
N ASN Y 98 -11.37 20.79 -54.45
CA ASN Y 98 -12.21 21.11 -53.31
C ASN Y 98 -12.00 22.54 -52.82
N LYS Y 99 -10.76 23.03 -52.85
CA LYS Y 99 -10.46 24.38 -52.39
C LYS Y 99 -10.95 25.44 -53.37
N LEU Y 100 -10.93 25.13 -54.67
CA LEU Y 100 -11.41 26.04 -55.70
C LEU Y 100 -12.92 26.20 -55.62
N LEU Y 101 -13.62 25.13 -55.26
CA LEU Y 101 -15.07 25.13 -55.15
C LEU Y 101 -15.52 24.91 -53.70
N GLY Y 102 -14.85 25.57 -52.76
CA GLY Y 102 -15.16 25.40 -51.35
C GLY Y 102 -16.48 26.01 -50.92
N ARG Y 103 -16.93 27.06 -51.60
CA ARG Y 103 -18.22 27.65 -51.30
C ARG Y 103 -19.19 27.40 -52.44
N VAL Y 104 -19.10 26.22 -53.05
CA VAL Y 104 -19.92 25.86 -54.20
C VAL Y 104 -20.73 24.62 -53.86
N THR Y 105 -22.06 24.75 -53.98
CA THR Y 105 -22.95 23.61 -53.87
C THR Y 105 -23.36 23.16 -55.27
N ILE Y 106 -23.53 21.85 -55.43
CA ILE Y 106 -23.84 21.23 -56.71
C ILE Y 106 -25.23 20.61 -56.60
N ALA Y 107 -26.12 20.98 -57.53
CA ALA Y 107 -27.47 20.43 -57.56
C ALA Y 107 -27.43 18.94 -57.92
N GLN Y 108 -28.12 18.12 -57.13
CA GLN Y 108 -28.18 16.66 -57.18
C GLN Y 108 -26.80 16.00 -57.06
N GLY Y 109 -25.84 16.67 -56.43
CA GLY Y 109 -24.52 16.11 -56.26
C GLY Y 109 -24.40 15.22 -55.04
N GLY Y 110 -25.03 15.64 -53.94
CA GLY Y 110 -24.98 14.86 -52.72
C GLY Y 110 -23.77 15.18 -51.88
N VAL Y 111 -23.56 14.36 -50.86
CA VAL Y 111 -22.42 14.49 -49.96
C VAL Y 111 -21.63 13.18 -49.97
N LEU Y 112 -20.41 13.26 -49.47
CA LEU Y 112 -19.57 12.07 -49.38
C LEU Y 112 -20.03 11.20 -48.22
N PRO Y 113 -19.91 9.88 -48.31
CA PRO Y 113 -20.21 9.04 -47.15
C PRO Y 113 -19.11 9.12 -46.09
N ASN Y 114 -19.39 9.81 -44.98
CA ASN Y 114 -18.44 9.88 -43.88
C ASN Y 114 -19.20 9.79 -42.56
N ILE Y 115 -18.82 8.81 -41.74
CA ILE Y 115 -19.38 8.63 -40.40
C ILE Y 115 -18.23 8.82 -39.41
N GLN Y 116 -18.48 9.61 -38.37
CA GLN Y 116 -17.43 9.91 -37.40
C GLN Y 116 -17.16 8.71 -36.50
N ALA Y 117 -16.07 8.81 -35.73
CA ALA Y 117 -15.54 7.65 -35.03
C ALA Y 117 -16.39 7.29 -33.81
N VAL Y 118 -16.94 8.29 -33.13
CA VAL Y 118 -17.70 8.04 -31.92
C VAL Y 118 -19.10 7.51 -32.22
N LEU Y 119 -19.59 7.72 -33.44
CA LEU Y 119 -20.91 7.23 -33.82
C LEU Y 119 -20.94 5.73 -34.11
N LEU Y 120 -19.78 5.12 -34.31
CA LEU Y 120 -19.71 3.68 -34.59
C LEU Y 120 -19.85 2.89 -33.28
N PRO Y 121 -20.53 1.75 -33.29
CA PRO Y 121 -20.62 0.93 -32.09
C PRO Y 121 -19.31 0.20 -31.81
N LYS Y 122 -19.07 -0.08 -30.53
CA LYS Y 122 -17.86 -0.76 -30.12
C LYS Y 122 -18.11 -2.26 -29.92
N SER Z 36 -35.09 31.21 -78.90
CA SER Z 36 -34.04 31.78 -79.74
C SER Z 36 -32.67 31.15 -79.42
N ARG Z 37 -31.61 31.83 -79.83
CA ARG Z 37 -30.26 31.29 -79.68
C ARG Z 37 -29.77 31.50 -78.25
N LYS Z 38 -29.47 30.40 -77.56
CA LYS Z 38 -28.89 30.42 -76.22
C LYS Z 38 -27.52 29.76 -76.30
N GLU Z 39 -26.46 30.56 -76.16
CA GLU Z 39 -25.11 30.06 -76.30
C GLU Z 39 -24.70 29.26 -75.07
N SER Z 40 -23.79 28.31 -75.29
CA SER Z 40 -23.30 27.44 -74.23
C SER Z 40 -21.95 26.87 -74.65
N TYR Z 41 -21.27 26.24 -73.70
CA TYR Z 41 -20.02 25.53 -73.93
C TYR Z 41 -20.24 24.04 -74.12
N SER Z 42 -21.36 23.63 -74.71
CA SER Z 42 -21.73 22.22 -74.76
C SER Z 42 -20.83 21.39 -75.66
N ILE Z 43 -20.58 21.85 -76.88
CA ILE Z 43 -19.86 21.03 -77.87
C ILE Z 43 -18.38 20.95 -77.53
N TYR Z 44 -17.89 21.97 -76.82
CA TYR Z 44 -16.49 21.99 -76.41
C TYR Z 44 -16.24 21.05 -75.25
N VAL Z 45 -17.17 20.99 -74.29
CA VAL Z 45 -17.07 20.02 -73.20
C VAL Z 45 -17.28 18.60 -73.75
N TYR Z 46 -18.09 18.47 -74.80
CA TYR Z 46 -18.22 17.19 -75.50
C TYR Z 46 -16.90 16.78 -76.14
N LYS Z 47 -16.22 17.71 -76.81
CA LYS Z 47 -14.95 17.44 -77.47
C LYS Z 47 -13.85 17.10 -76.47
N VAL Z 48 -13.81 17.84 -75.36
CA VAL Z 48 -12.81 17.61 -74.32
C VAL Z 48 -13.05 16.27 -73.64
N LEU Z 49 -14.32 15.94 -73.37
CA LEU Z 49 -14.67 14.67 -72.75
C LEU Z 49 -14.37 13.49 -73.67
N LYS Z 50 -14.64 13.65 -74.97
CA LYS Z 50 -14.31 12.58 -75.91
C LYS Z 50 -12.81 12.46 -76.11
N GLN Z 51 -12.07 13.55 -75.89
CA GLN Z 51 -10.61 13.47 -75.89
C GLN Z 51 -10.09 12.74 -74.67
N VAL Z 52 -10.74 12.92 -73.52
CA VAL Z 52 -10.31 12.25 -72.29
C VAL Z 52 -10.97 10.88 -72.11
N HIS Z 53 -12.29 10.77 -72.18
CA HIS Z 53 -13.00 9.50 -72.04
C HIS Z 53 -13.94 9.33 -73.21
N PRO Z 54 -13.50 8.61 -74.27
CA PRO Z 54 -14.30 8.52 -75.50
C PRO Z 54 -15.54 7.65 -75.36
N ASP Z 55 -15.56 6.77 -74.36
CA ASP Z 55 -16.70 5.89 -74.10
C ASP Z 55 -17.52 6.34 -72.91
N THR Z 56 -17.64 7.65 -72.70
CA THR Z 56 -18.35 8.20 -71.55
C THR Z 56 -19.17 9.40 -71.99
N GLY Z 57 -20.46 9.39 -71.65
CA GLY Z 57 -21.33 10.52 -71.92
C GLY Z 57 -21.53 11.39 -70.70
N ILE Z 58 -22.35 12.42 -70.82
CA ILE Z 58 -22.61 13.36 -69.73
C ILE Z 58 -24.09 13.72 -69.74
N SER Z 59 -24.72 13.68 -68.57
CA SER Z 59 -26.13 14.03 -68.45
C SER Z 59 -26.32 15.53 -68.59
N SER Z 60 -27.58 15.94 -68.80
CA SER Z 60 -27.89 17.34 -69.05
C SER Z 60 -27.74 18.19 -67.79
N LYS Z 61 -28.02 17.61 -66.63
CA LYS Z 61 -27.79 18.31 -65.36
C LYS Z 61 -26.30 18.49 -65.11
N ALA Z 62 -25.51 17.45 -65.39
CA ALA Z 62 -24.06 17.55 -65.27
C ALA Z 62 -23.49 18.49 -66.32
N MET Z 63 -24.14 18.56 -67.49
CA MET Z 63 -23.72 19.50 -68.53
C MET Z 63 -23.99 20.93 -68.11
N GLY Z 64 -25.13 21.17 -67.44
CA GLY Z 64 -25.45 22.50 -66.92
C GLY Z 64 -24.49 22.90 -65.81
N ILE Z 65 -24.11 21.93 -64.98
CA ILE Z 65 -23.14 22.17 -63.90
C ILE Z 65 -21.77 22.51 -64.48
N MET Z 66 -21.38 21.79 -65.53
CA MET Z 66 -20.12 22.05 -66.24
C MET Z 66 -20.09 23.43 -66.90
N ASN Z 67 -21.21 23.79 -67.55
CA ASN Z 67 -21.32 25.08 -68.20
C ASN Z 67 -21.34 26.23 -67.19
N SER Z 68 -21.94 26.00 -66.02
CA SER Z 68 -21.91 27.01 -64.97
C SER Z 68 -20.52 27.13 -64.36
N PHE Z 69 -19.80 26.00 -64.28
CA PHE Z 69 -18.44 26.01 -63.74
C PHE Z 69 -17.48 26.76 -64.64
N VAL Z 70 -17.62 26.55 -65.96
CA VAL Z 70 -16.83 27.28 -66.96
C VAL Z 70 -17.08 28.77 -66.85
N ASN Z 71 -18.35 29.15 -66.72
CA ASN Z 71 -18.71 30.57 -66.68
C ASN Z 71 -18.24 31.23 -65.38
N ASP Z 72 -18.36 30.54 -64.24
CA ASP Z 72 -17.92 31.12 -62.98
C ASP Z 72 -16.40 31.25 -62.92
N ILE Z 73 -15.67 30.25 -63.45
CA ILE Z 73 -14.22 30.34 -63.51
C ILE Z 73 -13.79 31.49 -64.43
N PHE Z 74 -14.50 31.67 -65.54
CA PHE Z 74 -14.23 32.76 -66.47
C PHE Z 74 -14.47 34.12 -65.83
N GLU Z 75 -15.61 34.27 -65.13
CA GLU Z 75 -15.92 35.52 -64.45
C GLU Z 75 -14.93 35.82 -63.34
N ARG Z 76 -14.49 34.79 -62.60
CA ARG Z 76 -13.55 34.99 -61.50
C ARG Z 76 -12.18 35.44 -62.01
N ILE Z 77 -11.66 34.75 -63.04
CA ILE Z 77 -10.34 35.08 -63.57
C ILE Z 77 -10.37 36.43 -64.28
N ALA Z 78 -11.46 36.72 -64.99
CA ALA Z 78 -11.59 37.99 -65.69
C ALA Z 78 -11.75 39.15 -64.71
N GLY Z 79 -12.47 38.93 -63.61
CA GLY Z 79 -12.61 39.98 -62.61
C GLY Z 79 -11.32 40.24 -61.85
N GLU Z 80 -10.56 39.17 -61.56
CA GLU Z 80 -9.26 39.35 -60.93
C GLU Z 80 -8.28 40.07 -61.85
N ALA Z 81 -8.31 39.75 -63.15
CA ALA Z 81 -7.42 40.43 -64.09
C ALA Z 81 -7.84 41.88 -64.31
N SER Z 82 -9.14 42.16 -64.25
CA SER Z 82 -9.62 43.53 -64.34
C SER Z 82 -9.20 44.33 -63.11
N ARG Z 83 -9.25 43.70 -61.94
CA ARG Z 83 -8.78 44.34 -60.71
C ARG Z 83 -7.28 44.61 -60.76
N LEU Z 84 -6.52 43.65 -61.32
CA LEU Z 84 -5.07 43.84 -61.48
C LEU Z 84 -4.75 44.95 -62.47
N ALA Z 85 -5.55 45.05 -63.54
CA ALA Z 85 -5.35 46.12 -64.52
C ALA Z 85 -5.72 47.48 -63.95
N HIS Z 86 -6.73 47.51 -63.07
CA HIS Z 86 -7.08 48.76 -62.40
C HIS Z 86 -6.04 49.14 -61.36
N TYR Z 87 -5.38 48.14 -60.76
CA TYR Z 87 -4.34 48.41 -59.78
C TYR Z 87 -3.04 48.88 -60.43
N ASN Z 88 -2.68 48.32 -61.59
CA ASN Z 88 -1.42 48.64 -62.25
C ASN Z 88 -1.59 49.72 -63.32
N LYS Z 89 -2.57 50.62 -63.13
CA LYS Z 89 -3.01 51.72 -64.01
C LYS Z 89 -3.07 51.38 -65.50
N ARG Z 90 -3.43 50.13 -65.80
CA ARG Z 90 -3.34 49.60 -67.15
C ARG Z 90 -4.74 49.49 -67.74
N SER Z 91 -4.94 50.14 -68.89
CA SER Z 91 -6.24 50.15 -69.55
C SER Z 91 -6.45 48.97 -70.48
N THR Z 92 -5.57 47.98 -70.45
CA THR Z 92 -5.74 46.78 -71.26
C THR Z 92 -5.51 45.55 -70.39
N ILE Z 93 -6.02 44.41 -70.83
CA ILE Z 93 -5.82 43.14 -70.14
C ILE Z 93 -5.05 42.23 -71.08
N THR Z 94 -3.77 42.02 -70.78
CA THR Z 94 -2.91 41.17 -71.58
C THR Z 94 -2.84 39.77 -70.98
N SER Z 95 -1.93 38.97 -71.53
CA SER Z 95 -1.75 37.60 -71.05
C SER Z 95 -1.12 37.55 -69.67
N ARG Z 96 -0.33 38.55 -69.31
CA ARG Z 96 0.36 38.55 -68.02
C ARG Z 96 -0.62 38.74 -66.87
N GLU Z 97 -1.65 39.57 -67.09
CA GLU Z 97 -2.66 39.82 -66.07
C GLU Z 97 -3.49 38.58 -65.80
N ILE Z 98 -3.88 37.87 -66.86
CA ILE Z 98 -4.60 36.59 -66.72
C ILE Z 98 -3.69 35.55 -66.08
N GLN Z 99 -2.39 35.61 -66.37
CA GLN Z 99 -1.42 34.66 -65.81
C GLN Z 99 -1.30 34.84 -64.30
N THR Z 100 -1.13 36.08 -63.84
CA THR Z 100 -1.02 36.30 -62.39
C THR Z 100 -2.38 36.18 -61.70
N ALA Z 101 -3.48 36.35 -62.44
CA ALA Z 101 -4.80 36.08 -61.88
C ALA Z 101 -5.00 34.59 -61.64
N VAL Z 102 -4.53 33.76 -62.57
CA VAL Z 102 -4.57 32.31 -62.39
C VAL Z 102 -3.64 31.89 -61.25
N ARG Z 103 -2.46 32.52 -61.17
CA ARG Z 103 -1.52 32.25 -60.09
C ARG Z 103 -2.04 32.68 -58.71
N LEU Z 104 -2.90 33.70 -58.67
CA LEU Z 104 -3.53 34.12 -57.42
C LEU Z 104 -4.71 33.24 -57.05
N LEU Z 105 -5.53 32.87 -58.03
CA LEU Z 105 -6.78 32.18 -57.73
C LEU Z 105 -6.56 30.70 -57.44
N LEU Z 106 -6.06 29.95 -58.44
CA LEU Z 106 -5.96 28.50 -58.42
C LEU Z 106 -4.87 28.04 -57.45
N PRO Z 107 -5.04 26.88 -56.81
CA PRO Z 107 -3.98 26.35 -55.96
C PRO Z 107 -2.78 25.87 -56.77
N GLY Z 108 -1.67 25.68 -56.05
CA GLY Z 108 -0.32 25.51 -56.57
C GLY Z 108 -0.07 24.64 -57.78
N GLU Z 109 -0.41 23.34 -57.69
CA GLU Z 109 -0.23 22.46 -58.84
C GLU Z 109 -1.20 22.80 -59.96
N LEU Z 110 -2.45 23.13 -59.61
CA LEU Z 110 -3.45 23.53 -60.60
C LEU Z 110 -3.08 24.83 -61.27
N ALA Z 111 -2.60 25.81 -60.48
CA ALA Z 111 -2.18 27.10 -61.04
C ALA Z 111 -0.95 26.93 -61.91
N LYS Z 112 -0.01 26.07 -61.51
CA LYS Z 112 1.21 25.85 -62.27
C LYS Z 112 0.93 25.18 -63.61
N HIS Z 113 0.07 24.15 -63.58
CA HIS Z 113 -0.29 23.46 -64.82
C HIS Z 113 -1.12 24.34 -65.74
N ALA Z 114 -1.99 25.19 -65.16
CA ALA Z 114 -2.76 26.12 -65.95
C ALA Z 114 -1.88 27.21 -66.55
N VAL Z 115 -0.84 27.62 -65.81
CA VAL Z 115 0.12 28.60 -66.31
C VAL Z 115 0.90 28.02 -67.49
N SER Z 116 1.35 26.77 -67.36
CA SER Z 116 2.12 26.14 -68.44
C SER Z 116 1.26 25.92 -69.68
N GLU Z 117 0.02 25.47 -69.51
CA GLU Z 117 -0.90 25.27 -70.62
C GLU Z 117 -1.27 26.58 -71.30
N GLY Z 118 -1.53 27.63 -70.50
CA GLY Z 118 -1.88 28.92 -71.06
C GLY Z 118 -0.73 29.56 -71.81
N THR Z 119 0.48 29.47 -71.27
CA THR Z 119 1.65 30.01 -71.96
C THR Z 119 1.99 29.20 -73.22
N LYS Z 120 1.78 27.89 -73.19
CA LYS Z 120 1.98 27.06 -74.39
C LYS Z 120 1.00 27.45 -75.48
N ALA Z 121 -0.28 27.67 -75.11
CA ALA Z 121 -1.26 28.11 -76.10
C ALA Z 121 -1.01 29.54 -76.59
N VAL Z 122 -0.48 30.42 -75.74
CA VAL Z 122 -0.13 31.78 -76.16
C VAL Z 122 0.99 31.76 -77.18
N THR Z 123 2.05 30.98 -76.92
CA THR Z 123 3.14 30.84 -77.89
C THR Z 123 2.70 30.13 -79.16
N LYS Z 124 1.73 29.21 -79.05
CA LYS Z 124 1.20 28.55 -80.24
C LYS Z 124 0.35 29.49 -81.09
N TYR Z 125 -0.40 30.38 -80.43
CA TYR Z 125 -1.19 31.37 -81.17
C TYR Z 125 -0.30 32.46 -81.76
N THR Z 126 0.80 32.78 -81.08
CA THR Z 126 1.71 33.81 -81.58
C THR Z 126 2.53 33.29 -82.75
N SER Z 127 2.94 32.02 -82.70
CA SER Z 127 3.71 31.44 -83.80
C SER Z 127 2.83 31.19 -85.02
N ALA Z 128 1.61 30.71 -84.81
CA ALA Z 128 0.70 30.44 -85.91
C ALA Z 128 -0.24 31.62 -86.14
#